data_7BGN
#
_entry.id   7BGN
#
_cell.length_a   200.892
_cell.length_b   67.970
_cell.length_c   134.237
_cell.angle_alpha   90.000
_cell.angle_beta   128.927
_cell.angle_gamma   90.000
#
_symmetry.space_group_name_H-M   'C 1 2 1'
#
loop_
_entity.id
_entity.type
_entity.pdbx_description
1 polymer 'Phosphoribosyl-AMP cyclohydrolase'
2 non-polymer 'ZINC ION'
3 non-polymer 'ADENOSINE MONOPHOSPHATE'
4 non-polymer 'MAGNESIUM ION'
5 non-polymer GLYCEROL
6 water water
#
_entity_poly.entity_id   1
_entity_poly.type   'polypeptide(L)'
_entity_poly.pdbx_seq_one_letter_code
;SNAVDSLLDSVKWDNKGLAVAIAQNVDTGAILMQGFANREAVATTISSRKATFYSRSRSSLWTKGETSNNFINVHDVFLD
CDRDSIIYLGKPDGPTCHTGAETCYYTPVFDLLKEEEVEGNKLALTSLYALESTISQRKAEVVEENGKPSWTKRLLLNDK
LLCSKIREEANELCETLENNEDKSRTASEMADVLYHAMVLLALKDVKVEEVLQVLRQRFSKSGIEEKRSRPTQKSVEN
;
_entity_poly.pdbx_strand_id   A,B,C,D,E,F
#
loop_
_chem_comp.id
_chem_comp.type
_chem_comp.name
_chem_comp.formula
AMP non-polymer 'ADENOSINE MONOPHOSPHATE' 'C10 H14 N5 O7 P'
GOL non-polymer GLYCEROL 'C3 H8 O3'
MG non-polymer 'MAGNESIUM ION' 'Mg 2'
ZN non-polymer 'ZINC ION' 'Zn 2'
#
# COMPACT_ATOMS: atom_id res chain seq x y z
N ALA A 3 -12.10 8.17 23.16
CA ALA A 3 -12.96 7.00 23.28
C ALA A 3 -12.18 5.84 23.89
N VAL A 4 -10.89 5.78 23.57
CA VAL A 4 -10.01 4.80 24.19
C VAL A 4 -9.81 5.16 25.66
N ASP A 5 -9.69 6.46 25.95
CA ASP A 5 -9.52 6.89 27.32
C ASP A 5 -10.70 6.48 28.18
N SER A 6 -11.92 6.68 27.66
CA SER A 6 -13.12 6.29 28.39
C SER A 6 -13.19 4.78 28.59
N LEU A 7 -12.57 4.00 27.71
CA LEU A 7 -12.61 2.55 27.84
C LEU A 7 -11.56 2.01 28.79
N LEU A 8 -10.35 2.57 28.77
CA LEU A 8 -9.31 2.10 29.67
C LEU A 8 -9.62 2.46 31.11
N ASP A 9 -10.38 3.52 31.32
CA ASP A 9 -10.74 3.93 32.68
C ASP A 9 -11.64 2.89 33.36
N SER A 10 -12.41 2.14 32.58
CA SER A 10 -13.33 1.13 33.11
C SER A 10 -12.63 -0.16 33.51
N VAL A 11 -11.36 -0.34 33.16
CA VAL A 11 -10.66 -1.56 33.53
C VAL A 11 -10.34 -1.55 35.02
N LYS A 12 -10.54 -2.67 35.70
CA LYS A 12 -10.23 -2.83 37.11
C LYS A 12 -8.77 -3.24 37.25
N TRP A 13 -7.90 -2.26 37.45
CA TRP A 13 -6.49 -2.55 37.67
C TRP A 13 -6.21 -2.80 39.14
N ASP A 14 -5.17 -3.58 39.40
CA ASP A 14 -4.76 -3.86 40.78
C ASP A 14 -4.01 -2.66 41.34
N ASN A 15 -3.37 -2.82 42.50
CA ASN A 15 -2.69 -1.69 43.12
C ASN A 15 -1.49 -1.22 42.29
N LYS A 16 -0.88 -2.09 41.49
CA LYS A 16 0.22 -1.70 40.61
C LYS A 16 -0.27 -1.19 39.26
N GLY A 17 -1.58 -1.08 39.07
CA GLY A 17 -2.08 -0.58 37.81
C GLY A 17 -2.08 -1.63 36.72
N LEU A 18 -2.21 -2.90 37.10
CA LEU A 18 -2.07 -4.01 36.16
C LEU A 18 -3.36 -4.81 36.08
N ALA A 19 -3.49 -5.53 34.96
CA ALA A 19 -4.53 -6.51 34.73
C ALA A 19 -3.89 -7.68 33.98
N VAL A 20 -4.47 -8.87 34.15
CA VAL A 20 -3.97 -10.06 33.45
C VAL A 20 -4.31 -9.96 31.97
N ALA A 21 -3.31 -10.17 31.12
CA ALA A 21 -3.53 -10.13 29.68
C ALA A 21 -3.06 -11.46 29.07
N ILE A 22 -3.98 -12.16 28.42
CA ILE A 22 -3.77 -13.49 27.86
C ILE A 22 -3.81 -13.39 26.34
N ALA A 23 -2.78 -13.89 25.69
CA ALA A 23 -2.74 -13.92 24.23
C ALA A 23 -3.22 -15.30 23.76
N GLN A 24 -4.20 -15.29 22.86
CA GLN A 24 -4.83 -16.52 22.36
C GLN A 24 -4.79 -16.55 20.85
N ASN A 25 -4.53 -17.73 20.30
CA ASN A 25 -4.50 -17.88 18.85
C ASN A 25 -5.90 -17.70 18.29
N VAL A 26 -6.07 -16.71 17.41
CA VAL A 26 -7.39 -16.38 16.87
C VAL A 26 -7.95 -17.53 16.04
N ASP A 27 -7.10 -18.36 15.46
CA ASP A 27 -7.58 -19.41 14.58
C ASP A 27 -7.79 -20.74 15.31
N THR A 28 -6.94 -21.07 16.29
CA THR A 28 -7.00 -22.37 16.95
C THR A 28 -7.54 -22.33 18.37
N GLY A 29 -7.43 -21.20 19.06
CA GLY A 29 -7.84 -21.12 20.44
C GLY A 29 -6.75 -21.40 21.43
N ALA A 30 -5.56 -21.80 20.96
CA ALA A 30 -4.46 -22.10 21.86
C ALA A 30 -4.04 -20.87 22.63
N ILE A 31 -3.87 -21.02 23.93
CA ILE A 31 -3.32 -19.92 24.70
C ILE A 31 -1.82 -19.86 24.41
N LEU A 32 -1.41 -18.76 23.79
CA LEU A 32 -0.01 -18.59 23.39
C LEU A 32 0.86 -18.27 24.60
N MET A 33 0.40 -17.35 25.45
CA MET A 33 1.14 -16.83 26.59
C MET A 33 0.18 -16.01 27.43
N GLN A 34 0.58 -15.72 28.66
CA GLN A 34 -0.18 -14.88 29.58
C GLN A 34 0.76 -13.93 30.30
N GLY A 35 0.50 -12.63 30.18
CA GLY A 35 1.30 -11.65 30.87
C GLY A 35 0.43 -10.65 31.60
N PHE A 36 0.96 -9.44 31.74
CA PHE A 36 0.26 -8.36 32.41
C PHE A 36 0.35 -7.10 31.56
N ALA A 37 -0.70 -6.30 31.64
CA ALA A 37 -0.81 -5.04 30.91
C ALA A 37 -1.27 -3.94 31.84
N ASN A 38 -0.68 -2.76 31.69
CA ASN A 38 -1.20 -1.56 32.32
C ASN A 38 -2.02 -0.80 31.29
N ARG A 39 -2.46 0.41 31.65
CA ARG A 39 -3.30 1.20 30.74
C ARG A 39 -2.59 1.46 29.42
N GLU A 40 -1.29 1.76 29.48
CA GLU A 40 -0.53 2.08 28.26
C GLU A 40 -0.27 0.83 27.41
N ALA A 41 -0.06 -0.33 28.04
CA ALA A 41 0.19 -1.55 27.27
C ALA A 41 -1.03 -1.96 26.45
N VAL A 42 -2.23 -1.83 27.01
CA VAL A 42 -3.43 -2.16 26.25
C VAL A 42 -3.64 -1.16 25.12
N ALA A 43 -3.44 0.14 25.41
CA ALA A 43 -3.59 1.16 24.38
C ALA A 43 -2.63 0.93 23.22
N THR A 44 -1.39 0.55 23.51
CA THR A 44 -0.45 0.28 22.44
C THR A 44 -0.88 -0.93 21.62
N THR A 45 -1.39 -1.96 22.30
CA THR A 45 -1.94 -3.11 21.58
C THR A 45 -3.06 -2.67 20.65
N ILE A 46 -3.94 -1.80 21.13
CA ILE A 46 -5.05 -1.33 20.30
C ILE A 46 -4.53 -0.57 19.09
N SER A 47 -3.65 0.41 19.31
CA SER A 47 -3.23 1.27 18.20
C SER A 47 -2.30 0.53 17.24
N SER A 48 -1.34 -0.23 17.76
CA SER A 48 -0.33 -0.86 16.93
C SER A 48 -0.75 -2.22 16.39
N ARG A 49 -1.84 -2.78 16.94
CA ARG A 49 -2.36 -4.09 16.58
C ARG A 49 -1.35 -5.21 16.78
N LYS A 50 -0.38 -4.97 17.67
CA LYS A 50 0.60 -5.97 18.06
C LYS A 50 0.56 -6.06 19.57
N ALA A 51 0.41 -7.28 20.08
CA ALA A 51 0.27 -7.53 21.50
C ALA A 51 1.42 -6.91 22.30
N THR A 52 1.06 -6.04 23.24
CA THR A 52 1.99 -5.31 24.08
C THR A 52 1.65 -5.57 25.55
N PHE A 53 2.69 -5.77 26.37
CA PHE A 53 2.52 -6.07 27.79
C PHE A 53 3.37 -5.12 28.61
N TYR A 54 3.28 -5.22 29.94
CA TYR A 54 4.19 -4.52 30.84
C TYR A 54 5.08 -5.56 31.49
N SER A 55 6.37 -5.47 31.18
CA SER A 55 7.38 -6.34 31.78
C SER A 55 7.67 -5.83 33.17
N ARG A 56 7.22 -6.56 34.19
CA ARG A 56 7.49 -6.15 35.55
C ARG A 56 8.98 -6.23 35.85
N SER A 57 9.66 -7.23 35.28
CA SER A 57 11.10 -7.40 35.50
C SER A 57 11.89 -6.26 34.88
N ARG A 58 11.68 -5.98 33.60
CA ARG A 58 12.42 -4.91 32.93
C ARG A 58 11.85 -3.52 33.18
N SER A 59 10.68 -3.41 33.82
CA SER A 59 10.05 -2.14 34.18
C SER A 59 9.90 -1.24 32.96
N SER A 60 9.25 -1.80 31.95
CA SER A 60 9.07 -1.13 30.67
C SER A 60 7.98 -1.86 29.91
N LEU A 61 7.41 -1.17 28.91
CA LEU A 61 6.48 -1.81 28.00
C LEU A 61 7.22 -2.79 27.11
N TRP A 62 6.50 -3.82 26.69
CA TRP A 62 7.10 -4.85 25.86
C TRP A 62 6.05 -5.34 24.88
N THR A 63 6.34 -5.16 23.61
CA THR A 63 5.55 -5.70 22.52
C THR A 63 6.19 -7.01 22.10
N LYS A 64 5.44 -8.11 22.17
CA LYS A 64 5.95 -9.42 21.76
C LYS A 64 6.41 -9.41 20.31
N GLY A 65 7.69 -9.72 20.10
CA GLY A 65 8.29 -9.71 18.80
C GLY A 65 9.16 -8.51 18.49
N GLU A 66 9.30 -7.57 19.42
CA GLU A 66 10.05 -6.34 19.15
C GLU A 66 11.49 -6.61 18.76
N THR A 67 12.07 -7.71 19.24
CA THR A 67 13.42 -8.12 18.84
C THR A 67 13.45 -9.37 17.97
N SER A 68 12.56 -10.35 18.22
CA SER A 68 12.58 -11.63 17.52
C SER A 68 11.70 -11.67 16.28
N ASN A 69 10.90 -10.64 16.04
CA ASN A 69 9.95 -10.52 14.94
C ASN A 69 8.79 -11.51 15.03
N ASN A 70 8.63 -12.21 16.15
CA ASN A 70 7.50 -13.11 16.33
C ASN A 70 6.35 -12.34 16.97
N PHE A 71 5.85 -11.38 16.21
CA PHE A 71 4.75 -10.56 16.67
C PHE A 71 3.47 -11.38 16.79
N ILE A 72 2.59 -10.89 17.66
CA ILE A 72 1.22 -11.39 17.76
C ILE A 72 0.32 -10.28 17.23
N ASN A 73 -0.10 -10.39 15.99
CA ASN A 73 -0.97 -9.40 15.38
C ASN A 73 -2.37 -9.54 15.95
N VAL A 74 -2.83 -8.56 16.70
CA VAL A 74 -4.05 -8.68 17.49
C VAL A 74 -5.27 -8.37 16.62
N HIS A 75 -6.24 -9.28 16.64
CA HIS A 75 -7.48 -9.11 15.87
C HIS A 75 -8.62 -8.51 16.69
N ASP A 76 -8.70 -8.84 17.97
CA ASP A 76 -9.68 -8.22 18.86
C ASP A 76 -9.13 -8.31 20.28
N VAL A 77 -9.69 -7.48 21.15
CA VAL A 77 -9.34 -7.46 22.56
C VAL A 77 -10.63 -7.63 23.34
N PHE A 78 -10.63 -8.52 24.32
CA PHE A 78 -11.82 -8.77 25.12
C PHE A 78 -11.54 -8.52 26.58
N LEU A 79 -12.54 -7.96 27.27
CA LEU A 79 -12.54 -7.81 28.71
C LEU A 79 -13.53 -8.81 29.30
N ASP A 80 -13.18 -9.42 30.43
CA ASP A 80 -14.16 -10.27 31.09
C ASP A 80 -15.18 -9.40 31.83
N CYS A 81 -16.08 -10.07 32.56
CA CYS A 81 -17.23 -9.40 33.16
C CYS A 81 -16.83 -8.34 34.19
N ASP A 82 -15.93 -8.70 35.11
CA ASP A 82 -15.42 -7.77 36.12
C ASP A 82 -14.34 -6.84 35.57
N ARG A 83 -13.94 -7.03 34.30
CA ARG A 83 -13.00 -6.16 33.59
C ARG A 83 -11.63 -6.07 34.29
N ASP A 84 -11.13 -7.22 34.75
CA ASP A 84 -9.79 -7.33 35.29
C ASP A 84 -8.93 -8.35 34.54
N SER A 85 -9.44 -8.92 33.45
CA SER A 85 -8.74 -9.93 32.66
C SER A 85 -8.95 -9.62 31.19
N ILE A 86 -7.89 -9.77 30.40
CA ILE A 86 -7.92 -9.35 29.00
C ILE A 86 -7.47 -10.51 28.12
N ILE A 87 -8.11 -10.65 26.97
CA ILE A 87 -7.68 -11.59 25.94
C ILE A 87 -7.22 -10.78 24.74
N TYR A 88 -5.94 -10.94 24.39
CA TYR A 88 -5.44 -10.53 23.09
C TYR A 88 -5.65 -11.70 22.14
N LEU A 89 -6.58 -11.55 21.22
CA LEU A 89 -6.92 -12.59 20.26
C LEU A 89 -6.17 -12.28 18.97
N GLY A 90 -5.08 -13.02 18.70
CA GLY A 90 -4.19 -12.65 17.63
C GLY A 90 -3.61 -13.86 16.88
N LYS A 91 -2.91 -13.54 15.80
CA LYS A 91 -2.28 -14.52 14.93
C LYS A 91 -0.76 -14.32 14.97
N PRO A 92 0.02 -15.27 15.46
CA PRO A 92 1.45 -15.01 15.68
C PRO A 92 2.28 -15.23 14.42
N ASP A 93 3.28 -14.36 14.26
CA ASP A 93 4.22 -14.48 13.15
C ASP A 93 5.07 -15.74 13.27
N GLY A 94 5.52 -16.05 14.47
CA GLY A 94 6.29 -17.26 14.70
C GLY A 94 5.99 -17.88 16.05
N PRO A 95 6.92 -18.68 16.56
CA PRO A 95 6.74 -19.26 17.90
C PRO A 95 6.72 -18.18 18.98
N THR A 96 5.84 -18.35 19.97
CA THR A 96 5.61 -17.30 20.95
C THR A 96 6.63 -17.33 22.10
N CYS A 97 6.96 -18.51 22.62
CA CYS A 97 7.85 -18.59 23.77
C CYS A 97 9.28 -18.26 23.39
N HIS A 98 10.00 -17.66 24.35
CA HIS A 98 11.35 -17.22 24.05
C HIS A 98 12.29 -18.39 23.86
N THR A 99 11.94 -19.57 24.36
CA THR A 99 12.75 -20.73 24.13
C THR A 99 12.61 -21.24 22.70
N GLY A 100 11.59 -20.79 21.98
CA GLY A 100 11.29 -21.28 20.66
C GLY A 100 10.08 -22.16 20.57
N ALA A 101 9.48 -22.53 21.70
CA ALA A 101 8.28 -23.35 21.68
C ALA A 101 7.11 -22.55 21.11
N GLU A 102 6.17 -23.28 20.48
CA GLU A 102 5.03 -22.64 19.84
C GLU A 102 4.23 -21.79 20.81
N THR A 103 3.85 -22.35 21.95
CA THR A 103 3.29 -21.59 23.06
C THR A 103 4.16 -21.77 24.28
N CYS A 104 3.81 -21.05 25.36
CA CYS A 104 4.54 -21.15 26.61
C CYS A 104 4.09 -22.32 27.48
N TYR A 105 3.01 -23.01 27.13
CA TYR A 105 2.43 -24.03 28.00
C TYR A 105 2.80 -25.41 27.50
N TYR A 106 3.83 -26.00 28.11
CA TYR A 106 4.27 -27.33 27.72
C TYR A 106 4.82 -28.12 28.90
N THR A 107 4.37 -27.81 30.11
CA THR A 107 4.75 -28.55 31.32
C THR A 107 3.49 -29.20 31.87
N PRO A 108 3.18 -30.43 31.44
CA PRO A 108 1.98 -31.11 31.94
C PRO A 108 2.17 -31.60 33.37
N VAL A 109 1.12 -31.45 34.17
CA VAL A 109 1.19 -31.91 35.54
C VAL A 109 0.74 -33.36 35.69
N PHE A 110 -0.19 -33.82 34.85
CA PHE A 110 -0.68 -35.19 34.95
C PHE A 110 0.29 -36.22 34.36
N ASP A 111 1.07 -35.87 33.34
CA ASP A 111 2.07 -36.79 32.78
C ASP A 111 3.30 -36.91 33.66
N LEU A 112 3.12 -36.88 34.97
CA LEU A 112 4.19 -36.99 35.93
C LEU A 112 3.88 -38.14 36.90
N ASN A 121 8.20 -33.35 27.51
CA ASN A 121 7.69 -32.01 27.22
C ASN A 121 6.67 -32.02 26.08
N LYS A 122 5.37 -32.03 26.39
CA LYS A 122 4.38 -31.92 25.34
C LYS A 122 3.53 -30.68 25.54
N LEU A 123 3.13 -30.08 24.43
CA LEU A 123 2.29 -28.90 24.42
C LEU A 123 0.91 -29.20 24.96
N ALA A 124 0.26 -28.16 25.47
CA ALA A 124 -1.14 -28.24 25.84
C ALA A 124 -1.99 -28.14 24.59
N LEU A 125 -2.79 -29.18 24.31
CA LEU A 125 -3.64 -29.21 23.13
C LEU A 125 -5.09 -29.49 23.50
N THR A 126 -6.02 -28.81 22.85
CA THR A 126 -7.42 -29.17 22.98
C THR A 126 -7.71 -30.34 22.02
N SER A 127 -8.95 -30.85 22.09
CA SER A 127 -9.28 -32.15 21.50
C SER A 127 -8.91 -32.23 20.02
N LEU A 128 -9.26 -31.21 19.24
CA LEU A 128 -9.01 -31.28 17.81
C LEU A 128 -7.53 -31.26 17.49
N TYR A 129 -6.74 -30.47 18.21
CA TYR A 129 -5.33 -30.34 17.90
C TYR A 129 -4.48 -31.43 18.53
N ALA A 130 -4.98 -32.10 19.56
CA ALA A 130 -4.32 -33.29 20.08
C ALA A 130 -4.43 -34.46 19.12
N LEU A 131 -5.60 -34.65 18.49
CA LEU A 131 -5.76 -35.68 17.47
C LEU A 131 -4.88 -35.41 16.25
N GLU A 132 -4.77 -34.14 15.84
CA GLU A 132 -3.86 -33.83 14.74
C GLU A 132 -2.44 -34.21 15.11
N SER A 133 -2.08 -33.99 16.39
CA SER A 133 -0.74 -34.33 16.87
C SER A 133 -0.52 -35.83 16.86
N THR A 134 -1.54 -36.60 17.24
CA THR A 134 -1.43 -38.06 17.20
C THR A 134 -1.22 -38.54 15.76
N ILE A 135 -2.05 -38.05 14.84
CA ILE A 135 -1.91 -38.40 13.44
C ILE A 135 -0.52 -38.06 12.93
N SER A 136 0.04 -36.94 13.40
CA SER A 136 1.39 -36.57 13.00
C SER A 136 2.42 -37.57 13.51
N GLN A 137 2.21 -38.10 14.71
CA GLN A 137 3.15 -39.08 15.26
C GLN A 137 3.13 -40.39 14.46
N ARG A 138 1.95 -40.81 13.99
CA ARG A 138 1.87 -42.00 13.17
C ARG A 138 2.57 -41.79 11.83
N LYS A 139 2.48 -40.58 11.26
CA LYS A 139 3.15 -40.29 10.00
C LYS A 139 4.66 -40.39 10.15
N ALA A 140 5.19 -39.99 11.31
CA ALA A 140 6.63 -40.04 11.53
C ALA A 140 7.11 -41.48 11.71
N GLU A 141 6.36 -42.29 12.44
CA GLU A 141 6.68 -43.70 12.65
C GLU A 141 6.36 -44.54 11.40
N VAL A 142 5.63 -43.98 10.44
CA VAL A 142 5.43 -44.63 9.15
C VAL A 142 6.76 -44.70 8.39
N VAL A 143 7.39 -43.56 8.14
CA VAL A 143 8.58 -43.48 7.30
C VAL A 143 9.82 -43.72 8.14
N PRO A 149 0.84 -52.17 14.68
CA PRO A 149 -0.33 -52.12 13.80
C PRO A 149 -1.21 -50.92 14.10
N SER A 150 -1.29 -49.95 13.18
CA SER A 150 -2.08 -48.76 13.43
C SER A 150 -2.99 -48.45 12.26
N TRP A 151 -4.21 -47.98 12.57
CA TRP A 151 -5.15 -47.63 11.52
C TRP A 151 -4.74 -46.36 10.81
N THR A 152 -4.13 -45.42 11.55
CA THR A 152 -3.63 -44.21 10.91
C THR A 152 -2.48 -44.53 9.97
N LYS A 153 -1.56 -45.39 10.42
CA LYS A 153 -0.46 -45.78 9.55
C LYS A 153 -0.96 -46.53 8.34
N ARG A 154 -2.04 -47.31 8.48
CA ARG A 154 -2.58 -47.99 7.33
C ARG A 154 -3.14 -47.00 6.31
N LEU A 155 -3.77 -45.92 6.79
CA LEU A 155 -4.31 -44.92 5.88
C LEU A 155 -3.20 -44.08 5.23
N LEU A 156 -2.20 -43.71 6.01
CA LEU A 156 -1.10 -42.93 5.49
C LEU A 156 -0.33 -43.68 4.42
N LEU A 157 -0.38 -45.01 4.43
CA LEU A 157 0.37 -45.85 3.51
C LEU A 157 -0.47 -46.36 2.35
N ASN A 158 -1.72 -45.92 2.24
CA ASN A 158 -2.60 -46.38 1.18
C ASN A 158 -3.48 -45.20 0.78
N ASP A 159 -3.10 -44.51 -0.29
CA ASP A 159 -3.86 -43.36 -0.78
C ASP A 159 -5.27 -43.78 -1.22
N LYS A 160 -5.36 -44.88 -1.96
CA LYS A 160 -6.64 -45.29 -2.54
C LYS A 160 -7.66 -45.61 -1.45
N LEU A 161 -7.20 -46.29 -0.39
CA LEU A 161 -8.07 -46.64 0.73
C LEU A 161 -8.52 -45.39 1.49
N LEU A 162 -7.60 -44.47 1.75
CA LEU A 162 -7.92 -43.24 2.48
C LEU A 162 -8.97 -42.42 1.75
N CYS A 163 -8.77 -42.20 0.44
CA CYS A 163 -9.69 -41.36 -0.33
C CYS A 163 -11.07 -41.98 -0.42
N SER A 164 -11.13 -43.29 -0.61
CA SER A 164 -12.41 -43.97 -0.63
C SER A 164 -13.08 -43.85 0.74
N LYS A 165 -12.30 -43.88 1.81
CA LYS A 165 -12.86 -43.77 3.16
C LYS A 165 -13.45 -42.39 3.39
N ILE A 166 -12.77 -41.36 2.90
CA ILE A 166 -13.28 -40.00 3.03
C ILE A 166 -14.57 -39.83 2.22
N ARG A 167 -14.57 -40.32 0.98
CA ARG A 167 -15.77 -40.19 0.15
C ARG A 167 -16.94 -40.94 0.77
N GLU A 168 -16.67 -42.15 1.27
CA GLU A 168 -17.73 -42.97 1.87
C GLU A 168 -18.24 -42.38 3.18
N GLU A 169 -17.35 -41.87 4.04
CA GLU A 169 -17.80 -41.28 5.29
C GLU A 169 -18.58 -40.00 5.04
N ALA A 170 -18.17 -39.20 4.04
CA ALA A 170 -18.97 -38.04 3.69
C ALA A 170 -20.36 -38.48 3.24
N ASN A 171 -20.44 -39.60 2.53
CA ASN A 171 -21.73 -40.14 2.14
C ASN A 171 -22.56 -40.47 3.37
N GLU A 172 -21.96 -41.11 4.38
CA GLU A 172 -22.69 -41.49 5.59
C GLU A 172 -23.16 -40.28 6.38
N LEU A 173 -22.36 -39.22 6.44
CA LEU A 173 -22.78 -38.00 7.13
C LEU A 173 -24.05 -37.44 6.52
N CYS A 174 -24.10 -37.38 5.20
CA CYS A 174 -25.29 -36.88 4.51
C CYS A 174 -26.49 -37.77 4.79
N GLU A 175 -26.28 -39.09 4.86
CA GLU A 175 -27.40 -39.99 5.08
C GLU A 175 -28.06 -39.76 6.44
N THR A 176 -27.33 -39.21 7.42
CA THR A 176 -27.98 -38.85 8.68
C THR A 176 -28.98 -37.73 8.49
N LEU A 177 -28.70 -36.82 7.54
CA LEU A 177 -29.68 -35.79 7.19
C LEU A 177 -30.77 -36.36 6.29
N GLU A 178 -30.36 -37.07 5.23
CA GLU A 178 -31.31 -37.55 4.23
C GLU A 178 -32.31 -38.52 4.84
N ASN A 179 -31.84 -39.44 5.68
CA ASN A 179 -32.68 -40.46 6.28
C ASN A 179 -33.15 -40.11 7.69
N ASN A 180 -32.99 -38.85 8.11
CA ASN A 180 -33.51 -38.37 9.39
C ASN A 180 -33.00 -39.18 10.58
N GLU A 181 -31.69 -39.39 10.63
CA GLU A 181 -31.10 -40.10 11.77
C GLU A 181 -30.94 -39.15 12.95
N ASP A 182 -30.76 -39.75 14.14
CA ASP A 182 -30.64 -39.01 15.38
C ASP A 182 -29.46 -38.06 15.34
N LYS A 183 -29.55 -36.95 16.09
CA LYS A 183 -28.48 -35.95 16.06
C LYS A 183 -27.14 -36.56 16.48
N SER A 184 -27.17 -37.48 17.44
CA SER A 184 -25.94 -38.15 17.85
C SER A 184 -25.35 -38.93 16.71
N ARG A 185 -26.18 -39.42 15.80
CA ARG A 185 -25.67 -40.12 14.62
C ARG A 185 -24.91 -39.17 13.70
N THR A 186 -25.44 -37.95 13.50
CA THR A 186 -24.77 -36.94 12.69
C THR A 186 -23.42 -36.54 13.29
N ALA A 187 -23.39 -36.32 14.61
CA ALA A 187 -22.13 -35.97 15.27
C ALA A 187 -21.12 -37.10 15.15
N SER A 188 -21.58 -38.34 15.28
CA SER A 188 -20.70 -39.50 15.18
C SER A 188 -20.12 -39.62 13.78
N GLU A 189 -20.93 -39.35 12.76
CA GLU A 189 -20.42 -39.41 11.39
C GLU A 189 -19.56 -38.19 11.03
N MET A 190 -19.88 -37.02 11.59
CA MET A 190 -19.01 -35.86 11.37
C MET A 190 -17.63 -36.11 11.94
N ALA A 191 -17.57 -36.78 13.09
CA ALA A 191 -16.28 -37.20 13.64
C ALA A 191 -15.58 -38.18 12.69
N ASP A 192 -16.33 -39.09 12.07
CA ASP A 192 -15.77 -40.01 11.09
C ASP A 192 -15.19 -39.26 9.89
N VAL A 193 -15.89 -38.23 9.41
CA VAL A 193 -15.35 -37.45 8.30
C VAL A 193 -14.11 -36.69 8.75
N LEU A 194 -14.17 -36.07 9.93
CA LEU A 194 -13.09 -35.23 10.43
C LEU A 194 -11.78 -36.01 10.59
N TYR A 195 -11.85 -37.21 11.17
CA TYR A 195 -10.63 -37.98 11.42
C TYR A 195 -9.93 -38.34 10.11
N HIS A 196 -10.67 -38.93 9.16
CA HIS A 196 -10.07 -39.38 7.92
C HIS A 196 -9.57 -38.22 7.07
N ALA A 197 -10.27 -37.08 7.11
CA ALA A 197 -9.80 -35.90 6.39
C ALA A 197 -8.47 -35.42 6.96
N MET A 198 -8.30 -35.49 8.27
CA MET A 198 -7.06 -35.04 8.91
C MET A 198 -5.90 -35.98 8.60
N VAL A 199 -6.19 -37.25 8.30
CA VAL A 199 -5.13 -38.14 7.83
C VAL A 199 -4.69 -37.73 6.43
N LEU A 200 -5.63 -37.33 5.58
CA LEU A 200 -5.27 -36.77 4.29
C LEU A 200 -4.56 -35.42 4.46
N LEU A 201 -4.99 -34.61 5.43
CA LEU A 201 -4.29 -33.36 5.71
C LEU A 201 -2.84 -33.63 6.05
N ALA A 202 -2.58 -34.66 6.85
CA ALA A 202 -1.21 -34.98 7.24
C ALA A 202 -0.38 -35.41 6.05
N LEU A 203 -0.96 -36.18 5.14
CA LEU A 203 -0.22 -36.61 3.95
C LEU A 203 0.15 -35.43 3.07
N LYS A 204 -0.72 -34.41 3.02
CA LYS A 204 -0.48 -33.26 2.16
C LYS A 204 0.23 -32.14 2.88
N ASP A 205 0.62 -32.36 4.13
CA ASP A 205 1.37 -31.40 4.96
C ASP A 205 0.56 -30.12 5.18
N VAL A 206 -0.68 -30.29 5.66
CA VAL A 206 -1.59 -29.18 5.95
C VAL A 206 -2.02 -29.25 7.41
N LYS A 207 -1.76 -28.17 8.15
CA LYS A 207 -2.21 -28.06 9.52
C LYS A 207 -3.65 -27.58 9.57
N VAL A 208 -4.36 -27.97 10.62
CA VAL A 208 -5.76 -27.56 10.77
C VAL A 208 -5.83 -26.04 10.85
N GLU A 209 -4.84 -25.41 11.49
CA GLU A 209 -4.80 -23.96 11.60
C GLU A 209 -4.80 -23.29 10.22
N GLU A 210 -4.10 -23.87 9.25
CA GLU A 210 -4.10 -23.30 7.91
C GLU A 210 -5.49 -23.35 7.31
N VAL A 211 -6.22 -24.44 7.55
CA VAL A 211 -7.59 -24.59 7.07
C VAL A 211 -8.50 -23.57 7.74
N LEU A 212 -8.39 -23.40 9.04
CA LEU A 212 -9.20 -22.41 9.73
C LEU A 212 -8.84 -20.98 9.31
N GLN A 213 -7.58 -20.73 8.94
CA GLN A 213 -7.25 -19.42 8.41
C GLN A 213 -8.01 -19.14 7.13
N VAL A 214 -8.14 -20.15 6.26
CA VAL A 214 -8.89 -19.99 5.01
C VAL A 214 -10.33 -19.63 5.29
N LEU A 215 -10.94 -20.30 6.27
CA LEU A 215 -12.32 -19.99 6.64
C LEU A 215 -12.45 -18.54 7.08
N ARG A 216 -11.52 -18.08 7.94
CA ARG A 216 -11.58 -16.70 8.45
C ARG A 216 -11.40 -15.70 7.32
N GLN A 217 -10.53 -16.01 6.36
CA GLN A 217 -10.33 -15.10 5.26
C GLN A 217 -11.56 -14.99 4.36
N ARG A 218 -12.51 -15.91 4.47
CA ARG A 218 -13.72 -15.85 3.66
C ARG A 218 -14.88 -15.14 4.35
N PHE A 219 -14.63 -14.50 5.50
CA PHE A 219 -15.67 -13.75 6.18
C PHE A 219 -16.01 -12.49 5.37
N ASN B 2 5.07 -37.53 47.67
CA ASN B 2 4.21 -37.58 46.48
C ASN B 2 4.87 -36.82 45.32
N ALA B 3 4.41 -37.13 44.11
CA ALA B 3 4.90 -36.45 42.92
C ALA B 3 4.25 -35.10 42.71
N VAL B 4 2.98 -34.93 43.10
CA VAL B 4 2.33 -33.63 42.94
C VAL B 4 2.96 -32.58 43.86
N ASP B 5 3.35 -32.98 45.07
CA ASP B 5 3.95 -32.02 45.98
C ASP B 5 5.24 -31.45 45.40
N SER B 6 6.08 -32.30 44.82
CA SER B 6 7.31 -31.83 44.16
C SER B 6 7.01 -30.91 42.99
N LEU B 7 5.82 -31.05 42.38
CA LEU B 7 5.44 -30.23 41.24
C LEU B 7 4.93 -28.87 41.71
N LEU B 8 4.19 -28.84 42.82
CA LEU B 8 3.73 -27.57 43.36
C LEU B 8 4.90 -26.78 43.92
N ASP B 9 5.96 -27.47 44.36
CA ASP B 9 7.13 -26.78 44.89
C ASP B 9 7.87 -25.98 43.83
N SER B 10 7.85 -26.45 42.58
CA SER B 10 8.55 -25.75 41.51
C SER B 10 7.80 -24.53 41.03
N VAL B 11 6.56 -24.34 41.48
CA VAL B 11 5.73 -23.23 41.01
C VAL B 11 6.23 -21.94 41.64
N LYS B 12 6.39 -20.91 40.81
CA LYS B 12 6.85 -19.60 41.28
C LYS B 12 5.63 -18.80 41.67
N TRP B 13 5.28 -18.82 42.95
CA TRP B 13 4.17 -18.02 43.40
C TRP B 13 4.63 -16.60 43.70
N ASP B 14 3.68 -15.67 43.62
CA ASP B 14 4.00 -14.26 43.83
C ASP B 14 4.15 -13.97 45.32
N ASN B 15 4.24 -12.69 45.66
CA ASN B 15 4.52 -12.30 47.03
C ASN B 15 3.39 -12.70 47.99
N LYS B 16 2.14 -12.72 47.52
CA LYS B 16 1.05 -13.15 48.38
C LYS B 16 0.68 -14.62 48.17
N GLY B 17 1.52 -15.37 47.45
CA GLY B 17 1.34 -16.81 47.29
C GLY B 17 0.39 -17.30 46.22
N LEU B 18 0.19 -16.52 45.16
CA LEU B 18 -0.79 -16.84 44.13
C LEU B 18 -0.11 -17.00 42.78
N ALA B 19 -0.83 -17.66 41.88
CA ALA B 19 -0.44 -17.74 40.49
C ALA B 19 -1.69 -17.59 39.65
N VAL B 20 -1.51 -17.08 38.43
CA VAL B 20 -2.64 -16.91 37.51
C VAL B 20 -3.16 -18.27 37.08
N ALA B 21 -4.47 -18.47 37.16
CA ALA B 21 -5.13 -19.71 36.76
C ALA B 21 -6.19 -19.43 35.70
N ILE B 22 -6.06 -20.07 34.55
CA ILE B 22 -6.94 -19.90 33.40
C ILE B 22 -7.68 -21.21 33.14
N ALA B 23 -9.00 -21.14 33.06
CA ALA B 23 -9.81 -22.31 32.73
C ALA B 23 -10.12 -22.27 31.25
N GLN B 24 -9.77 -23.35 30.55
CA GLN B 24 -9.94 -23.45 29.10
C GLN B 24 -10.74 -24.71 28.78
N ASN B 25 -11.64 -24.60 27.82
CA ASN B 25 -12.46 -25.72 27.38
C ASN B 25 -11.61 -26.80 26.73
N VAL B 26 -11.66 -28.02 27.28
CA VAL B 26 -10.78 -29.07 26.82
C VAL B 26 -11.07 -29.44 25.38
N ASP B 27 -12.31 -29.26 24.92
CA ASP B 27 -12.68 -29.71 23.59
C ASP B 27 -12.53 -28.64 22.52
N THR B 28 -12.79 -27.37 22.88
CA THR B 28 -12.79 -26.30 21.90
C THR B 28 -11.66 -25.29 22.06
N GLY B 29 -11.14 -25.09 23.26
CA GLY B 29 -10.14 -24.08 23.51
C GLY B 29 -10.66 -22.74 23.98
N ALA B 30 -11.98 -22.56 24.08
CA ALA B 30 -12.52 -21.30 24.58
C ALA B 30 -12.09 -21.11 26.03
N ILE B 31 -11.56 -19.92 26.33
CA ILE B 31 -11.18 -19.60 27.70
C ILE B 31 -12.43 -19.35 28.52
N LEU B 32 -12.65 -20.18 29.54
CA LEU B 32 -13.86 -20.04 30.35
C LEU B 32 -13.77 -18.86 31.29
N MET B 33 -12.66 -18.74 32.01
CA MET B 33 -12.50 -17.74 33.06
C MET B 33 -11.05 -17.73 33.47
N GLN B 34 -10.65 -16.67 34.16
CA GLN B 34 -9.30 -16.54 34.67
C GLN B 34 -9.37 -16.04 36.10
N GLY B 35 -8.77 -16.78 37.01
CA GLY B 35 -8.69 -16.41 38.41
C GLY B 35 -7.27 -16.57 38.90
N PHE B 36 -7.14 -16.87 40.19
CA PHE B 36 -5.85 -17.09 40.81
C PHE B 36 -5.92 -18.34 41.68
N ALA B 37 -4.81 -19.04 41.77
CA ALA B 37 -4.72 -20.27 42.55
C ALA B 37 -3.48 -20.24 43.42
N ASN B 38 -3.61 -20.72 44.65
CA ASN B 38 -2.48 -21.01 45.51
C ASN B 38 -2.21 -22.52 45.45
N ARG B 39 -1.26 -23.00 46.26
CA ARG B 39 -0.91 -24.43 46.22
C ARG B 39 -2.13 -25.30 46.49
N GLU B 40 -2.93 -24.94 47.49
CA GLU B 40 -4.07 -25.77 47.88
C GLU B 40 -5.18 -25.70 46.83
N ALA B 41 -5.35 -24.56 46.17
CA ALA B 41 -6.31 -24.50 45.08
C ALA B 41 -5.87 -25.40 43.94
N VAL B 42 -4.57 -25.42 43.65
CA VAL B 42 -4.05 -26.32 42.62
C VAL B 42 -4.09 -27.77 43.09
N ALA B 43 -3.65 -28.03 44.33
CA ALA B 43 -3.67 -29.41 44.82
C ALA B 43 -5.08 -29.98 44.82
N THR B 44 -6.05 -29.20 45.31
CA THR B 44 -7.45 -29.64 45.35
C THR B 44 -8.03 -29.77 43.95
N THR B 45 -7.66 -28.86 43.04
CA THR B 45 -8.05 -28.99 41.65
C THR B 45 -7.62 -30.33 41.09
N ILE B 46 -6.38 -30.72 41.37
CA ILE B 46 -5.85 -32.02 40.93
C ILE B 46 -6.61 -33.17 41.59
N SER B 47 -6.76 -33.13 42.92
CA SER B 47 -7.34 -34.28 43.63
C SER B 47 -8.81 -34.45 43.33
N SER B 48 -9.57 -33.35 43.32
CA SER B 48 -11.02 -33.41 43.13
C SER B 48 -11.44 -33.34 41.67
N ARG B 49 -10.52 -32.99 40.75
CA ARG B 49 -10.82 -32.86 39.33
C ARG B 49 -11.92 -31.82 39.07
N LYS B 50 -12.04 -30.84 39.98
CA LYS B 50 -12.94 -29.71 39.84
C LYS B 50 -12.12 -28.44 39.96
N ALA B 51 -12.23 -27.56 38.97
CA ALA B 51 -11.43 -26.34 38.95
C ALA B 51 -11.66 -25.54 40.22
N THR B 52 -10.59 -25.34 40.98
CA THR B 52 -10.65 -24.63 42.25
C THR B 52 -9.65 -23.48 42.23
N PHE B 53 -10.10 -22.32 42.71
CA PHE B 53 -9.35 -21.07 42.69
C PHE B 53 -9.28 -20.52 44.09
N TYR B 54 -8.61 -19.38 44.26
CA TYR B 54 -8.60 -18.63 45.51
C TYR B 54 -9.32 -17.32 45.30
N SER B 55 -10.44 -17.14 46.01
CA SER B 55 -11.17 -15.88 45.94
C SER B 55 -10.43 -14.87 46.81
N ARG B 56 -9.78 -13.90 46.18
CA ARG B 56 -9.00 -12.90 46.91
C ARG B 56 -9.89 -12.01 47.77
N SER B 57 -11.08 -11.67 47.29
CA SER B 57 -11.97 -10.80 48.05
C SER B 57 -12.42 -11.46 49.34
N ARG B 58 -12.97 -12.68 49.25
CA ARG B 58 -13.41 -13.39 50.43
C ARG B 58 -12.28 -14.10 51.18
N SER B 59 -11.06 -14.11 50.61
CA SER B 59 -9.86 -14.63 51.28
C SER B 59 -10.06 -16.07 51.74
N SER B 60 -10.44 -16.93 50.78
CA SER B 60 -10.79 -18.31 51.06
C SER B 60 -10.77 -19.09 49.75
N LEU B 61 -10.75 -20.41 49.87
CA LEU B 61 -10.84 -21.28 48.69
C LEU B 61 -12.21 -21.18 48.03
N TRP B 62 -12.23 -21.35 46.73
CA TRP B 62 -13.48 -21.28 45.97
C TRP B 62 -13.40 -22.24 44.79
N THR B 63 -14.29 -23.22 44.76
CA THR B 63 -14.39 -24.12 43.62
C THR B 63 -15.47 -23.59 42.68
N LYS B 64 -15.09 -23.34 41.44
CA LYS B 64 -16.04 -22.85 40.45
C LYS B 64 -17.20 -23.82 40.33
N GLY B 65 -18.40 -23.33 40.62
CA GLY B 65 -19.59 -24.14 40.59
C GLY B 65 -20.08 -24.60 41.94
N GLU B 66 -19.39 -24.25 43.03
CA GLU B 66 -19.71 -24.81 44.35
C GLU B 66 -21.13 -24.48 44.79
N THR B 67 -21.70 -23.38 44.30
CA THR B 67 -23.09 -23.04 44.59
C THR B 67 -24.01 -23.29 43.41
N SER B 68 -23.55 -23.01 42.20
CA SER B 68 -24.40 -23.11 41.01
C SER B 68 -24.40 -24.49 40.40
N ASN B 69 -23.48 -25.38 40.80
CA ASN B 69 -23.26 -26.72 40.27
C ASN B 69 -22.72 -26.72 38.84
N ASN B 70 -22.29 -25.59 38.32
CA ASN B 70 -21.66 -25.52 37.00
C ASN B 70 -20.15 -25.68 37.16
N PHE B 71 -19.77 -26.87 37.60
CA PHE B 71 -18.37 -27.19 37.82
C PHE B 71 -17.61 -27.20 36.51
N ILE B 72 -16.30 -27.01 36.60
CA ILE B 72 -15.40 -27.20 35.47
C ILE B 72 -14.59 -28.46 35.78
N ASN B 73 -14.98 -29.56 35.15
CA ASN B 73 -14.35 -30.87 35.35
C ASN B 73 -13.00 -30.89 34.63
N VAL B 74 -11.92 -30.94 35.39
CA VAL B 74 -10.58 -30.70 34.86
C VAL B 74 -10.01 -32.00 34.27
N HIS B 75 -9.53 -31.90 33.03
CA HIS B 75 -8.91 -33.04 32.36
C HIS B 75 -7.39 -33.01 32.41
N ASP B 76 -6.79 -31.83 32.45
CA ASP B 76 -5.34 -31.67 32.55
C ASP B 76 -5.02 -30.34 33.22
N VAL B 77 -3.83 -30.24 33.78
CA VAL B 77 -3.33 -28.99 34.38
C VAL B 77 -1.95 -28.73 33.80
N PHE B 78 -1.72 -27.53 33.29
CA PHE B 78 -0.45 -27.17 32.66
C PHE B 78 0.19 -25.95 33.32
N LEU B 79 1.52 -25.97 33.40
CA LEU B 79 2.31 -24.81 33.79
C LEU B 79 3.01 -24.24 32.58
N ASP B 80 3.09 -22.92 32.50
CA ASP B 80 3.85 -22.31 31.43
C ASP B 80 5.35 -22.47 31.70
N CYS B 81 6.17 -21.89 30.82
CA CYS B 81 7.60 -22.16 30.84
C CYS B 81 8.25 -21.67 32.12
N ASP B 82 8.00 -20.41 32.49
CA ASP B 82 8.57 -19.82 33.71
C ASP B 82 7.84 -20.30 34.97
N ARG B 83 6.81 -21.13 34.82
CA ARG B 83 6.07 -21.75 35.93
C ARG B 83 5.41 -20.72 36.87
N ASP B 84 4.80 -19.69 36.30
CA ASP B 84 4.02 -18.74 37.09
C ASP B 84 2.58 -18.60 36.59
N SER B 85 2.17 -19.42 35.63
CA SER B 85 0.84 -19.34 35.04
C SER B 85 0.32 -20.74 34.84
N ILE B 86 -0.96 -20.95 35.12
CA ILE B 86 -1.56 -22.27 35.17
C ILE B 86 -2.77 -22.31 34.25
N ILE B 87 -2.92 -23.42 33.54
CA ILE B 87 -4.14 -23.68 32.77
C ILE B 87 -4.84 -24.90 33.34
N TYR B 88 -6.08 -24.72 33.79
CA TYR B 88 -6.99 -25.81 34.07
C TYR B 88 -7.71 -26.12 32.76
N LEU B 89 -7.43 -27.28 32.18
CA LEU B 89 -8.03 -27.72 30.93
C LEU B 89 -9.18 -28.66 31.25
N GLY B 90 -10.41 -28.19 31.07
CA GLY B 90 -11.55 -28.93 31.58
C GLY B 90 -12.80 -28.81 30.75
N LYS B 91 -13.83 -29.53 31.18
CA LYS B 91 -15.13 -29.53 30.52
C LYS B 91 -16.18 -28.99 31.49
N PRO B 92 -16.82 -27.86 31.18
CA PRO B 92 -17.75 -27.24 32.13
C PRO B 92 -19.16 -27.81 32.07
N ASP B 93 -19.79 -27.93 33.25
CA ASP B 93 -21.16 -28.43 33.35
C ASP B 93 -22.16 -27.48 32.70
N GLY B 94 -22.00 -26.18 32.94
CA GLY B 94 -22.89 -25.21 32.36
C GLY B 94 -22.16 -23.95 32.01
N PRO B 95 -22.91 -22.85 31.90
CA PRO B 95 -22.28 -21.55 31.60
C PRO B 95 -21.34 -21.17 32.73
N THR B 96 -20.19 -20.63 32.36
CA THR B 96 -19.18 -20.39 33.38
C THR B 96 -19.40 -19.05 34.07
N CYS B 97 -19.73 -18.00 33.32
CA CYS B 97 -19.87 -16.69 33.92
C CYS B 97 -21.14 -16.60 34.77
N HIS B 98 -21.07 -15.76 35.81
CA HIS B 98 -22.19 -15.62 36.73
C HIS B 98 -23.40 -14.93 36.11
N THR B 99 -23.22 -14.21 35.00
CA THR B 99 -24.33 -13.58 34.29
C THR B 99 -25.15 -14.56 33.46
N GLY B 100 -24.64 -15.76 33.22
CA GLY B 100 -25.27 -16.72 32.36
C GLY B 100 -24.57 -16.90 31.03
N ALA B 101 -23.57 -16.09 30.73
CA ALA B 101 -22.84 -16.24 29.48
C ALA B 101 -22.04 -17.53 29.49
N GLU B 102 -21.85 -18.09 28.29
CA GLU B 102 -21.15 -19.37 28.17
C GLU B 102 -19.76 -19.26 28.79
N THR B 103 -19.02 -18.23 28.42
CA THR B 103 -17.75 -17.86 29.06
C THR B 103 -17.86 -16.46 29.64
N CYS B 104 -16.82 -16.03 30.35
CA CYS B 104 -16.81 -14.71 30.96
C CYS B 104 -16.38 -13.61 30.02
N TYR B 105 -15.87 -13.95 28.84
CA TYR B 105 -15.25 -12.97 27.95
C TYR B 105 -16.23 -12.63 26.84
N TYR B 106 -16.95 -11.52 26.99
CA TYR B 106 -17.91 -11.12 25.97
C TYR B 106 -18.01 -9.61 25.85
N THR B 107 -16.95 -8.90 26.19
CA THR B 107 -16.92 -7.45 26.05
C THR B 107 -15.88 -7.11 25.01
N PRO B 108 -16.26 -7.01 23.74
CA PRO B 108 -15.30 -6.65 22.71
C PRO B 108 -14.91 -5.19 22.84
N VAL B 109 -13.62 -4.92 22.68
CA VAL B 109 -13.12 -3.57 22.87
C VAL B 109 -13.22 -2.74 21.60
N PHE B 110 -13.10 -3.37 20.44
CA PHE B 110 -13.17 -2.61 19.20
C PHE B 110 -14.60 -2.22 18.88
N ASP B 111 -15.57 -3.00 19.35
CA ASP B 111 -16.98 -2.66 19.23
C ASP B 111 -17.40 -1.57 20.21
N LEU B 112 -16.55 -1.24 21.17
CA LEU B 112 -16.80 -0.17 22.13
C LEU B 112 -16.11 1.13 21.74
N LEU B 113 -15.24 1.10 20.73
CA LEU B 113 -14.45 2.27 20.36
C LEU B 113 -15.13 3.12 19.30
N ASN B 121 -22.37 -6.83 22.83
CA ASN B 121 -21.92 -7.99 23.59
C ASN B 121 -21.91 -9.28 22.78
N LYS B 122 -20.74 -9.66 22.29
CA LYS B 122 -20.54 -10.92 21.60
C LYS B 122 -19.49 -11.72 22.35
N LEU B 123 -19.66 -13.05 22.38
CA LEU B 123 -18.63 -13.87 23.01
C LEU B 123 -17.32 -13.77 22.22
N ALA B 124 -16.22 -14.02 22.91
CA ALA B 124 -14.95 -14.17 22.21
C ALA B 124 -14.94 -15.54 21.56
N LEU B 125 -14.83 -15.58 20.23
CA LEU B 125 -14.83 -16.84 19.50
C LEU B 125 -13.60 -16.92 18.60
N THR B 126 -13.02 -18.11 18.52
CA THR B 126 -12.02 -18.35 17.50
C THR B 126 -12.71 -18.72 16.19
N SER B 127 -11.90 -18.87 15.14
CA SER B 127 -12.42 -18.89 13.78
C SER B 127 -13.49 -19.96 13.57
N LEU B 128 -13.23 -21.18 14.03
CA LEU B 128 -14.16 -22.27 13.75
C LEU B 128 -15.50 -22.03 14.40
N TYR B 129 -15.50 -21.53 15.63
CA TYR B 129 -16.73 -21.36 16.38
C TYR B 129 -17.43 -20.05 16.04
N ALA B 130 -16.68 -19.09 15.49
CA ALA B 130 -17.29 -17.89 14.91
C ALA B 130 -18.06 -18.23 13.63
N LEU B 131 -17.50 -19.10 12.80
CA LEU B 131 -18.23 -19.57 11.63
C LEU B 131 -19.47 -20.33 12.06
N GLU B 132 -19.35 -21.15 13.12
CA GLU B 132 -20.51 -21.85 13.66
C GLU B 132 -21.58 -20.86 14.13
N SER B 133 -21.16 -19.76 14.75
CA SER B 133 -22.13 -18.78 15.21
C SER B 133 -22.79 -18.04 14.05
N THR B 134 -22.01 -17.73 13.02
CA THR B 134 -22.58 -17.09 11.83
C THR B 134 -23.59 -17.99 11.14
N ILE B 135 -23.24 -19.27 10.93
CA ILE B 135 -24.17 -20.21 10.34
C ILE B 135 -25.43 -20.31 11.18
N SER B 136 -25.28 -20.22 12.50
CA SER B 136 -26.44 -20.23 13.38
C SER B 136 -27.31 -19.00 13.17
N GLN B 137 -26.71 -17.82 12.96
CA GLN B 137 -27.52 -16.64 12.74
C GLN B 137 -28.29 -16.75 11.42
N ARG B 138 -27.66 -17.31 10.40
CA ARG B 138 -28.36 -17.50 9.14
C ARG B 138 -29.52 -18.47 9.31
N LYS B 139 -29.37 -19.47 10.16
CA LYS B 139 -30.45 -20.42 10.41
C LYS B 139 -31.66 -19.75 11.05
N ALA B 140 -31.43 -18.82 11.98
CA ALA B 140 -32.56 -18.13 12.63
C ALA B 140 -33.20 -17.10 11.70
N GLU B 141 -32.40 -16.37 10.92
CA GLU B 141 -32.90 -15.36 9.99
C GLU B 141 -33.61 -15.97 8.78
N VAL B 142 -33.53 -17.29 8.61
CA VAL B 142 -34.28 -18.02 7.58
C VAL B 142 -35.81 -17.98 7.77
N PRO B 149 -30.49 -12.63 1.34
CA PRO B 149 -29.76 -13.16 0.18
C PRO B 149 -28.41 -13.74 0.56
N SER B 150 -28.38 -14.98 1.07
CA SER B 150 -27.14 -15.54 1.56
C SER B 150 -27.04 -16.99 1.16
N TRP B 151 -25.81 -17.45 0.92
CA TRP B 151 -25.57 -18.83 0.50
C TRP B 151 -25.88 -19.82 1.62
N THR B 152 -25.69 -19.44 2.88
CA THR B 152 -26.02 -20.34 3.97
C THR B 152 -27.53 -20.57 4.09
N LYS B 153 -28.34 -19.51 3.99
CA LYS B 153 -29.79 -19.67 4.09
C LYS B 153 -30.32 -20.54 2.97
N ARG B 154 -29.70 -20.46 1.80
CA ARG B 154 -30.11 -21.28 0.68
C ARG B 154 -29.79 -22.75 0.91
N LEU B 155 -28.65 -23.03 1.54
CA LEU B 155 -28.31 -24.42 1.83
C LEU B 155 -29.23 -24.99 2.92
N LEU B 156 -29.54 -24.16 3.92
CA LEU B 156 -30.46 -24.57 4.97
C LEU B 156 -31.86 -24.81 4.44
N LEU B 157 -32.19 -24.24 3.27
CA LEU B 157 -33.51 -24.41 2.66
C LEU B 157 -33.54 -25.45 1.54
N ASN B 158 -32.45 -26.17 1.33
CA ASN B 158 -32.41 -27.21 0.30
C ASN B 158 -31.50 -28.32 0.81
N ASP B 159 -32.10 -29.38 1.37
CA ASP B 159 -31.30 -30.51 1.85
C ASP B 159 -30.55 -31.17 0.70
N LYS B 160 -31.23 -31.34 -0.44
CA LYS B 160 -30.63 -32.04 -1.57
C LYS B 160 -29.42 -31.28 -2.11
N LEU B 161 -29.51 -29.95 -2.14
CA LEU B 161 -28.39 -29.13 -2.58
C LEU B 161 -27.25 -29.19 -1.57
N LEU B 162 -27.55 -29.06 -0.29
CA LEU B 162 -26.52 -29.08 0.74
C LEU B 162 -25.74 -30.38 0.70
N CYS B 163 -26.45 -31.51 0.65
CA CYS B 163 -25.80 -32.81 0.63
C CYS B 163 -25.02 -33.01 -0.66
N SER B 164 -25.55 -32.52 -1.78
CA SER B 164 -24.80 -32.63 -3.03
C SER B 164 -23.48 -31.87 -2.96
N LYS B 165 -23.48 -30.71 -2.29
CA LYS B 165 -22.26 -29.92 -2.19
C LYS B 165 -21.24 -30.59 -1.28
N ILE B 166 -21.71 -31.23 -0.20
CA ILE B 166 -20.81 -31.94 0.71
C ILE B 166 -20.10 -33.06 -0.03
N ARG B 167 -20.87 -33.90 -0.75
CA ARG B 167 -20.27 -35.01 -1.48
C ARG B 167 -19.33 -34.50 -2.56
N GLU B 168 -19.72 -33.44 -3.26
CA GLU B 168 -18.87 -32.87 -4.30
C GLU B 168 -17.59 -32.30 -3.72
N GLU B 169 -17.68 -31.57 -2.61
CA GLU B 169 -16.49 -30.99 -2.04
C GLU B 169 -15.58 -32.05 -1.40
N ALA B 170 -16.17 -33.08 -0.80
CA ALA B 170 -15.34 -34.18 -0.31
C ALA B 170 -14.61 -34.84 -1.46
N ASN B 171 -15.26 -34.93 -2.63
CA ASN B 171 -14.59 -35.45 -3.81
C ASN B 171 -13.38 -34.59 -4.17
N GLU B 172 -13.56 -33.27 -4.17
CA GLU B 172 -12.50 -32.37 -4.58
C GLU B 172 -11.28 -32.45 -3.66
N LEU B 173 -11.54 -32.60 -2.36
CA LEU B 173 -10.44 -32.75 -1.41
C LEU B 173 -9.60 -33.98 -1.72
N CYS B 174 -10.23 -35.12 -2.03
CA CYS B 174 -9.50 -36.33 -2.37
C CYS B 174 -8.70 -36.15 -3.65
N GLU B 175 -9.25 -35.43 -4.63
CA GLU B 175 -8.54 -35.25 -5.88
C GLU B 175 -7.26 -34.46 -5.69
N THR B 176 -7.19 -33.61 -4.65
CA THR B 176 -5.96 -32.88 -4.38
C THR B 176 -4.84 -33.82 -3.96
N LEU B 177 -5.18 -34.92 -3.27
CA LEU B 177 -4.22 -35.97 -2.99
C LEU B 177 -3.98 -36.82 -4.23
N GLU B 178 -5.06 -37.27 -4.87
CA GLU B 178 -4.96 -38.19 -6.00
C GLU B 178 -4.20 -37.58 -7.18
N ASN B 179 -4.46 -36.31 -7.48
CA ASN B 179 -3.84 -35.66 -8.62
C ASN B 179 -2.60 -34.85 -8.25
N ASN B 180 -2.04 -35.09 -7.06
CA ASN B 180 -0.80 -34.45 -6.61
C ASN B 180 -0.93 -32.94 -6.70
N GLU B 181 -2.04 -32.43 -6.21
CA GLU B 181 -2.24 -30.99 -6.23
C GLU B 181 -1.49 -30.35 -5.08
N ASP B 182 -1.31 -29.04 -5.16
CA ASP B 182 -0.54 -28.31 -4.15
C ASP B 182 -1.25 -28.33 -2.80
N LYS B 183 -0.46 -28.21 -1.73
CA LYS B 183 -1.01 -28.20 -0.38
C LYS B 183 -2.03 -27.07 -0.20
N SER B 184 -1.82 -25.94 -0.85
CA SER B 184 -2.77 -24.84 -0.76
C SER B 184 -4.13 -25.25 -1.30
N ARG B 185 -4.13 -26.08 -2.34
CA ARG B 185 -5.37 -26.58 -2.89
C ARG B 185 -6.08 -27.49 -1.89
N THR B 186 -5.33 -28.36 -1.23
CA THR B 186 -5.91 -29.19 -0.17
C THR B 186 -6.49 -28.33 0.95
N ALA B 187 -5.76 -27.30 1.35
CA ALA B 187 -6.23 -26.43 2.41
C ALA B 187 -7.54 -25.76 2.00
N SER B 188 -7.58 -25.24 0.77
CA SER B 188 -8.76 -24.55 0.28
C SER B 188 -9.96 -25.48 0.18
N GLU B 189 -9.73 -26.71 -0.26
CA GLU B 189 -10.84 -27.64 -0.40
C GLU B 189 -11.31 -28.18 0.95
N MET B 190 -10.39 -28.36 1.90
CA MET B 190 -10.78 -28.78 3.24
C MET B 190 -11.69 -27.73 3.89
N ALA B 191 -11.41 -26.46 3.64
CA ALA B 191 -12.29 -25.41 4.14
C ALA B 191 -13.68 -25.53 3.53
N ASP B 192 -13.73 -25.86 2.24
CA ASP B 192 -15.00 -26.06 1.56
C ASP B 192 -15.80 -27.18 2.21
N VAL B 193 -15.14 -28.29 2.53
CA VAL B 193 -15.82 -29.41 3.15
C VAL B 193 -16.35 -29.00 4.52
N LEU B 194 -15.51 -28.29 5.28
CA LEU B 194 -15.87 -27.88 6.64
C LEU B 194 -17.11 -26.99 6.65
N TYR B 195 -17.16 -26.01 5.74
CA TYR B 195 -18.27 -25.07 5.76
C TYR B 195 -19.59 -25.77 5.50
N HIS B 196 -19.68 -26.51 4.40
CA HIS B 196 -20.92 -27.17 4.04
C HIS B 196 -21.30 -28.25 5.05
N ALA B 197 -20.31 -28.89 5.68
CA ALA B 197 -20.63 -29.84 6.73
C ALA B 197 -21.26 -29.15 7.93
N MET B 198 -20.78 -27.95 8.27
CA MET B 198 -21.31 -27.24 9.42
C MET B 198 -22.72 -26.72 9.18
N VAL B 199 -23.10 -26.49 7.93
CA VAL B 199 -24.49 -26.19 7.63
C VAL B 199 -25.36 -27.41 7.89
N LEU B 200 -24.85 -28.61 7.56
CA LEU B 200 -25.55 -29.84 7.93
C LEU B 200 -25.58 -30.03 9.44
N LEU B 201 -24.48 -29.70 10.13
CA LEU B 201 -24.50 -29.77 11.59
C LEU B 201 -25.57 -28.85 12.16
N ALA B 202 -25.69 -27.64 11.62
CA ALA B 202 -26.69 -26.72 12.13
C ALA B 202 -28.10 -27.24 11.88
N LEU B 203 -28.31 -27.91 10.73
CA LEU B 203 -29.61 -28.51 10.47
C LEU B 203 -29.94 -29.61 11.47
N LYS B 204 -28.96 -30.38 11.90
CA LYS B 204 -29.22 -31.48 12.82
C LYS B 204 -29.04 -31.06 14.27
N ASP B 205 -28.84 -29.77 14.52
CA ASP B 205 -28.65 -29.21 15.86
C ASP B 205 -27.43 -29.84 16.52
N VAL B 206 -26.30 -29.77 15.84
CA VAL B 206 -25.08 -30.35 16.35
C VAL B 206 -24.06 -29.24 16.48
N LYS B 207 -23.55 -29.07 17.69
CA LYS B 207 -22.47 -28.13 17.94
C LYS B 207 -21.13 -28.79 17.61
N VAL B 208 -20.18 -27.98 17.16
CA VAL B 208 -18.86 -28.51 16.84
C VAL B 208 -18.24 -29.13 18.09
N GLU B 209 -18.47 -28.51 19.24
CA GLU B 209 -17.96 -29.06 20.49
C GLU B 209 -18.44 -30.48 20.70
N GLU B 210 -19.69 -30.77 20.35
CA GLU B 210 -20.23 -32.12 20.48
C GLU B 210 -19.47 -33.11 19.59
N VAL B 211 -19.09 -32.68 18.40
CA VAL B 211 -18.31 -33.53 17.51
C VAL B 211 -16.93 -33.79 18.09
N LEU B 212 -16.28 -32.74 18.59
CA LEU B 212 -14.94 -32.89 19.16
C LEU B 212 -14.94 -33.76 20.42
N GLN B 213 -16.02 -33.72 21.19
CA GLN B 213 -16.13 -34.63 22.33
C GLN B 213 -16.11 -36.07 21.87
N VAL B 214 -16.80 -36.35 20.75
CA VAL B 214 -16.77 -37.71 20.20
C VAL B 214 -15.33 -38.10 19.82
N LEU B 215 -14.61 -37.19 19.15
CA LEU B 215 -13.21 -37.47 18.80
C LEU B 215 -12.40 -37.76 20.05
N ARG B 216 -12.55 -36.91 21.06
CA ARG B 216 -11.81 -37.09 22.31
C ARG B 216 -12.18 -38.41 22.97
N GLN B 217 -13.45 -38.79 22.90
CA GLN B 217 -13.84 -40.07 23.48
C GLN B 217 -13.28 -41.25 22.70
N ARG B 218 -12.80 -41.07 21.47
CA ARG B 218 -12.23 -42.18 20.72
C ARG B 218 -10.72 -42.31 20.89
N PHE B 219 -10.14 -41.56 21.81
CA PHE B 219 -8.72 -41.67 22.08
C PHE B 219 -8.44 -43.02 22.74
N ASN C 2 -27.17 -21.82 -41.69
CA ASN C 2 -27.40 -21.25 -40.36
C ASN C 2 -26.42 -20.08 -40.11
N ALA C 3 -26.90 -19.06 -39.40
CA ALA C 3 -26.10 -17.87 -39.16
C ALA C 3 -25.07 -18.09 -38.06
N VAL C 4 -25.40 -18.90 -37.05
CA VAL C 4 -24.46 -19.14 -35.96
C VAL C 4 -23.25 -19.93 -36.47
N ASP C 5 -23.50 -20.92 -37.32
CA ASP C 5 -22.42 -21.77 -37.81
C ASP C 5 -21.39 -20.99 -38.62
N SER C 6 -21.81 -20.04 -39.46
CA SER C 6 -20.83 -19.30 -40.26
C SER C 6 -19.82 -18.57 -39.38
N LEU C 7 -20.20 -18.17 -38.17
CA LEU C 7 -19.21 -17.57 -37.28
C LEU C 7 -18.56 -18.59 -36.35
N LEU C 8 -19.35 -19.54 -35.82
CA LEU C 8 -18.78 -20.54 -34.92
C LEU C 8 -17.93 -21.58 -35.64
N ASP C 9 -18.19 -21.86 -36.92
CA ASP C 9 -17.33 -22.81 -37.62
C ASP C 9 -15.92 -22.27 -37.78
N SER C 10 -15.76 -20.95 -37.82
CA SER C 10 -14.43 -20.37 -38.00
C SER C 10 -13.59 -20.45 -36.75
N VAL C 11 -14.16 -20.86 -35.62
CA VAL C 11 -13.43 -20.92 -34.35
C VAL C 11 -12.44 -22.07 -34.38
N LYS C 12 -11.24 -21.82 -33.84
CA LYS C 12 -10.16 -22.80 -33.75
C LYS C 12 -10.30 -23.58 -32.44
N TRP C 13 -10.93 -24.74 -32.49
CA TRP C 13 -11.05 -25.64 -31.35
C TRP C 13 -9.87 -26.61 -31.28
N ASP C 14 -9.54 -27.05 -30.07
CA ASP C 14 -8.44 -28.00 -29.89
C ASP C 14 -8.94 -29.40 -30.21
N ASN C 15 -8.12 -30.41 -29.91
CA ASN C 15 -8.49 -31.79 -30.23
C ASN C 15 -9.70 -32.24 -29.43
N LYS C 16 -9.91 -31.68 -28.24
CA LYS C 16 -11.08 -32.03 -27.45
C LYS C 16 -12.27 -31.14 -27.76
N GLY C 17 -12.14 -30.25 -28.76
CA GLY C 17 -13.26 -29.41 -29.14
C GLY C 17 -13.50 -28.23 -28.25
N LEU C 18 -12.47 -27.71 -27.59
CA LEU C 18 -12.63 -26.66 -26.59
C LEU C 18 -11.86 -25.40 -26.99
N ALA C 19 -12.26 -24.28 -26.40
CA ALA C 19 -11.55 -23.02 -26.52
C ALA C 19 -11.58 -22.32 -25.18
N VAL C 20 -10.58 -21.48 -24.92
CA VAL C 20 -10.54 -20.73 -23.67
C VAL C 20 -11.68 -19.72 -23.65
N ALA C 21 -12.41 -19.69 -22.55
CA ALA C 21 -13.50 -18.74 -22.35
C ALA C 21 -13.24 -17.94 -21.09
N ILE C 22 -13.19 -16.62 -21.21
CA ILE C 22 -12.90 -15.72 -20.10
C ILE C 22 -14.16 -14.90 -19.82
N ALA C 23 -14.59 -14.89 -18.57
CA ALA C 23 -15.73 -14.09 -18.14
C ALA C 23 -15.21 -12.79 -17.56
N GLN C 24 -15.69 -11.67 -18.10
CA GLN C 24 -15.21 -10.37 -17.69
C GLN C 24 -16.41 -9.51 -17.27
N ASN C 25 -16.21 -8.73 -16.21
CA ASN C 25 -17.23 -7.83 -15.71
C ASN C 25 -17.47 -6.72 -16.72
N VAL C 26 -18.69 -6.64 -17.24
CA VAL C 26 -19.01 -5.70 -18.31
C VAL C 26 -18.87 -4.26 -17.83
N ASP C 27 -19.06 -4.02 -16.54
CA ASP C 27 -19.05 -2.66 -16.02
C ASP C 27 -17.65 -2.25 -15.56
N THR C 28 -16.88 -3.18 -15.01
CA THR C 28 -15.57 -2.82 -14.46
C THR C 28 -14.39 -3.33 -15.25
N GLY C 29 -14.54 -4.42 -16.01
CA GLY C 29 -13.40 -5.01 -16.68
C GLY C 29 -12.70 -6.07 -15.87
N ALA C 30 -13.14 -6.30 -14.64
CA ALA C 30 -12.57 -7.34 -13.80
C ALA C 30 -12.81 -8.71 -14.42
N ILE C 31 -11.76 -9.51 -14.48
CA ILE C 31 -11.90 -10.89 -14.95
C ILE C 31 -12.54 -11.70 -13.85
N LEU C 32 -13.75 -12.21 -14.11
CA LEU C 32 -14.48 -12.96 -13.11
C LEU C 32 -13.94 -14.38 -12.96
N MET C 33 -13.65 -15.06 -14.06
CA MET C 33 -13.24 -16.47 -14.06
C MET C 33 -12.78 -16.84 -15.45
N GLN C 34 -12.08 -17.97 -15.56
CA GLN C 34 -11.65 -18.51 -16.86
C GLN C 34 -11.87 -20.03 -16.90
N GLY C 35 -12.62 -20.48 -17.90
CA GLY C 35 -12.86 -21.88 -18.13
C GLY C 35 -12.61 -22.22 -19.59
N PHE C 36 -13.36 -23.21 -20.07
CA PHE C 36 -13.29 -23.62 -21.46
C PHE C 36 -14.71 -23.82 -21.96
N ALA C 37 -14.90 -23.55 -23.25
CA ALA C 37 -16.20 -23.68 -23.89
C ALA C 37 -16.04 -24.43 -25.20
N ASN C 38 -16.98 -25.32 -25.49
CA ASN C 38 -17.08 -25.95 -26.79
C ASN C 38 -18.15 -25.24 -27.63
N ARG C 39 -18.43 -25.79 -28.81
CA ARG C 39 -19.40 -25.18 -29.71
C ARG C 39 -20.75 -25.00 -29.05
N GLU C 40 -21.22 -26.01 -28.32
CA GLU C 40 -22.53 -25.94 -27.73
C GLU C 40 -22.60 -24.97 -26.55
N ALA C 41 -21.51 -24.84 -25.80
CA ALA C 41 -21.49 -23.90 -24.69
C ALA C 41 -21.57 -22.47 -25.20
N VAL C 42 -20.86 -22.16 -26.28
CA VAL C 42 -20.96 -20.83 -26.85
C VAL C 42 -22.34 -20.62 -27.45
N ALA C 43 -22.86 -21.64 -28.14
CA ALA C 43 -24.22 -21.55 -28.66
C ALA C 43 -25.24 -21.31 -27.55
N THR C 44 -25.09 -22.04 -26.45
CA THR C 44 -25.99 -21.85 -25.30
C THR C 44 -25.77 -20.50 -24.63
N THR C 45 -24.51 -20.06 -24.51
CA THR C 45 -24.26 -18.73 -23.96
C THR C 45 -24.95 -17.66 -24.79
N ILE C 46 -24.86 -17.78 -26.13
CA ILE C 46 -25.49 -16.79 -27.02
C ILE C 46 -27.00 -16.81 -26.86
N SER C 47 -27.62 -17.99 -26.94
CA SER C 47 -29.07 -18.05 -26.93
C SER C 47 -29.65 -17.72 -25.56
N SER C 48 -29.02 -18.22 -24.50
CA SER C 48 -29.53 -18.10 -23.15
C SER C 48 -29.09 -16.83 -22.42
N ARG C 49 -28.09 -16.13 -22.94
CA ARG C 49 -27.53 -14.91 -22.34
C ARG C 49 -26.96 -15.16 -20.94
N LYS C 50 -26.60 -16.40 -20.63
CA LYS C 50 -25.96 -16.75 -19.37
C LYS C 50 -24.70 -17.56 -19.65
N ALA C 51 -23.59 -17.14 -19.05
CA ALA C 51 -22.29 -17.76 -19.31
C ALA C 51 -22.32 -19.26 -19.06
N THR C 52 -22.05 -20.02 -20.11
CA THR C 52 -22.07 -21.48 -20.06
C THR C 52 -20.74 -22.03 -20.57
N PHE C 53 -20.22 -23.02 -19.85
CA PHE C 53 -18.90 -23.58 -20.12
C PHE C 53 -19.03 -25.09 -20.29
N TYR C 54 -17.90 -25.74 -20.59
CA TYR C 54 -17.75 -27.19 -20.56
C TYR C 54 -16.81 -27.55 -19.41
N SER C 55 -17.33 -28.28 -18.42
CA SER C 55 -16.53 -28.73 -17.29
C SER C 55 -15.74 -29.96 -17.73
N ARG C 56 -14.41 -29.81 -17.80
CA ARG C 56 -13.55 -30.89 -18.27
C ARG C 56 -13.65 -32.10 -17.35
N SER C 57 -13.68 -31.83 -16.04
CA SER C 57 -13.79 -32.91 -15.07
C SER C 57 -15.16 -33.58 -15.13
N ARG C 58 -16.22 -32.78 -15.08
CA ARG C 58 -17.55 -33.39 -15.08
C ARG C 58 -18.01 -33.84 -16.46
N SER C 59 -17.29 -33.48 -17.53
CA SER C 59 -17.61 -33.95 -18.88
C SER C 59 -19.08 -33.69 -19.22
N SER C 60 -19.46 -32.43 -19.08
CA SER C 60 -20.86 -32.03 -19.23
C SER C 60 -20.91 -30.51 -19.39
N LEU C 61 -22.04 -30.04 -19.90
CA LEU C 61 -22.27 -28.61 -20.00
C LEU C 61 -22.51 -28.00 -18.63
N TRP C 62 -22.08 -26.75 -18.45
CA TRP C 62 -22.22 -26.09 -17.17
C TRP C 62 -22.48 -24.62 -17.37
N THR C 63 -23.63 -24.16 -16.88
CA THR C 63 -23.97 -22.75 -16.86
C THR C 63 -23.62 -22.22 -15.47
N LYS C 64 -22.77 -21.20 -15.41
CA LYS C 64 -22.39 -20.60 -14.14
C LYS C 64 -23.62 -20.11 -13.41
N GLY C 65 -23.85 -20.64 -12.21
CA GLY C 65 -25.02 -20.30 -11.43
C GLY C 65 -26.14 -21.32 -11.46
N GLU C 66 -25.99 -22.43 -12.22
CA GLU C 66 -27.10 -23.37 -12.36
C GLU C 66 -27.51 -23.93 -11.00
N THR C 67 -26.58 -24.02 -10.06
CA THR C 67 -26.85 -24.41 -8.69
C THR C 67 -26.72 -23.25 -7.71
N SER C 68 -25.78 -22.32 -7.93
CA SER C 68 -25.49 -21.25 -6.97
C SER C 68 -26.28 -19.97 -7.21
N ASN C 69 -26.97 -19.80 -8.34
CA ASN C 69 -27.68 -18.58 -8.74
C ASN C 69 -26.77 -17.39 -8.99
N ASN C 70 -25.46 -17.59 -9.05
CA ASN C 70 -24.54 -16.52 -9.41
C ASN C 70 -24.33 -16.55 -10.92
N PHE C 71 -25.42 -16.26 -11.62
CA PHE C 71 -25.36 -16.26 -13.08
C PHE C 71 -24.47 -15.12 -13.56
N ILE C 72 -23.89 -15.30 -14.73
CA ILE C 72 -23.17 -14.24 -15.39
C ILE C 72 -24.02 -13.84 -16.59
N ASN C 73 -24.76 -12.75 -16.46
CA ASN C 73 -25.62 -12.28 -17.54
C ASN C 73 -24.77 -11.66 -18.64
N VAL C 74 -24.74 -12.32 -19.78
CA VAL C 74 -23.80 -12.00 -20.85
C VAL C 74 -24.37 -10.86 -21.70
N HIS C 75 -23.57 -9.82 -21.90
CA HIS C 75 -23.98 -8.71 -22.76
C HIS C 75 -23.42 -8.81 -24.17
N ASP C 76 -22.21 -9.36 -24.34
CA ASP C 76 -21.67 -9.58 -25.66
C ASP C 76 -20.62 -10.68 -25.55
N VAL C 77 -20.31 -11.30 -26.69
CA VAL C 77 -19.30 -12.34 -26.77
C VAL C 77 -18.29 -11.94 -27.84
N PHE C 78 -17.01 -11.98 -27.49
CA PHE C 78 -15.94 -11.54 -28.38
C PHE C 78 -14.99 -12.69 -28.67
N LEU C 79 -14.51 -12.75 -29.90
CA LEU C 79 -13.48 -13.69 -30.31
C LEU C 79 -12.19 -12.92 -30.51
N ASP C 80 -11.06 -13.55 -30.16
CA ASP C 80 -9.78 -12.92 -30.43
C ASP C 80 -9.45 -13.04 -31.92
N CYS C 81 -8.24 -12.56 -32.28
CA CYS C 81 -7.89 -12.41 -33.69
C CYS C 81 -7.81 -13.75 -34.41
N ASP C 82 -7.07 -14.71 -33.86
CA ASP C 82 -7.02 -16.03 -34.49
C ASP C 82 -8.24 -16.88 -34.14
N ARG C 83 -9.18 -16.33 -33.38
CA ARG C 83 -10.47 -16.96 -33.07
C ARG C 83 -10.31 -18.28 -32.34
N ASP C 84 -9.41 -18.31 -31.36
CA ASP C 84 -9.23 -19.45 -30.47
C ASP C 84 -9.43 -19.09 -29.00
N SER C 85 -9.84 -17.85 -28.72
CA SER C 85 -10.05 -17.36 -27.36
C SER C 85 -11.31 -16.51 -27.32
N ILE C 86 -12.08 -16.66 -26.25
CA ILE C 86 -13.40 -16.05 -26.14
C ILE C 86 -13.50 -15.23 -24.86
N ILE C 87 -14.17 -14.08 -24.96
CA ILE C 87 -14.56 -13.26 -23.81
C ILE C 87 -16.07 -13.27 -23.70
N TYR C 88 -16.59 -13.74 -22.58
CA TYR C 88 -17.97 -13.48 -22.18
C TYR C 88 -17.99 -12.18 -21.39
N LEU C 89 -18.60 -11.13 -21.94
CA LEU C 89 -18.68 -9.83 -21.29
C LEU C 89 -20.01 -9.70 -20.57
N GLY C 90 -20.00 -9.80 -19.24
CA GLY C 90 -21.25 -9.93 -18.50
C GLY C 90 -21.23 -9.33 -17.11
N LYS C 91 -22.39 -9.35 -16.47
CA LYS C 91 -22.64 -8.80 -15.14
C LYS C 91 -23.05 -9.91 -14.17
N PRO C 92 -22.29 -10.19 -13.12
CA PRO C 92 -22.59 -11.34 -12.27
C PRO C 92 -23.62 -11.04 -11.20
N ASP C 93 -24.52 -12.01 -10.98
CA ASP C 93 -25.53 -11.90 -9.94
C ASP C 93 -24.90 -11.85 -8.56
N GLY C 94 -23.90 -12.68 -8.33
CA GLY C 94 -23.20 -12.68 -7.08
C GLY C 94 -21.73 -12.98 -7.26
N PRO C 95 -21.10 -13.47 -6.19
CA PRO C 95 -19.70 -13.87 -6.30
C PRO C 95 -19.53 -15.02 -7.27
N THR C 96 -18.48 -14.93 -8.10
CA THR C 96 -18.28 -15.87 -9.20
C THR C 96 -17.54 -17.14 -8.76
N CYS C 97 -16.53 -17.02 -7.90
CA CYS C 97 -15.71 -18.17 -7.54
C CYS C 97 -16.48 -19.12 -6.64
N HIS C 98 -16.15 -20.42 -6.72
CA HIS C 98 -16.92 -21.38 -5.96
C HIS C 98 -16.67 -21.27 -4.46
N THR C 99 -15.56 -20.63 -4.07
CA THR C 99 -15.25 -20.36 -2.66
C THR C 99 -16.05 -19.21 -2.07
N GLY C 100 -16.67 -18.38 -2.90
CA GLY C 100 -17.38 -17.21 -2.42
C GLY C 100 -16.70 -15.89 -2.75
N ALA C 101 -15.48 -15.93 -3.30
CA ALA C 101 -14.80 -14.70 -3.69
C ALA C 101 -15.47 -14.08 -4.90
N GLU C 102 -15.39 -12.75 -5.00
CA GLU C 102 -16.01 -12.04 -6.11
C GLU C 102 -15.50 -12.55 -7.44
N THR C 103 -14.19 -12.62 -7.59
CA THR C 103 -13.57 -13.23 -8.74
C THR C 103 -12.72 -14.41 -8.27
N CYS C 104 -12.19 -15.15 -9.23
CA CYS C 104 -11.34 -16.30 -8.91
C CYS C 104 -9.89 -15.92 -8.71
N TYR C 105 -9.52 -14.69 -9.04
CA TYR C 105 -8.12 -14.29 -9.07
C TYR C 105 -7.81 -13.46 -7.84
N TYR C 106 -7.20 -14.12 -6.83
CA TYR C 106 -6.85 -13.43 -5.60
C TYR C 106 -5.59 -13.99 -4.96
N THR C 107 -4.69 -14.57 -5.76
CA THR C 107 -3.41 -15.07 -5.28
C THR C 107 -2.31 -14.26 -5.97
N PRO C 108 -1.89 -13.15 -5.39
CA PRO C 108 -0.81 -12.36 -6.00
C PRO C 108 0.53 -13.05 -5.80
N VAL C 109 1.35 -13.03 -6.85
CA VAL C 109 2.63 -13.72 -6.82
C VAL C 109 3.75 -12.86 -6.25
N PHE C 110 3.70 -11.55 -6.46
CA PHE C 110 4.77 -10.69 -5.98
C PHE C 110 4.70 -10.48 -4.47
N ASP C 111 3.50 -10.57 -3.91
CA ASP C 111 3.31 -10.54 -2.47
C ASP C 111 3.69 -11.86 -1.80
N LEU C 112 3.74 -12.95 -2.57
CA LEU C 112 4.07 -14.29 -2.07
C LEU C 112 5.55 -14.61 -2.19
N LEU C 113 6.40 -13.63 -2.51
CA LEU C 113 7.84 -13.89 -2.62
C LEU C 113 8.64 -12.99 -1.67
N ASN C 121 -3.84 -12.53 0.71
CA ASN C 121 -4.68 -12.79 -0.45
C ASN C 121 -5.67 -11.66 -0.70
N LYS C 122 -5.34 -10.81 -1.67
CA LYS C 122 -6.19 -9.72 -2.09
C LYS C 122 -6.56 -9.91 -3.55
N LEU C 123 -7.76 -9.44 -3.91
CA LEU C 123 -8.27 -9.57 -5.27
C LEU C 123 -7.40 -8.77 -6.25
N ALA C 124 -7.44 -9.21 -7.52
CA ALA C 124 -6.79 -8.47 -8.59
C ALA C 124 -7.62 -7.25 -8.97
N LEU C 125 -7.03 -6.06 -8.84
CA LEU C 125 -7.72 -4.81 -9.11
C LEU C 125 -6.93 -3.98 -10.13
N THR C 126 -7.66 -3.34 -11.05
CA THR C 126 -7.02 -2.34 -11.88
C THR C 126 -6.99 -1.00 -11.14
N SER C 127 -6.37 0.00 -11.78
CA SER C 127 -5.95 1.22 -11.09
C SER C 127 -7.11 1.91 -10.39
N LEU C 128 -8.24 2.08 -11.08
CA LEU C 128 -9.36 2.81 -10.51
C LEU C 128 -9.95 2.09 -9.31
N TYR C 129 -10.04 0.76 -9.38
CA TYR C 129 -10.65 -0.01 -8.32
C TYR C 129 -9.66 -0.30 -7.20
N ALA C 130 -8.36 -0.21 -7.48
CA ALA C 130 -7.36 -0.24 -6.42
C ALA C 130 -7.42 1.02 -5.57
N LEU C 131 -7.61 2.16 -6.21
CA LEU C 131 -7.77 3.40 -5.44
C LEU C 131 -9.03 3.36 -4.59
N GLU C 132 -10.12 2.79 -5.14
CA GLU C 132 -11.33 2.65 -4.35
C GLU C 132 -11.09 1.78 -3.14
N SER C 133 -10.31 0.70 -3.29
CA SER C 133 -10.02 -0.18 -2.17
C SER C 133 -9.12 0.51 -1.16
N THR C 134 -8.14 1.29 -1.63
CA THR C 134 -7.29 2.03 -0.71
C THR C 134 -8.12 3.01 0.11
N ILE C 135 -8.96 3.81 -0.57
CA ILE C 135 -9.86 4.72 0.13
C ILE C 135 -10.75 3.95 1.11
N SER C 136 -11.16 2.75 0.72
CA SER C 136 -11.93 1.90 1.62
C SER C 136 -11.12 1.51 2.85
N GLN C 137 -9.84 1.20 2.67
CA GLN C 137 -9.03 0.82 3.83
C GLN C 137 -8.81 2.00 4.77
N ARG C 138 -8.64 3.21 4.22
CA ARG C 138 -8.51 4.39 5.08
C ARG C 138 -9.80 4.67 5.85
N LYS C 139 -10.95 4.42 5.20
CA LYS C 139 -12.21 4.64 5.89
C LYS C 139 -12.37 3.69 7.08
N ALA C 140 -11.86 2.46 6.96
CA ALA C 140 -11.94 1.52 8.07
C ALA C 140 -11.00 1.93 9.20
N GLU C 141 -9.82 2.45 8.87
CA GLU C 141 -8.89 2.92 9.91
C GLU C 141 -9.38 4.21 10.56
N VAL C 142 -10.33 4.90 9.95
CA VAL C 142 -10.98 6.05 10.56
C VAL C 142 -11.82 5.62 11.76
N SER C 150 -3.05 10.84 7.35
CA SER C 150 -3.29 10.74 5.91
C SER C 150 -4.29 11.77 5.43
N TRP C 151 -4.12 12.22 4.18
CA TRP C 151 -5.00 13.23 3.64
C TRP C 151 -6.40 12.67 3.41
N THR C 152 -6.51 11.38 3.08
CA THR C 152 -7.82 10.76 2.90
C THR C 152 -8.62 10.74 4.18
N LYS C 153 -7.98 10.39 5.31
CA LYS C 153 -8.68 10.37 6.59
C LYS C 153 -9.12 11.76 7.01
N ARG C 154 -8.34 12.79 6.65
CA ARG C 154 -8.74 14.16 6.96
C ARG C 154 -10.00 14.52 6.19
N LEU C 155 -10.10 14.02 4.96
CA LEU C 155 -11.29 14.24 4.16
C LEU C 155 -12.47 13.42 4.67
N LEU C 156 -12.22 12.16 5.06
CA LEU C 156 -13.29 11.31 5.56
C LEU C 156 -13.86 11.82 6.88
N LEU C 157 -13.06 12.60 7.63
CA LEU C 157 -13.44 13.14 8.92
C LEU C 157 -13.86 14.60 8.85
N ASN C 158 -13.96 15.16 7.66
CA ASN C 158 -14.36 16.57 7.51
C ASN C 158 -15.15 16.67 6.21
N ASP C 159 -16.49 16.58 6.34
CA ASP C 159 -17.35 16.72 5.18
C ASP C 159 -17.16 18.09 4.56
N LYS C 160 -17.03 19.09 5.42
CA LYS C 160 -16.96 20.49 5.03
C LYS C 160 -15.73 20.76 4.16
N LEU C 161 -14.60 20.15 4.52
CA LEU C 161 -13.37 20.29 3.73
C LEU C 161 -13.46 19.53 2.42
N LEU C 162 -13.94 18.29 2.46
CA LEU C 162 -14.00 17.42 1.28
C LEU C 162 -14.85 18.03 0.17
N CYS C 163 -16.06 18.49 0.52
CA CYS C 163 -16.96 19.05 -0.49
C CYS C 163 -16.38 20.31 -1.09
N SER C 164 -15.74 21.13 -0.25
CA SER C 164 -15.08 22.32 -0.76
C SER C 164 -13.97 21.94 -1.73
N LYS C 165 -13.24 20.87 -1.43
CA LYS C 165 -12.19 20.43 -2.35
C LYS C 165 -12.77 19.84 -3.63
N ILE C 166 -13.92 19.16 -3.54
CA ILE C 166 -14.57 18.65 -4.74
C ILE C 166 -14.98 19.79 -5.65
N ARG C 167 -15.60 20.82 -5.09
CA ARG C 167 -16.05 21.95 -5.89
C ARG C 167 -14.87 22.70 -6.51
N GLU C 168 -13.80 22.89 -5.76
CA GLU C 168 -12.63 23.57 -6.32
C GLU C 168 -11.99 22.77 -7.44
N GLU C 169 -11.87 21.45 -7.28
CA GLU C 169 -11.18 20.69 -8.31
C GLU C 169 -12.00 20.66 -9.59
N ALA C 170 -13.32 20.59 -9.46
CA ALA C 170 -14.17 20.65 -10.64
C ALA C 170 -14.02 21.99 -11.33
N ASN C 171 -13.83 23.05 -10.55
CA ASN C 171 -13.54 24.35 -11.12
C ASN C 171 -12.26 24.32 -11.93
N GLU C 172 -11.21 23.75 -11.37
CA GLU C 172 -9.90 23.74 -12.03
C GLU C 172 -9.91 22.89 -13.29
N LEU C 173 -10.68 21.79 -13.29
CA LEU C 173 -10.85 21.01 -14.50
C LEU C 173 -11.43 21.85 -15.63
N CYS C 174 -12.47 22.64 -15.34
CA CYS C 174 -13.04 23.49 -16.37
C CYS C 174 -12.04 24.52 -16.87
N GLU C 175 -11.25 25.08 -15.95
CA GLU C 175 -10.29 26.11 -16.31
C GLU C 175 -9.22 25.57 -17.25
N THR C 176 -8.94 24.26 -17.21
CA THR C 176 -8.01 23.71 -18.20
C THR C 176 -8.60 23.77 -19.59
N LEU C 177 -9.93 23.67 -19.70
CA LEU C 177 -10.60 23.93 -20.97
C LEU C 177 -10.75 25.42 -21.23
N GLU C 178 -11.24 26.16 -20.24
CA GLU C 178 -11.58 27.56 -20.45
C GLU C 178 -10.39 28.38 -20.89
N ASN C 179 -9.25 28.18 -20.22
CA ASN C 179 -8.05 28.96 -20.52
C ASN C 179 -7.11 28.22 -21.46
N ASN C 180 -7.63 27.22 -22.17
CA ASN C 180 -6.89 26.52 -23.23
C ASN C 180 -5.57 25.98 -22.71
N GLU C 181 -5.61 25.36 -21.53
CA GLU C 181 -4.41 24.80 -20.94
C GLU C 181 -4.08 23.46 -21.58
N ASP C 182 -2.86 23.01 -21.35
CA ASP C 182 -2.37 21.78 -21.95
C ASP C 182 -3.18 20.58 -21.48
N LYS C 183 -3.24 19.57 -22.36
CA LYS C 183 -4.02 18.37 -22.08
C LYS C 183 -3.54 17.64 -20.84
N SER C 184 -2.22 17.64 -20.60
CA SER C 184 -1.68 16.97 -19.43
C SER C 184 -2.21 17.58 -18.13
N ARG C 185 -2.46 18.89 -18.13
CA ARG C 185 -3.08 19.52 -16.96
C ARG C 185 -4.52 19.06 -16.79
N THR C 186 -5.25 18.93 -17.89
CA THR C 186 -6.62 18.42 -17.83
C THR C 186 -6.66 17.03 -17.20
N ALA C 187 -5.75 16.15 -17.60
CA ALA C 187 -5.72 14.80 -17.04
C ALA C 187 -5.40 14.85 -15.56
N SER C 188 -4.43 15.69 -15.18
CA SER C 188 -4.05 15.80 -13.79
C SER C 188 -5.20 16.32 -12.95
N GLU C 189 -5.94 17.31 -13.47
CA GLU C 189 -7.08 17.84 -12.74
C GLU C 189 -8.23 16.85 -12.78
N MET C 190 -8.37 16.09 -13.87
CA MET C 190 -9.38 15.04 -13.89
C MET C 190 -9.09 14.03 -12.80
N ALA C 191 -7.81 13.68 -12.62
CA ALA C 191 -7.45 12.78 -11.53
C ALA C 191 -7.77 13.40 -10.18
N ASP C 192 -7.53 14.71 -10.02
CA ASP C 192 -7.85 15.40 -8.77
C ASP C 192 -9.34 15.31 -8.46
N VAL C 193 -10.19 15.48 -9.47
CA VAL C 193 -11.62 15.35 -9.27
C VAL C 193 -11.99 13.90 -8.95
N LEU C 194 -11.42 12.94 -9.68
CA LEU C 194 -11.80 11.53 -9.48
C LEU C 194 -11.49 11.06 -8.07
N TYR C 195 -10.31 11.40 -7.55
CA TYR C 195 -9.93 10.94 -6.22
C TYR C 195 -10.87 11.48 -5.15
N HIS C 196 -11.10 12.80 -5.14
CA HIS C 196 -11.92 13.40 -4.09
C HIS C 196 -13.37 12.93 -4.15
N ALA C 197 -13.90 12.71 -5.35
CA ALA C 197 -15.26 12.20 -5.46
C ALA C 197 -15.35 10.79 -4.90
N MET C 198 -14.32 9.97 -5.13
CA MET C 198 -14.36 8.60 -4.63
C MET C 198 -14.29 8.53 -3.12
N VAL C 199 -13.72 9.56 -2.47
CA VAL C 199 -13.82 9.68 -1.03
C VAL C 199 -15.25 9.99 -0.61
N LEU C 200 -15.92 10.88 -1.35
CA LEU C 200 -17.33 11.12 -1.09
C LEU C 200 -18.16 9.87 -1.38
N LEU C 201 -17.81 9.14 -2.43
CA LEU C 201 -18.47 7.88 -2.70
C LEU C 201 -18.30 6.92 -1.53
N ALA C 202 -17.11 6.90 -0.93
CA ALA C 202 -16.88 6.02 0.21
C ALA C 202 -17.70 6.44 1.42
N LEU C 203 -17.86 7.75 1.64
CA LEU C 203 -18.67 8.22 2.77
C LEU C 203 -20.13 7.86 2.58
N LYS C 204 -20.65 7.93 1.35
CA LYS C 204 -22.05 7.61 1.09
C LYS C 204 -22.27 6.15 0.77
N ASP C 205 -21.22 5.32 0.88
CA ASP C 205 -21.32 3.88 0.65
C ASP C 205 -21.75 3.58 -0.79
N VAL C 206 -21.05 4.15 -1.74
CA VAL C 206 -21.32 4.00 -3.18
C VAL C 206 -20.07 3.44 -3.84
N LYS C 207 -20.22 2.30 -4.54
CA LYS C 207 -19.13 1.73 -5.30
C LYS C 207 -19.05 2.34 -6.70
N VAL C 208 -17.84 2.35 -7.26
CA VAL C 208 -17.65 2.88 -8.61
C VAL C 208 -18.46 2.06 -9.61
N GLU C 209 -18.50 0.73 -9.44
CA GLU C 209 -19.26 -0.13 -10.33
C GLU C 209 -20.72 0.29 -10.39
N GLU C 210 -21.29 0.68 -9.24
CA GLU C 210 -22.68 1.12 -9.23
C GLU C 210 -22.88 2.36 -10.08
N VAL C 211 -21.92 3.27 -10.07
CA VAL C 211 -21.99 4.47 -10.90
C VAL C 211 -21.91 4.11 -12.38
N LEU C 212 -21.00 3.20 -12.72
CA LEU C 212 -20.86 2.76 -14.12
C LEU C 212 -22.10 2.02 -14.58
N GLN C 213 -22.78 1.31 -13.68
CA GLN C 213 -24.06 0.74 -14.06
C GLN C 213 -25.09 1.82 -14.38
N VAL C 214 -25.11 2.90 -13.59
CA VAL C 214 -26.02 4.02 -13.88
C VAL C 214 -25.71 4.62 -15.25
N LEU C 215 -24.42 4.82 -15.55
CA LEU C 215 -24.04 5.29 -16.87
C LEU C 215 -24.46 4.32 -17.96
N ARG C 216 -24.25 3.02 -17.74
CA ARG C 216 -24.61 2.01 -18.75
C ARG C 216 -26.11 1.98 -19.01
N GLN C 217 -26.91 2.13 -17.97
CA GLN C 217 -28.35 2.13 -18.16
C GLN C 217 -28.87 3.36 -18.89
N ARG C 218 -28.05 4.41 -19.05
CA ARG C 218 -28.44 5.60 -19.79
C ARG C 218 -27.98 5.59 -21.25
N PHE C 219 -27.47 4.46 -21.74
CA PHE C 219 -27.05 4.38 -23.14
C PHE C 219 -28.24 4.44 -24.08
N ASN D 2 14.48 -21.35 -3.25
CA ASN D 2 13.95 -20.11 -3.79
C ASN D 2 12.44 -20.02 -3.59
N ALA D 3 11.93 -18.80 -3.45
CA ALA D 3 10.49 -18.59 -3.42
C ALA D 3 9.89 -18.67 -4.82
N VAL D 4 10.66 -18.29 -5.85
CA VAL D 4 10.14 -18.34 -7.21
C VAL D 4 9.92 -19.78 -7.65
N ASP D 5 10.89 -20.65 -7.39
CA ASP D 5 10.73 -22.05 -7.76
C ASP D 5 9.59 -22.69 -6.98
N SER D 6 9.52 -22.41 -5.67
CA SER D 6 8.45 -22.92 -4.83
C SER D 6 7.09 -22.40 -5.26
N LEU D 7 7.07 -21.23 -5.90
CA LEU D 7 5.78 -20.68 -6.33
C LEU D 7 5.34 -21.34 -7.63
N LEU D 8 6.29 -21.63 -8.51
CA LEU D 8 5.94 -22.31 -9.75
C LEU D 8 5.50 -23.74 -9.50
N ASP D 9 5.99 -24.36 -8.43
CA ASP D 9 5.58 -25.73 -8.15
C ASP D 9 4.12 -25.81 -7.76
N SER D 10 3.56 -24.75 -7.18
CA SER D 10 2.15 -24.77 -6.79
C SER D 10 1.21 -24.58 -7.97
N VAL D 11 1.73 -24.21 -9.14
CA VAL D 11 0.89 -23.99 -10.31
C VAL D 11 0.42 -25.33 -10.88
N LYS D 12 -0.84 -25.40 -11.27
CA LYS D 12 -1.44 -26.61 -11.85
C LYS D 12 -1.19 -26.54 -13.36
N TRP D 13 -0.11 -27.18 -13.80
CA TRP D 13 0.17 -27.23 -15.22
C TRP D 13 -0.55 -28.40 -15.86
N ASP D 14 -0.86 -28.24 -17.15
CA ASP D 14 -1.54 -29.31 -17.87
C ASP D 14 -0.53 -30.38 -18.28
N ASN D 15 -0.96 -31.31 -19.13
CA ASN D 15 -0.11 -32.43 -19.54
C ASN D 15 1.11 -31.98 -20.34
N LYS D 16 1.04 -30.86 -21.04
CA LYS D 16 2.16 -30.34 -21.79
C LYS D 16 3.02 -29.37 -20.97
N GLY D 17 2.74 -29.21 -19.69
CA GLY D 17 3.51 -28.32 -18.85
C GLY D 17 3.13 -26.86 -18.99
N LEU D 18 1.89 -26.57 -19.36
CA LEU D 18 1.41 -25.23 -19.66
C LEU D 18 0.26 -24.83 -18.75
N ALA D 19 0.02 -23.52 -18.68
CA ALA D 19 -1.15 -22.94 -18.04
C ALA D 19 -1.60 -21.73 -18.86
N VAL D 20 -2.89 -21.39 -18.75
CA VAL D 20 -3.44 -20.21 -19.41
C VAL D 20 -2.90 -18.94 -18.77
N ALA D 21 -2.41 -18.01 -19.59
CA ALA D 21 -1.90 -16.72 -19.12
C ALA D 21 -2.61 -15.59 -19.84
N ILE D 22 -3.25 -14.71 -19.07
CA ILE D 22 -4.05 -13.61 -19.61
C ILE D 22 -3.35 -12.31 -19.29
N ALA D 23 -3.12 -11.48 -20.30
CA ALA D 23 -2.55 -10.15 -20.11
C ALA D 23 -3.66 -9.09 -20.10
N GLN D 24 -3.71 -8.30 -19.03
CA GLN D 24 -4.74 -7.29 -18.81
C GLN D 24 -4.13 -5.92 -18.52
N ASN D 25 -4.74 -4.87 -19.05
CA ASN D 25 -4.28 -3.51 -18.82
C ASN D 25 -4.43 -3.14 -17.35
N VAL D 26 -3.32 -2.79 -16.69
CA VAL D 26 -3.35 -2.49 -15.25
C VAL D 26 -4.19 -1.25 -14.98
N ASP D 27 -4.31 -0.35 -15.95
CA ASP D 27 -5.01 0.91 -15.73
C ASP D 27 -6.49 0.83 -16.10
N THR D 28 -6.83 0.10 -17.17
CA THR D 28 -8.22 0.08 -17.62
C THR D 28 -8.93 -1.24 -17.37
N GLY D 29 -8.21 -2.36 -17.34
CA GLY D 29 -8.86 -3.65 -17.22
C GLY D 29 -9.18 -4.33 -18.53
N ALA D 30 -8.92 -3.67 -19.66
CA ALA D 30 -9.14 -4.31 -20.95
C ALA D 30 -8.22 -5.52 -21.09
N ILE D 31 -8.77 -6.64 -21.53
CA ILE D 31 -7.96 -7.84 -21.77
C ILE D 31 -7.19 -7.67 -23.08
N LEU D 32 -5.86 -7.64 -22.97
CA LEU D 32 -5.00 -7.39 -24.13
C LEU D 32 -4.92 -8.61 -25.04
N MET D 33 -4.70 -9.79 -24.46
CA MET D 33 -4.44 -11.01 -25.23
C MET D 33 -4.46 -12.19 -24.26
N GLN D 34 -4.53 -13.38 -24.82
CA GLN D 34 -4.44 -14.59 -24.00
C GLN D 34 -3.57 -15.63 -24.69
N GLY D 35 -2.57 -16.12 -23.98
CA GLY D 35 -1.70 -17.16 -24.47
C GLY D 35 -1.57 -18.30 -23.49
N PHE D 36 -0.40 -18.93 -23.50
CA PHE D 36 -0.07 -20.00 -22.58
C PHE D 36 1.34 -19.79 -22.05
N ALA D 37 1.60 -20.25 -20.83
CA ALA D 37 2.91 -20.14 -20.22
C ALA D 37 3.32 -21.48 -19.64
N ASN D 38 4.60 -21.82 -19.79
CA ASN D 38 5.14 -22.94 -19.03
C ASN D 38 5.88 -22.38 -17.83
N ARG D 39 6.54 -23.28 -17.09
CA ARG D 39 7.22 -22.89 -15.86
C ARG D 39 8.27 -21.82 -16.13
N GLU D 40 8.99 -21.94 -17.25
CA GLU D 40 10.05 -20.99 -17.59
C GLU D 40 9.50 -19.63 -17.99
N ALA D 41 8.37 -19.60 -18.70
CA ALA D 41 7.78 -18.34 -19.13
C ALA D 41 7.28 -17.52 -17.95
N VAL D 42 6.67 -18.17 -16.96
CA VAL D 42 6.16 -17.44 -15.80
C VAL D 42 7.31 -16.84 -15.02
N ALA D 43 8.37 -17.62 -14.82
CA ALA D 43 9.56 -17.13 -14.14
C ALA D 43 10.18 -15.95 -14.86
N THR D 44 10.24 -16.02 -16.20
CA THR D 44 10.81 -14.94 -16.98
C THR D 44 9.95 -13.68 -16.91
N THR D 45 8.62 -13.83 -16.91
CA THR D 45 7.76 -12.68 -16.72
C THR D 45 8.04 -12.00 -15.38
N ILE D 46 8.19 -12.79 -14.31
CA ILE D 46 8.43 -12.25 -12.97
C ILE D 46 9.74 -11.47 -12.94
N SER D 47 10.83 -12.06 -13.46
CA SER D 47 12.14 -11.44 -13.31
C SER D 47 12.28 -10.19 -14.18
N SER D 48 11.85 -10.27 -15.45
CA SER D 48 12.09 -9.22 -16.43
C SER D 48 11.03 -8.12 -16.43
N ARG D 49 9.90 -8.34 -15.76
CA ARG D 49 8.76 -7.43 -15.75
C ARG D 49 8.20 -7.20 -17.14
N LYS D 50 8.44 -8.15 -18.04
CA LYS D 50 7.92 -8.13 -19.40
C LYS D 50 7.17 -9.42 -19.61
N ALA D 51 5.91 -9.30 -20.02
CA ALA D 51 5.06 -10.48 -20.21
C ALA D 51 5.72 -11.45 -21.17
N THR D 52 6.02 -12.66 -20.69
CA THR D 52 6.66 -13.70 -21.47
C THR D 52 5.79 -14.95 -21.43
N PHE D 53 5.61 -15.57 -22.59
CA PHE D 53 4.70 -16.71 -22.76
C PHE D 53 5.48 -17.87 -23.40
N TYR D 54 4.82 -19.01 -23.55
CA TYR D 54 5.37 -20.11 -24.34
C TYR D 54 4.51 -20.29 -25.59
N SER D 55 5.08 -20.06 -26.77
CA SER D 55 4.35 -20.27 -28.01
C SER D 55 4.30 -21.75 -28.29
N ARG D 56 3.11 -22.34 -28.19
CA ARG D 56 2.96 -23.78 -28.43
C ARG D 56 3.28 -24.11 -29.88
N SER D 57 2.85 -23.26 -30.82
CA SER D 57 3.05 -23.51 -32.24
C SER D 57 4.52 -23.40 -32.62
N ARG D 58 5.19 -22.33 -32.19
CA ARG D 58 6.60 -22.13 -32.50
C ARG D 58 7.52 -22.92 -31.59
N SER D 59 6.98 -23.54 -30.53
CA SER D 59 7.71 -24.43 -29.63
C SER D 59 8.96 -23.76 -29.07
N SER D 60 8.75 -22.61 -28.44
CA SER D 60 9.84 -21.80 -27.93
C SER D 60 9.27 -20.75 -27.00
N LEU D 61 10.15 -20.17 -26.18
CA LEU D 61 9.78 -19.02 -25.35
C LEU D 61 9.55 -17.79 -26.21
N TRP D 62 8.65 -16.92 -25.74
CA TRP D 62 8.32 -15.71 -26.48
C TRP D 62 7.95 -14.60 -25.50
N THR D 63 8.70 -13.51 -25.54
CA THR D 63 8.37 -12.28 -24.83
C THR D 63 7.68 -11.34 -25.79
N LYS D 64 6.44 -10.98 -25.47
CA LYS D 64 5.68 -10.07 -26.31
C LYS D 64 6.43 -8.76 -26.46
N GLY D 65 6.72 -8.40 -27.72
CA GLY D 65 7.47 -7.20 -28.00
C GLY D 65 8.93 -7.40 -28.34
N GLU D 66 9.42 -8.65 -28.32
CA GLU D 66 10.85 -8.90 -28.53
C GLU D 66 11.33 -8.43 -29.90
N THR D 67 10.46 -8.42 -30.91
CA THR D 67 10.81 -7.88 -32.24
C THR D 67 10.15 -6.55 -32.51
N SER D 68 8.93 -6.37 -32.06
CA SER D 68 8.12 -5.19 -32.37
C SER D 68 8.32 -4.05 -31.40
N ASN D 69 9.00 -4.30 -30.28
CA ASN D 69 9.23 -3.37 -29.17
C ASN D 69 7.96 -3.02 -28.40
N ASN D 70 6.85 -3.74 -28.62
CA ASN D 70 5.60 -3.50 -27.89
C ASN D 70 5.53 -4.37 -26.64
N PHE D 71 6.41 -4.09 -25.69
CA PHE D 71 6.43 -4.85 -24.45
C PHE D 71 5.20 -4.58 -23.59
N ILE D 72 4.88 -5.56 -22.74
CA ILE D 72 3.87 -5.39 -21.71
C ILE D 72 4.62 -5.33 -20.39
N ASN D 73 4.82 -4.13 -19.85
CA ASN D 73 5.51 -4.02 -18.56
C ASN D 73 4.59 -4.47 -17.44
N VAL D 74 4.89 -5.62 -16.85
CA VAL D 74 3.98 -6.29 -15.93
C VAL D 74 4.12 -5.69 -14.53
N HIS D 75 2.99 -5.33 -13.93
CA HIS D 75 2.94 -4.79 -12.58
C HIS D 75 2.61 -5.83 -11.52
N ASP D 76 1.82 -6.85 -11.87
CA ASP D 76 1.50 -7.92 -10.94
C ASP D 76 1.21 -9.20 -11.72
N VAL D 77 1.35 -10.31 -11.00
CA VAL D 77 1.00 -11.63 -11.53
C VAL D 77 0.06 -12.27 -10.53
N PHE D 78 -1.08 -12.76 -11.01
CA PHE D 78 -2.10 -13.36 -10.16
C PHE D 78 -2.40 -14.79 -10.61
N LEU D 79 -2.68 -15.66 -9.65
CA LEU D 79 -3.17 -17.00 -9.91
C LEU D 79 -4.65 -17.12 -9.53
N ASP D 80 -5.41 -17.85 -10.35
CA ASP D 80 -6.81 -18.07 -9.99
C ASP D 80 -6.89 -19.10 -8.85
N CYS D 81 -8.12 -19.48 -8.49
CA CYS D 81 -8.34 -20.30 -7.31
C CYS D 81 -7.71 -21.69 -7.44
N ASP D 82 -7.97 -22.37 -8.56
CA ASP D 82 -7.37 -23.68 -8.78
C ASP D 82 -5.90 -23.59 -9.21
N ARG D 83 -5.37 -22.37 -9.37
CA ARG D 83 -3.97 -22.12 -9.75
C ARG D 83 -3.62 -22.74 -11.10
N ASP D 84 -4.54 -22.64 -12.07
CA ASP D 84 -4.30 -23.11 -13.44
C ASP D 84 -4.46 -22.01 -14.47
N SER D 85 -4.66 -20.77 -14.02
CA SER D 85 -4.84 -19.63 -14.88
C SER D 85 -4.06 -18.46 -14.29
N ILE D 86 -3.42 -17.68 -15.15
CA ILE D 86 -2.53 -16.62 -14.71
C ILE D 86 -2.98 -15.30 -15.34
N ILE D 87 -2.91 -14.23 -14.56
CA ILE D 87 -3.11 -12.89 -15.08
C ILE D 87 -1.79 -12.16 -14.97
N TYR D 88 -1.27 -11.71 -16.10
CA TYR D 88 -0.21 -10.72 -16.15
C TYR D 88 -0.87 -9.35 -16.13
N LEU D 89 -0.72 -8.63 -15.03
CA LEU D 89 -1.31 -7.30 -14.91
C LEU D 89 -0.24 -6.29 -15.32
N GLY D 90 -0.40 -5.69 -16.51
CA GLY D 90 0.66 -4.88 -17.06
C GLY D 90 0.20 -3.70 -17.85
N LYS D 91 1.18 -2.91 -18.27
CA LYS D 91 0.98 -1.68 -19.04
C LYS D 91 1.63 -1.87 -20.40
N PRO D 92 0.89 -1.84 -21.50
CA PRO D 92 1.49 -2.14 -22.79
C PRO D 92 2.20 -0.92 -23.35
N ASP D 93 3.39 -1.15 -23.94
CA ASP D 93 4.13 -0.09 -24.60
C ASP D 93 3.41 0.39 -25.84
N GLY D 94 2.86 -0.54 -26.62
CA GLY D 94 2.09 -0.22 -27.80
C GLY D 94 0.93 -1.18 -27.96
N PRO D 95 0.42 -1.29 -29.19
CA PRO D 95 -0.69 -2.21 -29.44
C PRO D 95 -0.27 -3.64 -29.22
N THR D 96 -1.17 -4.42 -28.62
CA THR D 96 -0.80 -5.78 -28.21
C THR D 96 -0.93 -6.77 -29.36
N CYS D 97 -1.97 -6.65 -30.18
CA CYS D 97 -2.16 -7.63 -31.23
C CYS D 97 -1.10 -7.46 -32.32
N HIS D 98 -0.70 -8.59 -32.92
CA HIS D 98 0.37 -8.50 -33.92
C HIS D 98 -0.12 -7.83 -35.19
N THR D 99 -1.45 -7.76 -35.38
CA THR D 99 -2.05 -7.08 -36.51
C THR D 99 -1.98 -5.56 -36.37
N GLY D 100 -1.66 -5.05 -35.18
CA GLY D 100 -1.63 -3.64 -34.90
C GLY D 100 -2.77 -3.16 -34.02
N ALA D 101 -3.74 -4.03 -33.75
CA ALA D 101 -4.89 -3.68 -32.93
C ALA D 101 -4.48 -3.45 -31.48
N GLU D 102 -5.24 -2.59 -30.81
CA GLU D 102 -4.95 -2.24 -29.42
C GLU D 102 -4.94 -3.49 -28.54
N THR D 103 -6.00 -4.29 -28.63
CA THR D 103 -6.07 -5.63 -28.05
C THR D 103 -6.34 -6.66 -29.15
N CYS D 104 -6.34 -7.93 -28.75
CA CYS D 104 -6.62 -9.02 -29.67
C CYS D 104 -8.10 -9.33 -29.83
N TYR D 105 -8.96 -8.75 -29.01
CA TYR D 105 -10.38 -9.10 -28.98
C TYR D 105 -11.16 -7.99 -29.67
N TYR D 106 -11.53 -8.23 -30.95
CA TYR D 106 -12.28 -7.23 -31.69
C TYR D 106 -13.26 -7.84 -32.70
N THR D 107 -13.72 -9.07 -32.49
CA THR D 107 -14.71 -9.71 -33.36
C THR D 107 -15.95 -9.96 -32.51
N PRO D 108 -16.88 -8.99 -32.46
CA PRO D 108 -18.10 -9.19 -31.66
C PRO D 108 -19.03 -10.17 -32.34
N VAL D 109 -19.60 -11.07 -31.54
CA VAL D 109 -20.49 -12.10 -32.08
C VAL D 109 -21.96 -11.68 -32.11
N PHE D 110 -22.42 -10.86 -31.15
CA PHE D 110 -23.82 -10.49 -31.15
C PHE D 110 -24.16 -9.43 -32.21
N ASP D 111 -23.22 -8.54 -32.51
CA ASP D 111 -23.42 -7.60 -33.61
C ASP D 111 -23.21 -8.25 -34.97
N LEU D 112 -22.68 -9.47 -34.99
CA LEU D 112 -22.34 -10.17 -36.22
C LEU D 112 -23.17 -11.43 -36.31
N ASN D 121 -16.03 -5.02 -37.06
CA ASN D 121 -14.94 -5.25 -36.12
C ASN D 121 -14.73 -4.07 -35.20
N LYS D 122 -15.27 -4.16 -33.99
CA LYS D 122 -15.07 -3.15 -32.96
C LYS D 122 -14.41 -3.78 -31.74
N LEU D 123 -13.55 -3.00 -31.08
CA LEU D 123 -12.88 -3.49 -29.88
C LEU D 123 -13.88 -3.81 -28.79
N ALA D 124 -13.48 -4.70 -27.91
CA ALA D 124 -14.26 -4.99 -26.70
C ALA D 124 -13.99 -3.90 -25.67
N LEU D 125 -15.04 -3.19 -25.26
CA LEU D 125 -14.92 -2.13 -24.28
C LEU D 125 -15.87 -2.38 -23.11
N THR D 126 -15.44 -2.07 -21.90
CA THR D 126 -16.34 -2.06 -20.76
C THR D 126 -17.07 -0.72 -20.72
N SER D 127 -17.97 -0.59 -19.74
CA SER D 127 -18.97 0.49 -19.76
C SER D 127 -18.31 1.87 -19.85
N LEU D 128 -17.28 2.11 -19.04
CA LEU D 128 -16.66 3.43 -19.03
C LEU D 128 -15.99 3.74 -20.37
N TYR D 129 -15.34 2.77 -20.97
CA TYR D 129 -14.64 3.04 -22.22
C TYR D 129 -15.57 2.93 -23.42
N ALA D 130 -16.71 2.28 -23.27
CA ALA D 130 -17.74 2.35 -24.30
C ALA D 130 -18.35 3.74 -24.37
N LEU D 131 -18.58 4.38 -23.22
CA LEU D 131 -19.04 5.76 -23.20
C LEU D 131 -18.00 6.69 -23.79
N GLU D 132 -16.72 6.45 -23.47
CA GLU D 132 -15.64 7.22 -24.06
C GLU D 132 -15.63 7.09 -25.58
N SER D 133 -15.88 5.89 -26.07
CA SER D 133 -15.91 5.68 -27.51
C SER D 133 -17.10 6.36 -28.16
N THR D 134 -18.27 6.32 -27.49
CA THR D 134 -19.45 7.02 -28.00
C THR D 134 -19.21 8.52 -28.10
N ILE D 135 -18.71 9.14 -27.02
CA ILE D 135 -18.42 10.57 -27.03
C ILE D 135 -17.42 10.90 -28.13
N SER D 136 -16.46 10.00 -28.37
CA SER D 136 -15.51 10.20 -29.46
C SER D 136 -16.21 10.19 -30.81
N GLN D 137 -17.19 9.30 -30.97
CA GLN D 137 -17.93 9.26 -32.22
C GLN D 137 -18.80 10.49 -32.41
N ARG D 138 -19.43 11.00 -31.34
CA ARG D 138 -20.20 12.24 -31.47
C ARG D 138 -19.29 13.41 -31.81
N LYS D 139 -18.07 13.42 -31.26
CA LYS D 139 -17.11 14.47 -31.59
C LYS D 139 -16.73 14.42 -33.06
N ALA D 140 -16.59 13.22 -33.62
CA ALA D 140 -16.26 13.10 -35.03
C ALA D 140 -17.44 13.45 -35.93
N GLU D 141 -18.65 13.02 -35.54
CA GLU D 141 -19.85 13.29 -36.34
C GLU D 141 -20.31 14.74 -36.23
N VAL D 142 -19.81 15.49 -35.26
CA VAL D 142 -20.09 16.92 -35.17
C VAL D 142 -19.46 17.69 -36.33
N SER D 150 -28.36 15.93 -30.63
CA SER D 150 -27.93 15.15 -29.48
C SER D 150 -27.29 16.03 -28.41
N TRP D 151 -27.45 15.67 -27.13
CA TRP D 151 -26.91 16.48 -26.03
C TRP D 151 -25.39 16.45 -26.01
N THR D 152 -24.76 15.36 -26.46
CA THR D 152 -23.30 15.32 -26.49
C THR D 152 -22.75 16.30 -27.52
N LYS D 153 -23.32 16.31 -28.74
CA LYS D 153 -22.85 17.24 -29.77
C LYS D 153 -23.07 18.68 -29.33
N ARG D 154 -24.11 18.93 -28.55
CA ARG D 154 -24.33 20.27 -28.05
C ARG D 154 -23.29 20.68 -27.02
N LEU D 155 -22.85 19.75 -26.18
CA LEU D 155 -21.83 20.07 -25.19
C LEU D 155 -20.48 20.30 -25.87
N LEU D 156 -20.16 19.50 -26.88
CA LEU D 156 -18.90 19.67 -27.60
C LEU D 156 -18.82 21.02 -28.29
N LEU D 157 -19.95 21.64 -28.59
CA LEU D 157 -20.00 22.92 -29.30
C LEU D 157 -20.25 24.12 -28.40
N ASN D 158 -20.25 23.94 -27.07
CA ASN D 158 -20.52 25.08 -26.18
C ASN D 158 -19.67 24.89 -24.91
N ASP D 159 -18.53 25.57 -24.87
CA ASP D 159 -17.64 25.47 -23.71
C ASP D 159 -18.28 26.02 -22.44
N LYS D 160 -18.93 27.18 -22.52
CA LYS D 160 -19.53 27.75 -21.31
C LYS D 160 -20.65 26.86 -20.79
N LEU D 161 -21.45 26.28 -21.69
CA LEU D 161 -22.50 25.36 -21.26
C LEU D 161 -21.88 24.09 -20.66
N LEU D 162 -20.85 23.55 -21.31
CA LEU D 162 -20.20 22.35 -20.79
C LEU D 162 -19.60 22.62 -19.42
N CYS D 163 -18.89 23.75 -19.28
CA CYS D 163 -18.24 24.05 -18.00
C CYS D 163 -19.26 24.37 -16.91
N SER D 164 -20.33 25.09 -17.25
CA SER D 164 -21.37 25.33 -16.25
C SER D 164 -22.02 24.03 -15.82
N LYS D 165 -22.21 23.11 -16.76
CA LYS D 165 -22.82 21.82 -16.44
C LYS D 165 -21.89 20.98 -15.56
N ILE D 166 -20.57 21.06 -15.78
CA ILE D 166 -19.61 20.35 -14.94
C ILE D 166 -19.66 20.89 -13.51
N ARG D 167 -19.63 22.22 -13.37
CA ARG D 167 -19.64 22.83 -12.04
C ARG D 167 -20.96 22.54 -11.31
N GLU D 168 -22.07 22.62 -12.03
CA GLU D 168 -23.38 22.39 -11.43
C GLU D 168 -23.53 20.97 -10.90
N GLU D 169 -23.09 19.97 -11.68
CA GLU D 169 -23.25 18.59 -11.25
C GLU D 169 -22.35 18.29 -10.05
N ALA D 170 -21.13 18.84 -10.06
CA ALA D 170 -20.25 18.70 -8.92
C ALA D 170 -20.86 19.30 -7.68
N ASN D 171 -21.62 20.38 -7.83
CA ASN D 171 -22.33 20.93 -6.69
C ASN D 171 -23.35 19.95 -6.14
N GLU D 172 -24.17 19.37 -7.02
CA GLU D 172 -25.21 18.47 -6.55
C GLU D 172 -24.62 17.21 -5.93
N LEU D 173 -23.50 16.73 -6.47
CA LEU D 173 -22.86 15.57 -5.87
C LEU D 173 -22.51 15.83 -4.41
N CYS D 174 -21.96 17.01 -4.12
CA CYS D 174 -21.65 17.36 -2.74
C CYS D 174 -22.90 17.49 -1.90
N GLU D 175 -23.98 18.03 -2.47
CA GLU D 175 -25.19 18.22 -1.70
C GLU D 175 -25.79 16.89 -1.27
N THR D 176 -25.53 15.80 -2.02
CA THR D 176 -26.00 14.50 -1.57
C THR D 176 -25.32 14.06 -0.29
N LEU D 177 -24.07 14.49 -0.08
CA LEU D 177 -23.40 14.29 1.19
C LEU D 177 -23.89 15.29 2.23
N GLU D 178 -23.92 16.57 1.85
CA GLU D 178 -24.19 17.66 2.77
C GLU D 178 -25.58 17.54 3.37
N ASN D 179 -26.57 17.26 2.55
CA ASN D 179 -27.96 17.20 2.99
C ASN D 179 -28.45 15.77 3.24
N ASN D 180 -27.53 14.80 3.36
CA ASN D 180 -27.86 13.42 3.74
C ASN D 180 -28.92 12.84 2.81
N GLU D 181 -28.70 12.98 1.52
CA GLU D 181 -29.58 12.39 0.54
C GLU D 181 -29.26 10.90 0.44
N ASP D 182 -30.17 10.15 -0.18
CA ASP D 182 -29.98 8.71 -0.30
C ASP D 182 -28.74 8.41 -1.14
N LYS D 183 -28.11 7.26 -0.84
CA LYS D 183 -26.90 6.85 -1.55
C LYS D 183 -27.16 6.69 -3.04
N SER D 184 -28.37 6.24 -3.43
CA SER D 184 -28.69 6.09 -4.84
C SER D 184 -28.64 7.42 -5.59
N ARG D 185 -28.97 8.52 -4.90
CA ARG D 185 -28.82 9.84 -5.48
C ARG D 185 -27.35 10.23 -5.62
N THR D 186 -26.53 9.87 -4.63
CA THR D 186 -25.09 10.09 -4.76
C THR D 186 -24.56 9.37 -5.99
N ALA D 187 -25.05 8.16 -6.23
CA ALA D 187 -24.64 7.41 -7.42
C ALA D 187 -25.09 8.10 -8.69
N SER D 188 -26.34 8.58 -8.72
CA SER D 188 -26.85 9.21 -9.93
C SER D 188 -26.12 10.51 -10.24
N GLU D 189 -25.82 11.33 -9.23
CA GLU D 189 -25.13 12.59 -9.45
C GLU D 189 -23.65 12.37 -9.77
N MET D 190 -23.04 11.34 -9.21
CA MET D 190 -21.68 10.99 -9.61
C MET D 190 -21.64 10.58 -11.07
N ALA D 191 -22.68 9.88 -11.54
CA ALA D 191 -22.77 9.58 -12.95
C ALA D 191 -22.90 10.86 -13.78
N ASP D 192 -23.69 11.82 -13.30
CA ASP D 192 -23.82 13.09 -13.98
C ASP D 192 -22.48 13.80 -14.07
N VAL D 193 -21.70 13.78 -12.98
CA VAL D 193 -20.39 14.42 -12.99
C VAL D 193 -19.49 13.74 -14.01
N LEU D 194 -19.51 12.41 -14.02
CA LEU D 194 -18.63 11.66 -14.92
C LEU D 194 -18.90 11.97 -16.38
N TYR D 195 -20.17 11.95 -16.78
CA TYR D 195 -20.48 12.15 -18.18
C TYR D 195 -20.01 13.51 -18.65
N HIS D 196 -20.38 14.56 -17.93
CA HIS D 196 -20.01 15.91 -18.32
C HIS D 196 -18.50 16.14 -18.27
N ALA D 197 -17.80 15.46 -17.35
CA ALA D 197 -16.35 15.56 -17.31
C ALA D 197 -15.70 14.89 -18.52
N MET D 198 -16.26 13.75 -18.97
CA MET D 198 -15.63 13.03 -20.08
C MET D 198 -15.82 13.73 -21.43
N VAL D 199 -16.87 14.53 -21.57
CA VAL D 199 -16.98 15.33 -22.78
C VAL D 199 -15.91 16.40 -22.79
N LEU D 200 -15.60 16.97 -21.62
CA LEU D 200 -14.48 17.92 -21.54
C LEU D 200 -13.17 17.23 -21.88
N LEU D 201 -12.97 16.00 -21.37
CA LEU D 201 -11.77 15.25 -21.72
C LEU D 201 -11.70 15.04 -23.22
N ALA D 202 -12.84 14.75 -23.84
CA ALA D 202 -12.86 14.55 -25.27
C ALA D 202 -12.50 15.84 -26.00
N LEU D 203 -12.94 16.99 -25.48
CA LEU D 203 -12.58 18.25 -26.10
C LEU D 203 -11.08 18.51 -26.01
N LYS D 204 -10.47 18.14 -24.88
CA LYS D 204 -9.06 18.36 -24.64
C LYS D 204 -8.20 17.19 -25.07
N ASP D 205 -8.78 16.19 -25.73
CA ASP D 205 -8.05 15.05 -26.25
C ASP D 205 -7.33 14.29 -25.13
N VAL D 206 -8.10 13.89 -24.12
CA VAL D 206 -7.58 13.16 -22.97
C VAL D 206 -8.32 11.84 -22.90
N LYS D 207 -7.56 10.74 -22.92
CA LYS D 207 -8.12 9.41 -22.77
C LYS D 207 -8.31 9.07 -21.29
N VAL D 208 -9.31 8.23 -21.01
CA VAL D 208 -9.56 7.81 -19.64
C VAL D 208 -8.37 7.05 -19.08
N GLU D 209 -7.71 6.24 -19.92
CA GLU D 209 -6.54 5.51 -19.47
C GLU D 209 -5.46 6.45 -18.95
N GLU D 210 -5.29 7.60 -19.61
CA GLU D 210 -4.29 8.57 -19.18
C GLU D 210 -4.59 9.12 -17.79
N VAL D 211 -5.87 9.37 -17.50
CA VAL D 211 -6.23 9.87 -16.17
C VAL D 211 -5.96 8.82 -15.09
N LEU D 212 -6.30 7.55 -15.36
CA LEU D 212 -6.05 6.50 -14.38
C LEU D 212 -4.56 6.24 -14.17
N GLN D 213 -3.74 6.47 -15.21
CA GLN D 213 -2.30 6.37 -15.01
C GLN D 213 -1.80 7.41 -14.01
N VAL D 214 -2.36 8.64 -14.08
CA VAL D 214 -2.00 9.67 -13.11
C VAL D 214 -2.38 9.23 -11.70
N LEU D 215 -3.59 8.66 -11.54
CA LEU D 215 -3.98 8.14 -10.23
C LEU D 215 -3.01 7.08 -9.75
N ARG D 216 -2.66 6.12 -10.62
CA ARG D 216 -1.73 5.08 -10.21
C ARG D 216 -0.38 5.69 -9.85
N GLN D 217 0.06 6.67 -10.63
CA GLN D 217 1.35 7.30 -10.36
C GLN D 217 1.35 8.12 -9.08
N ARG D 218 0.19 8.43 -8.51
CA ARG D 218 0.17 9.15 -7.25
C ARG D 218 0.03 8.23 -6.05
N PHE D 219 0.14 6.91 -6.24
CA PHE D 219 0.09 5.98 -5.12
C PHE D 219 1.35 6.13 -4.26
N ASN E 2 4.79 53.13 9.89
CA ASN E 2 5.07 51.70 9.86
C ASN E 2 6.27 51.40 8.94
N ALA E 3 7.26 50.68 9.48
CA ALA E 3 8.46 50.36 8.72
C ALA E 3 8.15 49.52 7.49
N VAL E 4 7.11 48.67 7.57
CA VAL E 4 6.73 47.87 6.41
C VAL E 4 6.22 48.76 5.29
N ASP E 5 5.46 49.80 5.62
CA ASP E 5 5.02 50.73 4.59
C ASP E 5 6.20 51.43 3.92
N SER E 6 7.21 51.83 4.70
CA SER E 6 8.36 52.49 4.12
C SER E 6 9.13 51.58 3.17
N LEU E 7 9.09 50.26 3.38
CA LEU E 7 9.81 49.37 2.48
C LEU E 7 9.00 49.02 1.25
N LEU E 8 7.69 48.80 1.42
CA LEU E 8 6.84 48.47 0.29
C LEU E 8 6.57 49.68 -0.60
N ASP E 9 6.62 50.89 -0.05
CA ASP E 9 6.41 52.06 -0.90
C ASP E 9 7.52 52.21 -1.91
N SER E 10 8.72 51.72 -1.58
CA SER E 10 9.83 51.78 -2.49
C SER E 10 9.75 50.72 -3.58
N VAL E 11 8.85 49.76 -3.43
CA VAL E 11 8.70 48.66 -4.39
C VAL E 11 8.00 49.17 -5.65
N LYS E 12 8.52 48.80 -6.82
CA LYS E 12 7.89 49.20 -8.06
C LYS E 12 6.92 48.11 -8.48
N TRP E 13 5.64 48.33 -8.20
CA TRP E 13 4.57 47.44 -8.60
C TRP E 13 4.10 47.78 -10.01
N ASP E 14 3.52 46.79 -10.68
CA ASP E 14 3.04 46.98 -12.05
C ASP E 14 1.72 47.76 -12.03
N ASN E 15 1.07 47.86 -13.20
CA ASN E 15 -0.17 48.63 -13.28
C ASN E 15 -1.27 48.00 -12.45
N LYS E 16 -1.20 46.70 -12.23
CA LYS E 16 -2.17 46.01 -11.37
C LYS E 16 -1.71 45.94 -9.93
N GLY E 17 -0.58 46.58 -9.60
CA GLY E 17 -0.10 46.62 -8.24
C GLY E 17 0.59 45.37 -7.77
N LEU E 18 1.18 44.63 -8.69
CA LEU E 18 1.74 43.33 -8.41
C LEU E 18 3.24 43.30 -8.71
N ALA E 19 3.91 42.33 -8.10
CA ALA E 19 5.30 42.03 -8.40
C ALA E 19 5.48 40.52 -8.37
N VAL E 20 6.48 40.05 -9.11
CA VAL E 20 6.82 38.63 -9.14
C VAL E 20 7.33 38.23 -7.76
N ALA E 21 6.75 37.15 -7.23
CA ALA E 21 7.19 36.60 -5.95
C ALA E 21 7.61 35.17 -6.19
N ILE E 22 8.86 34.86 -5.88
CA ILE E 22 9.44 33.53 -6.09
C ILE E 22 9.67 32.89 -4.74
N ALA E 23 9.17 31.66 -4.58
CA ALA E 23 9.40 30.85 -3.39
C ALA E 23 10.58 29.91 -3.64
N GLN E 24 11.59 29.97 -2.78
CA GLN E 24 12.81 29.18 -2.93
C GLN E 24 13.10 28.43 -1.64
N ASN E 25 13.55 27.19 -1.79
CA ASN E 25 13.87 26.36 -0.64
C ASN E 25 15.10 26.95 0.07
N VAL E 26 14.92 27.29 1.35
CA VAL E 26 15.97 27.91 2.15
C VAL E 26 17.14 26.97 2.34
N ASP E 27 16.89 25.65 2.31
CA ASP E 27 17.93 24.65 2.55
C ASP E 27 18.61 24.17 1.27
N THR E 28 17.87 24.03 0.17
CA THR E 28 18.43 23.48 -1.06
C THR E 28 18.61 24.49 -2.19
N GLY E 29 17.84 25.56 -2.20
CA GLY E 29 17.89 26.52 -3.27
C GLY E 29 16.90 26.26 -4.38
N ALA E 30 16.17 25.15 -4.32
CA ALA E 30 15.19 24.81 -5.34
C ALA E 30 14.08 25.85 -5.39
N ILE E 31 13.73 26.26 -6.60
CA ILE E 31 12.62 27.18 -6.81
C ILE E 31 11.33 26.37 -6.65
N LEU E 32 10.55 26.69 -5.60
CA LEU E 32 9.34 25.94 -5.32
C LEU E 32 8.22 26.30 -6.27
N MET E 33 8.01 27.59 -6.50
CA MET E 33 6.89 28.11 -7.28
C MET E 33 7.14 29.60 -7.52
N GLN E 34 6.44 30.15 -8.51
CA GLN E 34 6.52 31.57 -8.81
C GLN E 34 5.10 32.09 -9.00
N GLY E 35 4.72 33.08 -8.23
CA GLY E 35 3.42 33.70 -8.34
C GLY E 35 3.57 35.21 -8.37
N PHE E 36 2.54 35.88 -7.87
CA PHE E 36 2.56 37.33 -7.81
C PHE E 36 2.08 37.78 -6.43
N ALA E 37 2.64 38.90 -5.98
CA ALA E 37 2.28 39.48 -4.70
C ALA E 37 1.99 40.96 -4.87
N ASN E 38 0.95 41.43 -4.20
CA ASN E 38 0.70 42.86 -4.09
C ASN E 38 1.24 43.33 -2.75
N ARG E 39 1.00 44.60 -2.43
CA ARG E 39 1.51 45.14 -1.17
C ARG E 39 0.95 44.37 0.03
N GLU E 40 -0.33 43.98 -0.01
CA GLU E 40 -0.89 43.24 1.12
C GLU E 40 -0.31 41.84 1.24
N ALA E 41 -0.02 41.21 0.10
CA ALA E 41 0.56 39.86 0.13
C ALA E 41 1.97 39.85 0.72
N VAL E 42 2.78 40.86 0.40
CA VAL E 42 4.12 40.91 0.95
C VAL E 42 4.06 41.16 2.46
N ALA E 43 3.24 42.14 2.86
CA ALA E 43 3.08 42.45 4.28
C ALA E 43 2.62 41.23 5.05
N THR E 44 1.68 40.47 4.47
CA THR E 44 1.18 39.29 5.15
C THR E 44 2.25 38.23 5.26
N THR E 45 3.05 38.05 4.19
CA THR E 45 4.15 37.09 4.25
C THR E 45 5.11 37.45 5.37
N ILE E 46 5.42 38.75 5.51
CA ILE E 46 6.33 39.22 6.55
C ILE E 46 5.77 38.91 7.93
N SER E 47 4.52 39.30 8.18
CA SER E 47 3.95 39.18 9.52
C SER E 47 3.64 37.73 9.89
N SER E 48 3.07 36.95 8.96
CA SER E 48 2.63 35.58 9.25
C SER E 48 3.72 34.54 9.04
N ARG E 49 4.82 34.91 8.38
CA ARG E 49 5.93 34.02 8.08
C ARG E 49 5.49 32.84 7.22
N LYS E 50 4.38 32.96 6.52
CA LYS E 50 3.89 31.94 5.60
C LYS E 50 3.68 32.61 4.25
N ALA E 51 4.29 32.05 3.21
CA ALA E 51 4.29 32.66 1.88
C ALA E 51 2.88 32.98 1.42
N THR E 52 2.62 34.26 1.16
CA THR E 52 1.31 34.73 0.75
C THR E 52 1.44 35.51 -0.56
N PHE E 53 0.53 35.23 -1.48
CA PHE E 53 0.52 35.75 -2.84
C PHE E 53 -0.82 36.39 -3.11
N TYR E 54 -0.97 36.92 -4.31
CA TYR E 54 -2.26 37.36 -4.82
C TYR E 54 -2.63 36.43 -5.96
N SER E 55 -3.69 35.66 -5.79
CA SER E 55 -4.21 34.82 -6.85
C SER E 55 -4.99 35.71 -7.80
N ARG E 56 -4.45 35.93 -9.00
CA ARG E 56 -5.11 36.80 -9.97
C ARG E 56 -6.43 36.22 -10.43
N SER E 57 -6.49 34.88 -10.62
CA SER E 57 -7.72 34.26 -11.10
C SER E 57 -8.85 34.39 -10.08
N ARG E 58 -8.58 34.01 -8.82
CA ARG E 58 -9.60 34.11 -7.79
C ARG E 58 -9.75 35.50 -7.18
N SER E 59 -8.87 36.45 -7.53
CA SER E 59 -8.99 37.85 -7.11
C SER E 59 -9.06 38.01 -5.59
N SER E 60 -8.06 37.46 -4.91
CA SER E 60 -8.04 37.48 -3.45
C SER E 60 -6.65 37.09 -2.98
N LEU E 61 -6.38 37.35 -1.71
CA LEU E 61 -5.15 36.91 -1.05
C LEU E 61 -5.14 35.38 -0.93
N TRP E 62 -3.94 34.80 -1.01
CA TRP E 62 -3.82 33.34 -0.97
C TRP E 62 -2.53 32.95 -0.29
N THR E 63 -2.63 32.17 0.80
CA THR E 63 -1.48 31.60 1.49
C THR E 63 -1.27 30.15 1.06
N LYS E 64 -0.10 29.86 0.50
CA LYS E 64 0.23 28.49 0.14
C LYS E 64 0.18 27.60 1.37
N GLY E 65 -0.68 26.59 1.31
CA GLY E 65 -0.90 25.65 2.39
C GLY E 65 -2.15 25.88 3.20
N GLU E 66 -2.92 26.93 2.89
CA GLU E 66 -4.07 27.26 3.73
C GLU E 66 -5.07 26.13 3.79
N THR E 67 -5.17 25.31 2.75
CA THR E 67 -6.06 24.15 2.75
C THR E 67 -5.32 22.84 2.86
N SER E 68 -4.18 22.72 2.17
CA SER E 68 -3.46 21.47 2.07
C SER E 68 -2.44 21.28 3.18
N ASN E 69 -2.21 22.33 3.99
CA ASN E 69 -1.21 22.38 5.04
C ASN E 69 0.21 22.36 4.50
N ASN E 70 0.39 22.55 3.19
CA ASN E 70 1.73 22.66 2.63
C ASN E 70 2.20 24.10 2.67
N PHE E 71 2.36 24.59 3.90
CA PHE E 71 2.85 25.94 4.12
C PHE E 71 4.30 26.05 3.68
N ILE E 72 4.70 27.26 3.33
CA ILE E 72 6.10 27.59 3.13
C ILE E 72 6.49 28.52 4.27
N ASN E 73 7.17 27.98 5.28
CA ASN E 73 7.57 28.81 6.42
C ASN E 73 8.73 29.71 6.01
N VAL E 74 8.48 31.00 5.97
CA VAL E 74 9.41 31.94 5.37
C VAL E 74 10.50 32.29 6.37
N HIS E 75 11.76 32.20 5.92
CA HIS E 75 12.91 32.57 6.72
C HIS E 75 13.43 33.96 6.39
N ASP E 76 13.33 34.40 5.14
CA ASP E 76 13.66 35.78 4.81
C ASP E 76 12.96 36.16 3.52
N VAL E 77 12.85 37.46 3.29
CA VAL E 77 12.26 38.02 2.08
C VAL E 77 13.28 38.95 1.46
N PHE E 78 13.52 38.77 0.16
CA PHE E 78 14.53 39.55 -0.53
C PHE E 78 13.90 40.31 -1.70
N LEU E 79 14.38 41.53 -1.90
CA LEU E 79 14.04 42.33 -3.07
C LEU E 79 15.22 42.35 -4.01
N ASP E 80 14.94 42.33 -5.32
CA ASP E 80 16.04 42.44 -6.26
C ASP E 80 16.53 43.88 -6.30
N CYS E 81 17.48 44.12 -7.20
CA CYS E 81 18.20 45.38 -7.22
C CYS E 81 17.26 46.55 -7.52
N ASP E 82 16.49 46.47 -8.61
CA ASP E 82 15.54 47.52 -8.90
C ASP E 82 14.23 47.39 -8.10
N ARG E 83 14.16 46.39 -7.22
CA ARG E 83 13.06 46.22 -6.26
C ARG E 83 11.71 46.01 -6.94
N ASP E 84 11.70 45.14 -7.98
CA ASP E 84 10.46 44.71 -8.63
C ASP E 84 10.25 43.22 -8.59
N SER E 85 11.10 42.46 -7.92
CA SER E 85 11.03 41.02 -7.89
C SER E 85 11.32 40.56 -6.47
N ILE E 86 10.61 39.53 -6.00
CA ILE E 86 10.68 39.14 -4.61
C ILE E 86 11.04 37.67 -4.49
N ILE E 87 11.90 37.35 -3.53
CA ILE E 87 12.21 35.97 -3.16
C ILE E 87 11.71 35.76 -1.74
N TYR E 88 10.80 34.80 -1.57
CA TYR E 88 10.49 34.25 -0.25
C TYR E 88 11.40 33.05 -0.03
N LEU E 89 12.35 33.17 0.87
CA LEU E 89 13.26 32.07 1.19
C LEU E 89 12.67 31.32 2.37
N GLY E 90 12.12 30.12 2.14
CA GLY E 90 11.36 29.43 3.14
C GLY E 90 11.54 27.92 3.10
N LYS E 91 10.93 27.25 4.08
CA LYS E 91 10.97 25.80 4.23
C LYS E 91 9.57 25.21 4.09
N PRO E 92 9.32 24.36 3.08
CA PRO E 92 7.96 23.89 2.83
C PRO E 92 7.58 22.71 3.70
N ASP E 93 6.33 22.72 4.16
CA ASP E 93 5.78 21.61 4.93
C ASP E 93 5.63 20.37 4.07
N GLY E 94 5.16 20.53 2.83
CA GLY E 94 5.02 19.42 1.93
C GLY E 94 5.35 19.81 0.50
N PRO E 95 4.82 19.05 -0.46
CA PRO E 95 5.03 19.40 -1.87
C PRO E 95 4.40 20.75 -2.17
N THR E 96 5.11 21.55 -2.96
CA THR E 96 4.66 22.92 -3.18
C THR E 96 3.62 23.01 -4.28
N CYS E 97 3.78 22.22 -5.35
CA CYS E 97 2.85 22.27 -6.47
C CYS E 97 1.52 21.61 -6.13
N HIS E 98 0.46 22.13 -6.76
CA HIS E 98 -0.88 21.64 -6.50
C HIS E 98 -1.13 20.22 -7.04
N THR E 99 -0.32 19.77 -8.00
CA THR E 99 -0.44 18.41 -8.52
C THR E 99 0.13 17.36 -7.58
N GLY E 100 0.94 17.77 -6.60
CA GLY E 100 1.65 16.87 -5.71
C GLY E 100 3.13 16.82 -5.98
N ALA E 101 3.58 17.48 -7.05
CA ALA E 101 5.00 17.52 -7.36
C ALA E 101 5.73 18.33 -6.31
N GLU E 102 7.00 17.98 -6.09
CA GLU E 102 7.80 18.64 -5.06
C GLU E 102 7.88 20.15 -5.31
N THR E 103 8.26 20.53 -6.53
CA THR E 103 8.21 21.91 -7.00
C THR E 103 7.28 21.98 -8.21
N CYS E 104 7.06 23.19 -8.72
CA CYS E 104 6.20 23.33 -9.88
C CYS E 104 6.94 23.13 -11.19
N TYR E 105 8.26 23.04 -11.19
CA TYR E 105 9.06 23.04 -12.41
C TYR E 105 9.49 21.62 -12.76
N TYR E 106 8.76 20.98 -13.70
CA TYR E 106 9.10 19.64 -14.12
C TYR E 106 8.74 19.40 -15.59
N THR E 107 8.72 20.45 -16.40
CA THR E 107 8.47 20.33 -17.83
C THR E 107 9.74 20.79 -18.54
N PRO E 108 10.69 19.88 -18.77
CA PRO E 108 11.93 20.27 -19.44
C PRO E 108 11.71 20.49 -20.92
N VAL E 109 12.38 21.52 -21.45
CA VAL E 109 12.19 21.90 -22.85
C VAL E 109 13.12 21.17 -23.81
N PHE E 110 14.26 20.65 -23.34
CA PHE E 110 15.18 19.99 -24.27
C PHE E 110 14.64 18.66 -24.79
N ASP E 111 13.79 17.98 -24.02
CA ASP E 111 13.14 16.75 -24.51
C ASP E 111 12.01 17.07 -25.48
N ASN E 121 9.53 13.71 -18.18
CA ASN E 121 9.23 14.76 -17.21
C ASN E 121 9.99 14.59 -15.89
N LYS E 122 11.07 15.33 -15.76
CA LYS E 122 11.90 15.32 -14.58
C LYS E 122 11.90 16.71 -13.93
N LEU E 123 12.02 16.72 -12.61
CA LEU E 123 12.12 17.96 -11.87
C LEU E 123 13.37 18.72 -12.29
N ALA E 124 13.34 20.04 -12.11
CA ALA E 124 14.54 20.84 -12.27
C ALA E 124 15.41 20.67 -11.03
N LEU E 125 16.62 20.13 -11.23
CA LEU E 125 17.56 19.89 -10.14
C LEU E 125 18.89 20.55 -10.45
N THR E 126 19.51 21.13 -9.42
CA THR E 126 20.88 21.60 -9.55
C THR E 126 21.84 20.43 -9.33
N SER E 127 23.15 20.71 -9.50
CA SER E 127 24.14 19.65 -9.67
C SER E 127 24.16 18.69 -8.49
N LEU E 128 24.11 19.21 -7.26
CA LEU E 128 24.19 18.34 -6.09
C LEU E 128 22.96 17.43 -5.97
N TYR E 129 21.77 17.95 -6.25
CA TYR E 129 20.55 17.17 -6.10
C TYR E 129 20.22 16.33 -7.32
N ALA E 130 20.79 16.67 -8.49
CA ALA E 130 20.72 15.79 -9.64
C ALA E 130 21.56 14.54 -9.43
N LEU E 131 22.76 14.70 -8.85
CA LEU E 131 23.58 13.55 -8.50
C LEU E 131 22.87 12.66 -7.47
N GLU E 132 22.19 13.28 -6.49
CA GLU E 132 21.42 12.50 -5.53
C GLU E 132 20.32 11.72 -6.23
N SER E 133 19.67 12.36 -7.22
CA SER E 133 18.62 11.69 -7.98
C SER E 133 19.21 10.58 -8.86
N THR E 134 20.38 10.85 -9.45
CA THR E 134 21.06 9.82 -10.24
C THR E 134 21.39 8.63 -9.37
N ILE E 135 21.99 8.87 -8.21
CA ILE E 135 22.28 7.80 -7.26
C ILE E 135 21.01 7.09 -6.85
N SER E 136 19.89 7.83 -6.76
CA SER E 136 18.61 7.20 -6.44
C SER E 136 18.16 6.23 -7.54
N GLN E 137 18.35 6.60 -8.80
CA GLN E 137 17.93 5.73 -9.89
C GLN E 137 18.77 4.45 -9.93
N ARG E 138 20.09 4.57 -9.68
CA ARG E 138 20.94 3.38 -9.64
C ARG E 138 20.57 2.48 -8.47
N LYS E 139 20.19 3.08 -7.34
CA LYS E 139 19.75 2.26 -6.21
C LYS E 139 18.47 1.51 -6.56
N ALA E 140 17.60 2.14 -7.35
CA ALA E 140 16.36 1.48 -7.77
C ALA E 140 16.64 0.37 -8.78
N GLU E 141 17.57 0.60 -9.70
CA GLU E 141 17.90 -0.43 -10.68
C GLU E 141 18.70 -1.58 -10.05
N VAL E 142 19.27 -1.37 -8.87
CA VAL E 142 19.86 -2.43 -8.07
C VAL E 142 18.77 -3.38 -7.54
N SER E 150 27.73 -0.83 -13.05
CA SER E 150 28.06 0.57 -12.80
C SER E 150 28.79 0.71 -11.46
N TRP E 151 29.66 1.72 -11.34
CA TRP E 151 30.43 1.91 -10.12
C TRP E 151 29.55 2.31 -8.94
N THR E 152 28.47 3.05 -9.19
CA THR E 152 27.57 3.41 -8.11
C THR E 152 26.87 2.17 -7.55
N LYS E 153 26.38 1.30 -8.44
CA LYS E 153 25.70 0.09 -7.99
C LYS E 153 26.64 -0.85 -7.25
N ARG E 154 27.92 -0.87 -7.63
CA ARG E 154 28.88 -1.69 -6.89
C ARG E 154 29.05 -1.17 -5.48
N LEU E 155 29.03 0.16 -5.31
CA LEU E 155 29.14 0.73 -3.97
C LEU E 155 27.87 0.46 -3.18
N LEU E 156 26.71 0.56 -3.84
CA LEU E 156 25.45 0.27 -3.18
C LEU E 156 25.35 -1.19 -2.77
N LEU E 157 26.09 -2.08 -3.44
CA LEU E 157 26.03 -3.50 -3.14
C LEU E 157 27.21 -3.96 -2.30
N ASN E 158 28.06 -3.05 -1.84
CA ASN E 158 29.24 -3.43 -1.08
C ASN E 158 29.53 -2.34 -0.05
N ASP E 159 29.08 -2.57 1.18
CA ASP E 159 29.35 -1.63 2.27
C ASP E 159 30.85 -1.52 2.53
N LYS E 160 31.55 -2.65 2.48
CA LYS E 160 32.97 -2.66 2.80
C LYS E 160 33.75 -1.79 1.82
N LEU E 161 33.43 -1.91 0.54
CA LEU E 161 34.09 -1.12 -0.50
C LEU E 161 33.72 0.35 -0.36
N LEU E 162 32.42 0.63 -0.19
CA LEU E 162 31.94 2.01 -0.07
C LEU E 162 32.54 2.70 1.15
N CYS E 163 32.53 2.01 2.29
CA CYS E 163 33.05 2.62 3.52
C CYS E 163 34.56 2.81 3.44
N SER E 164 35.28 1.83 2.90
CA SER E 164 36.72 2.04 2.71
C SER E 164 36.96 3.17 1.72
N LYS E 165 36.13 3.28 0.69
CA LYS E 165 36.32 4.33 -0.30
C LYS E 165 36.04 5.70 0.32
N ILE E 166 35.06 5.77 1.22
CA ILE E 166 34.79 7.03 1.93
C ILE E 166 35.98 7.41 2.80
N ARG E 167 36.52 6.44 3.56
CA ARG E 167 37.68 6.72 4.39
C ARG E 167 38.89 7.06 3.52
N GLU E 168 39.05 6.33 2.42
CA GLU E 168 40.17 6.56 1.51
C GLU E 168 40.11 7.96 0.91
N GLU E 169 38.92 8.38 0.44
CA GLU E 169 38.81 9.69 -0.20
C GLU E 169 38.94 10.83 0.80
N ALA E 170 38.40 10.65 2.01
CA ALA E 170 38.56 11.69 3.02
C ALA E 170 40.03 11.91 3.33
N ASN E 171 40.82 10.85 3.34
CA ASN E 171 42.26 10.99 3.53
C ASN E 171 42.89 11.84 2.43
N GLU E 172 42.55 11.56 1.16
CA GLU E 172 43.16 12.31 0.06
C GLU E 172 42.78 13.78 0.12
N LEU E 173 41.56 14.12 0.56
CA LEU E 173 41.19 15.52 0.73
C LEU E 173 42.14 16.22 1.70
N CYS E 174 42.42 15.59 2.83
CA CYS E 174 43.32 16.19 3.81
C CYS E 174 44.73 16.34 3.24
N GLU E 175 45.19 15.37 2.46
CA GLU E 175 46.54 15.44 1.91
C GLU E 175 46.71 16.64 0.99
N THR E 176 45.62 17.13 0.39
CA THR E 176 45.70 18.33 -0.44
C THR E 176 46.06 19.56 0.38
N LEU E 177 45.62 19.60 1.64
CA LEU E 177 46.05 20.66 2.55
C LEU E 177 47.42 20.35 3.13
N GLU E 178 47.59 19.12 3.63
CA GLU E 178 48.83 18.76 4.33
C GLU E 178 50.05 18.87 3.43
N ASN E 179 49.94 18.41 2.19
CA ASN E 179 51.06 18.45 1.26
C ASN E 179 51.01 19.66 0.34
N ASN E 180 50.19 20.66 0.69
CA ASN E 180 50.14 21.92 -0.03
C ASN E 180 49.89 21.71 -1.52
N GLU E 181 48.88 20.90 -1.83
CA GLU E 181 48.54 20.67 -3.22
C GLU E 181 47.74 21.85 -3.75
N ASP E 182 47.66 21.93 -5.07
CA ASP E 182 46.93 23.01 -5.75
C ASP E 182 45.46 22.95 -5.37
N LYS E 183 44.80 24.11 -5.44
CA LYS E 183 43.39 24.17 -5.08
C LYS E 183 42.55 23.23 -5.94
N SER E 184 42.89 23.11 -7.23
CA SER E 184 42.12 22.20 -8.08
C SER E 184 42.21 20.77 -7.56
N ARG E 185 43.34 20.41 -6.93
CA ARG E 185 43.42 19.10 -6.29
C ARG E 185 42.51 19.02 -5.06
N THR E 186 42.47 20.08 -4.25
CA THR E 186 41.54 20.11 -3.11
C THR E 186 40.09 20.03 -3.57
N ALA E 187 39.75 20.77 -4.63
CA ALA E 187 38.38 20.70 -5.15
C ALA E 187 38.08 19.32 -5.74
N SER E 188 39.03 18.75 -6.49
CA SER E 188 38.80 17.45 -7.09
C SER E 188 38.61 16.38 -6.03
N GLU E 189 39.40 16.43 -4.96
CA GLU E 189 39.24 15.44 -3.89
C GLU E 189 38.00 15.69 -3.04
N MET E 190 37.58 16.94 -2.88
CA MET E 190 36.32 17.19 -2.17
C MET E 190 35.12 16.62 -2.94
N ALA E 191 35.13 16.73 -4.27
CA ALA E 191 34.09 16.11 -5.07
C ALA E 191 34.07 14.60 -4.88
N ASP E 192 35.25 13.98 -4.79
CA ASP E 192 35.34 12.55 -4.51
C ASP E 192 34.70 12.20 -3.18
N VAL E 193 34.92 13.04 -2.17
CA VAL E 193 34.32 12.82 -0.86
C VAL E 193 32.81 12.94 -0.94
N LEU E 194 32.33 13.97 -1.65
CA LEU E 194 30.89 14.23 -1.73
C LEU E 194 30.14 13.06 -2.36
N TYR E 195 30.65 12.55 -3.49
CA TYR E 195 29.94 11.47 -4.19
C TYR E 195 29.85 10.22 -3.34
N HIS E 196 30.97 9.77 -2.78
CA HIS E 196 30.96 8.53 -2.01
C HIS E 196 30.16 8.65 -0.71
N ALA E 197 30.15 9.83 -0.07
CA ALA E 197 29.29 9.97 1.10
C ALA E 197 27.83 9.89 0.70
N MET E 198 27.47 10.45 -0.45
CA MET E 198 26.08 10.45 -0.86
C MET E 198 25.59 9.06 -1.22
N VAL E 199 26.48 8.15 -1.63
CA VAL E 199 26.07 6.77 -1.78
C VAL E 199 25.75 6.17 -0.42
N LEU E 200 26.56 6.50 0.60
CA LEU E 200 26.21 6.08 1.95
C LEU E 200 24.92 6.75 2.41
N LEU E 201 24.75 8.03 2.09
CA LEU E 201 23.49 8.69 2.41
C LEU E 201 22.32 7.97 1.74
N ALA E 202 22.50 7.54 0.50
CA ALA E 202 21.44 6.83 -0.19
C ALA E 202 21.15 5.50 0.48
N LEU E 203 22.20 4.82 0.94
CA LEU E 203 22.02 3.53 1.61
C LEU E 203 21.28 3.69 2.92
N LYS E 204 21.54 4.78 3.64
CA LYS E 204 20.95 5.02 4.94
C LYS E 204 19.66 5.83 4.87
N ASP E 205 19.16 6.10 3.67
CA ASP E 205 17.89 6.80 3.46
C ASP E 205 17.91 8.21 4.06
N VAL E 206 18.94 8.98 3.70
CA VAL E 206 19.10 10.35 4.17
C VAL E 206 19.22 11.26 2.94
N LYS E 207 18.34 12.26 2.86
CA LYS E 207 18.40 13.25 1.80
C LYS E 207 19.43 14.32 2.14
N VAL E 208 20.05 14.89 1.09
CA VAL E 208 21.03 15.95 1.31
C VAL E 208 20.37 17.13 2.00
N GLU E 209 19.11 17.42 1.63
CA GLU E 209 18.36 18.49 2.29
C GLU E 209 18.25 18.27 3.78
N GLU E 210 18.05 17.02 4.20
CA GLU E 210 17.96 16.71 5.61
C GLU E 210 19.26 17.06 6.33
N VAL E 211 20.38 16.83 5.66
CA VAL E 211 21.70 17.17 6.21
C VAL E 211 21.87 18.68 6.30
N LEU E 212 21.50 19.40 5.24
CA LEU E 212 21.61 20.85 5.24
C LEU E 212 20.66 21.50 6.24
N GLN E 213 19.52 20.87 6.50
CA GLN E 213 18.67 21.37 7.56
C GLN E 213 19.39 21.33 8.90
N VAL E 214 20.17 20.27 9.12
CA VAL E 214 20.96 20.12 10.35
C VAL E 214 21.96 21.25 10.48
N LEU E 215 22.68 21.56 9.39
CA LEU E 215 23.64 22.66 9.40
C LEU E 215 22.96 23.99 9.74
N ARG E 216 21.79 24.24 9.14
CA ARG E 216 21.06 25.48 9.40
C ARG E 216 20.62 25.55 10.85
N GLN E 217 20.20 24.43 11.41
CA GLN E 217 19.76 24.40 12.80
C GLN E 217 20.91 24.64 13.78
N ARG E 218 22.16 24.58 13.34
CA ARG E 218 23.31 24.85 14.21
C ARG E 218 23.79 26.30 14.13
N PHE E 219 23.03 27.19 13.49
CA PHE E 219 23.34 28.61 13.45
C PHE E 219 23.20 29.25 14.83
N ASN F 2 8.89 20.08 -35.39
CA ASN F 2 9.85 19.94 -34.30
C ASN F 2 9.14 19.87 -32.95
N ALA F 3 9.74 19.14 -32.01
CA ALA F 3 9.13 18.95 -30.69
C ALA F 3 9.35 20.15 -29.78
N VAL F 4 10.49 20.81 -29.91
CA VAL F 4 10.75 22.00 -29.09
C VAL F 4 9.84 23.15 -29.52
N ASP F 5 9.60 23.31 -30.82
CA ASP F 5 8.71 24.37 -31.29
C ASP F 5 7.28 24.14 -30.80
N SER F 6 6.79 22.91 -30.89
CA SER F 6 5.45 22.61 -30.37
C SER F 6 5.38 22.82 -28.87
N LEU F 7 6.53 22.78 -28.19
CA LEU F 7 6.58 22.96 -26.75
C LEU F 7 6.53 24.44 -26.37
N LEU F 8 7.13 25.31 -27.21
CA LEU F 8 7.00 26.74 -26.98
C LEU F 8 5.58 27.20 -27.28
N ASP F 9 4.88 26.46 -28.14
CA ASP F 9 3.49 26.78 -28.45
C ASP F 9 2.57 26.56 -27.26
N SER F 10 2.93 25.62 -26.38
CA SER F 10 2.13 25.34 -25.19
C SER F 10 2.32 26.36 -24.09
N VAL F 11 3.30 27.28 -24.22
CA VAL F 11 3.56 28.24 -23.16
C VAL F 11 2.41 29.23 -23.10
N LYS F 12 1.93 29.50 -21.89
CA LYS F 12 0.81 30.42 -21.71
C LYS F 12 1.36 31.83 -21.54
N TRP F 13 1.40 32.57 -22.65
CA TRP F 13 1.87 33.94 -22.66
C TRP F 13 0.72 34.88 -22.29
N ASP F 14 1.07 36.01 -21.70
CA ASP F 14 0.08 37.01 -21.32
C ASP F 14 -0.34 37.82 -22.54
N ASN F 15 -1.06 38.93 -22.31
CA ASN F 15 -1.55 39.74 -23.42
C ASN F 15 -0.43 40.36 -24.22
N LYS F 16 0.74 40.59 -23.61
CA LYS F 16 1.90 41.13 -24.30
C LYS F 16 2.80 40.05 -24.89
N GLY F 17 2.43 38.78 -24.78
CA GLY F 17 3.21 37.70 -25.35
C GLY F 17 4.43 37.31 -24.56
N LEU F 18 4.42 37.55 -23.24
CA LEU F 18 5.57 37.38 -22.37
C LEU F 18 5.28 36.35 -21.28
N ALA F 19 6.37 35.81 -20.71
CA ALA F 19 6.31 34.93 -19.55
C ALA F 19 7.48 35.25 -18.61
N VAL F 20 7.30 34.93 -17.33
CA VAL F 20 8.36 35.12 -16.36
C VAL F 20 9.50 34.15 -16.65
N ALA F 21 10.72 34.67 -16.70
CA ALA F 21 11.91 33.85 -16.92
C ALA F 21 12.89 34.11 -15.78
N ILE F 22 13.25 33.05 -15.06
CA ILE F 22 14.13 33.14 -13.89
C ILE F 22 15.44 32.45 -14.24
N ALA F 23 16.55 33.16 -14.07
CA ALA F 23 17.86 32.58 -14.30
C ALA F 23 18.39 32.07 -12.98
N GLN F 24 18.76 30.79 -12.95
CA GLN F 24 19.23 30.12 -11.74
C GLN F 24 20.56 29.44 -12.01
N ASN F 25 21.45 29.52 -11.02
CA ASN F 25 22.77 28.93 -11.14
C ASN F 25 22.64 27.41 -11.23
N VAL F 26 23.14 26.84 -12.33
CA VAL F 26 22.96 25.43 -12.58
C VAL F 26 23.67 24.59 -11.52
N ASP F 27 24.73 25.14 -10.92
CA ASP F 27 25.53 24.40 -9.94
C ASP F 27 25.11 24.64 -8.49
N THR F 28 24.69 25.85 -8.13
CA THR F 28 24.38 26.14 -6.72
C THR F 28 22.90 26.32 -6.44
N GLY F 29 22.11 26.74 -7.42
CA GLY F 29 20.71 27.05 -7.20
C GLY F 29 20.40 28.50 -6.87
N ALA F 30 21.41 29.35 -6.76
CA ALA F 30 21.18 30.76 -6.49
C ALA F 30 20.38 31.38 -7.62
N ILE F 31 19.35 32.15 -7.27
CA ILE F 31 18.61 32.90 -8.27
C ILE F 31 19.44 34.10 -8.68
N LEU F 32 19.87 34.11 -9.94
CA LEU F 32 20.71 35.19 -10.46
C LEU F 32 19.92 36.46 -10.73
N MET F 33 18.76 36.31 -11.38
CA MET F 33 17.96 37.43 -11.86
C MET F 33 16.61 36.92 -12.34
N GLN F 34 15.67 37.85 -12.51
CA GLN F 34 14.35 37.53 -13.06
C GLN F 34 13.96 38.59 -14.07
N GLY F 35 13.65 38.17 -15.28
CA GLY F 35 13.19 39.03 -16.34
C GLY F 35 11.95 38.43 -16.99
N PHE F 36 11.77 38.77 -18.27
CA PHE F 36 10.67 38.27 -19.06
C PHE F 36 11.17 37.84 -20.44
N ALA F 37 10.49 36.85 -21.00
CA ALA F 37 10.85 36.32 -22.30
C ALA F 37 9.59 36.20 -23.16
N ASN F 38 9.74 36.49 -24.45
CA ASN F 38 8.71 36.15 -25.41
C ASN F 38 9.09 34.85 -26.10
N ARG F 39 8.27 34.47 -27.09
CA ARG F 39 8.53 33.23 -27.83
C ARG F 39 9.91 33.26 -28.46
N GLU F 40 10.30 34.41 -29.03
CA GLU F 40 11.60 34.48 -29.67
C GLU F 40 12.72 34.44 -28.65
N ALA F 41 12.51 35.02 -27.47
CA ALA F 41 13.54 35.01 -26.45
C ALA F 41 13.82 33.59 -25.99
N VAL F 42 12.77 32.77 -25.82
CA VAL F 42 12.99 31.39 -25.43
C VAL F 42 13.64 30.62 -26.57
N ALA F 43 13.16 30.82 -27.79
CA ALA F 43 13.78 30.16 -28.94
C ALA F 43 15.26 30.55 -29.07
N THR F 44 15.57 31.83 -28.87
CA THR F 44 16.96 32.29 -28.99
C THR F 44 17.82 31.72 -27.87
N THR F 45 17.29 31.62 -26.65
CA THR F 45 18.04 31.04 -25.55
C THR F 45 18.45 29.60 -25.84
N ILE F 46 17.51 28.80 -26.37
CA ILE F 46 17.79 27.39 -26.63
C ILE F 46 18.90 27.26 -27.67
N SER F 47 18.75 27.94 -28.81
CA SER F 47 19.68 27.76 -29.91
C SER F 47 21.06 28.31 -29.57
N SER F 48 21.11 29.46 -28.90
CA SER F 48 22.36 30.15 -28.59
C SER F 48 22.99 29.68 -27.28
N ARG F 49 22.25 28.95 -26.46
CA ARG F 49 22.72 28.47 -25.17
C ARG F 49 23.11 29.61 -24.24
N LYS F 50 22.60 30.82 -24.48
CA LYS F 50 22.83 31.99 -23.64
C LYS F 50 21.51 32.62 -23.26
N ALA F 51 21.29 32.78 -21.96
CA ALA F 51 20.00 33.29 -21.48
C ALA F 51 19.70 34.62 -22.13
N THR F 52 18.59 34.64 -22.85
CA THR F 52 18.12 35.82 -23.58
C THR F 52 16.68 36.11 -23.16
N PHE F 53 16.40 37.39 -22.94
CA PHE F 53 15.12 37.87 -22.42
C PHE F 53 14.58 38.93 -23.37
N TYR F 54 13.39 39.44 -23.05
CA TYR F 54 12.81 40.58 -23.76
C TYR F 54 12.76 41.79 -22.83
N SER F 55 13.48 42.85 -23.19
CA SER F 55 13.47 44.08 -22.41
C SER F 55 12.20 44.85 -22.72
N ARG F 56 11.29 44.91 -21.76
CA ARG F 56 10.03 45.61 -21.97
C ARG F 56 10.25 47.11 -22.15
N SER F 57 11.13 47.70 -21.33
CA SER F 57 11.40 49.13 -21.42
C SER F 57 12.11 49.46 -22.72
N ARG F 58 13.15 48.71 -23.05
CA ARG F 58 13.87 48.96 -24.28
C ARG F 58 13.15 48.41 -25.50
N SER F 59 12.07 47.64 -25.29
CA SER F 59 11.21 47.13 -26.37
C SER F 59 12.03 46.33 -27.38
N SER F 60 12.78 45.35 -26.91
CA SER F 60 13.70 44.61 -27.77
C SER F 60 14.19 43.36 -27.07
N LEU F 61 14.71 42.44 -27.86
CA LEU F 61 15.39 41.27 -27.33
C LEU F 61 16.67 41.68 -26.62
N TRP F 62 17.03 40.92 -25.60
CA TRP F 62 18.22 41.25 -24.83
C TRP F 62 18.86 39.94 -24.38
N THR F 63 20.10 39.70 -24.82
CA THR F 63 20.87 38.55 -24.35
C THR F 63 21.79 39.03 -23.23
N LYS F 64 21.63 38.42 -22.05
CA LYS F 64 22.46 38.76 -20.89
C LYS F 64 23.94 38.58 -21.19
N GLY F 65 24.68 39.66 -21.07
CA GLY F 65 26.10 39.65 -21.35
C GLY F 65 26.47 40.26 -22.68
N GLU F 66 25.49 40.71 -23.46
CA GLU F 66 25.78 41.20 -24.82
C GLU F 66 26.75 42.38 -24.80
N THR F 67 26.76 43.15 -23.71
CA THR F 67 27.70 44.26 -23.53
C THR F 67 28.78 43.98 -22.48
N SER F 68 28.45 43.29 -21.38
CA SER F 68 29.41 43.10 -20.29
C SER F 68 30.23 41.83 -20.42
N ASN F 69 29.87 40.94 -21.34
CA ASN F 69 30.45 39.61 -21.55
C ASN F 69 30.19 38.65 -20.41
N ASN F 70 29.31 39.00 -19.47
CA ASN F 70 28.94 38.11 -18.38
C ASN F 70 27.72 37.31 -18.79
N PHE F 71 27.91 36.45 -19.79
CA PHE F 71 26.84 35.60 -20.30
C PHE F 71 26.42 34.56 -19.26
N ILE F 72 25.20 34.08 -19.40
CA ILE F 72 24.69 32.95 -18.64
C ILE F 72 24.57 31.77 -19.60
N ASN F 73 25.49 30.83 -19.51
CA ASN F 73 25.50 29.65 -20.37
C ASN F 73 24.42 28.68 -19.90
N VAL F 74 23.38 28.48 -20.72
CA VAL F 74 22.18 27.76 -20.32
C VAL F 74 22.38 26.26 -20.48
N HIS F 75 22.10 25.51 -19.41
CA HIS F 75 22.19 24.05 -19.39
C HIS F 75 20.85 23.34 -19.50
N ASP F 76 19.76 23.95 -19.02
CA ASP F 76 18.43 23.39 -19.27
C ASP F 76 17.40 24.51 -19.15
N VAL F 77 16.24 24.29 -19.75
CA VAL F 77 15.11 25.21 -19.69
C VAL F 77 13.89 24.43 -19.22
N PHE F 78 13.23 24.92 -18.18
CA PHE F 78 12.09 24.24 -17.59
C PHE F 78 10.86 25.13 -17.60
N LEU F 79 9.71 24.50 -17.80
CA LEU F 79 8.41 25.16 -17.68
C LEU F 79 7.79 24.69 -16.37
N ASP F 80 7.13 25.61 -15.67
CA ASP F 80 6.40 25.21 -14.48
C ASP F 80 5.14 24.44 -14.90
N CYS F 81 4.32 24.08 -13.92
CA CYS F 81 3.18 23.20 -14.20
C CYS F 81 2.18 23.89 -15.12
N ASP F 82 1.79 25.13 -14.78
CA ASP F 82 0.84 25.88 -15.59
C ASP F 82 1.45 26.50 -16.85
N ARG F 83 2.75 26.31 -17.09
CA ARG F 83 3.42 26.77 -18.31
C ARG F 83 3.36 28.29 -18.49
N ASP F 84 3.51 29.04 -17.40
CA ASP F 84 3.60 30.49 -17.49
C ASP F 84 4.86 31.03 -16.84
N SER F 85 5.75 30.16 -16.39
CA SER F 85 6.98 30.56 -15.73
C SER F 85 8.09 29.66 -16.23
N ILE F 86 9.26 30.25 -16.47
CA ILE F 86 10.36 29.56 -17.12
C ILE F 86 11.61 29.69 -16.25
N ILE F 87 12.39 28.63 -16.18
CA ILE F 87 13.69 28.67 -15.54
C ILE F 87 14.74 28.46 -16.61
N TYR F 88 15.64 29.41 -16.76
CA TYR F 88 16.90 29.17 -17.44
C TYR F 88 17.87 28.67 -16.38
N LEU F 89 18.27 27.42 -16.48
CA LEU F 89 19.20 26.80 -15.54
C LEU F 89 20.58 26.88 -16.18
N GLY F 90 21.45 27.76 -15.68
CA GLY F 90 22.68 28.04 -16.38
C GLY F 90 23.91 28.34 -15.53
N LYS F 91 25.05 28.50 -16.20
CA LYS F 91 26.33 28.79 -15.55
C LYS F 91 26.86 30.17 -15.95
N PRO F 92 26.96 31.12 -15.03
CA PRO F 92 27.30 32.49 -15.40
C PRO F 92 28.79 32.74 -15.54
N ASP F 93 29.15 33.54 -16.55
CA ASP F 93 30.55 33.91 -16.76
C ASP F 93 31.08 34.79 -15.63
N GLY F 94 30.30 35.77 -15.21
CA GLY F 94 30.70 36.64 -14.13
C GLY F 94 29.50 37.01 -13.30
N PRO F 95 29.57 38.13 -12.60
CA PRO F 95 28.41 38.59 -11.85
C PRO F 95 27.24 38.90 -12.78
N THR F 96 26.05 38.53 -12.33
CA THR F 96 24.85 38.66 -13.13
C THR F 96 24.23 40.04 -13.03
N CYS F 97 24.24 40.66 -11.84
CA CYS F 97 23.64 41.97 -11.68
C CYS F 97 24.47 43.03 -12.37
N HIS F 98 23.79 44.05 -12.90
CA HIS F 98 24.53 45.05 -13.65
C HIS F 98 25.39 45.91 -12.75
N THR F 99 25.10 45.95 -11.44
CA THR F 99 25.94 46.71 -10.51
C THR F 99 27.23 45.99 -10.15
N GLY F 100 27.37 44.71 -10.47
CA GLY F 100 28.54 43.90 -10.12
C GLY F 100 28.29 42.84 -9.07
N ALA F 101 27.12 42.83 -8.44
CA ALA F 101 26.76 41.82 -7.47
C ALA F 101 26.56 40.49 -8.17
N GLU F 102 26.85 39.40 -7.46
CA GLU F 102 26.74 38.07 -8.08
C GLU F 102 25.33 37.84 -8.57
N THR F 103 24.34 38.08 -7.73
CA THR F 103 22.95 38.05 -8.16
C THR F 103 22.32 39.40 -7.93
N CYS F 104 21.06 39.54 -8.39
CA CYS F 104 20.30 40.76 -8.24
C CYS F 104 19.60 40.86 -6.90
N TYR F 105 19.62 39.79 -6.13
CA TYR F 105 18.86 39.68 -4.89
C TYR F 105 19.82 39.83 -3.72
N TYR F 106 19.89 41.03 -3.15
CA TYR F 106 20.74 41.27 -1.98
C TYR F 106 20.15 42.33 -1.08
N THR F 107 18.82 42.49 -1.11
CA THR F 107 18.11 43.43 -0.25
C THR F 107 17.17 42.64 0.66
N PRO F 108 17.65 42.22 1.83
CA PRO F 108 16.78 41.46 2.76
C PRO F 108 15.77 42.36 3.44
N VAL F 109 14.54 41.88 3.55
CA VAL F 109 13.49 42.72 4.11
C VAL F 109 13.47 42.62 5.63
N PHE F 110 13.88 41.48 6.18
CA PHE F 110 13.87 41.37 7.64
C PHE F 110 15.01 42.12 8.30
N ASP F 111 16.17 42.23 7.63
CA ASP F 111 17.29 43.02 8.15
C ASP F 111 17.14 44.52 7.96
N LEU F 112 16.11 44.98 7.25
CA LEU F 112 15.94 46.41 6.96
C LEU F 112 14.66 46.97 7.56
N LEU F 113 14.05 46.29 8.52
CA LEU F 113 12.85 46.79 9.19
C LEU F 113 13.19 47.30 10.59
N ASN F 121 22.96 45.38 2.99
CA ASN F 121 22.87 44.62 1.74
C ASN F 121 23.81 43.41 1.72
N LYS F 122 23.26 42.24 2.02
CA LYS F 122 23.95 40.97 1.88
C LYS F 122 23.16 40.09 0.92
N LEU F 123 23.88 39.28 0.15
CA LEU F 123 23.24 38.39 -0.82
C LEU F 123 22.31 37.41 -0.15
N ALA F 124 21.32 36.95 -0.92
CA ALA F 124 20.47 35.86 -0.48
C ALA F 124 21.21 34.55 -0.67
N LEU F 125 21.40 33.81 0.43
CA LEU F 125 22.11 32.54 0.40
C LEU F 125 21.21 31.46 0.98
N THR F 126 21.27 30.28 0.37
CA THR F 126 20.66 29.12 0.97
C THR F 126 21.66 28.49 1.94
N SER F 127 21.20 27.47 2.67
CA SER F 127 21.88 27.05 3.91
C SER F 127 23.35 26.72 3.68
N LEU F 128 23.66 25.96 2.64
CA LEU F 128 25.03 25.51 2.43
C LEU F 128 25.94 26.70 2.16
N TYR F 129 25.44 27.70 1.42
CA TYR F 129 26.23 28.86 1.05
C TYR F 129 26.22 29.92 2.14
N ALA F 130 25.25 29.87 3.05
CA ALA F 130 25.33 30.69 4.25
C ALA F 130 26.45 30.18 5.17
N LEU F 131 26.57 28.87 5.33
CA LEU F 131 27.69 28.33 6.09
C LEU F 131 29.02 28.66 5.45
N GLU F 132 29.10 28.60 4.11
CA GLU F 132 30.34 28.99 3.45
C GLU F 132 30.68 30.45 3.73
N SER F 133 29.67 31.32 3.76
CA SER F 133 29.93 32.72 4.02
C SER F 133 30.40 32.96 5.46
N THR F 134 29.81 32.23 6.41
CA THR F 134 30.24 32.37 7.80
C THR F 134 31.69 31.94 7.99
N ILE F 135 32.05 30.77 7.47
CA ILE F 135 33.44 30.34 7.52
C ILE F 135 34.32 31.35 6.82
N SER F 136 33.80 31.95 5.74
CA SER F 136 34.53 33.00 5.04
C SER F 136 34.73 34.22 5.94
N GLN F 137 33.71 34.57 6.74
CA GLN F 137 33.87 35.70 7.64
C GLN F 137 34.87 35.39 8.75
N ARG F 138 34.81 34.18 9.33
CA ARG F 138 35.75 33.81 10.39
C ARG F 138 37.16 33.73 9.85
N LYS F 139 37.34 33.26 8.62
CA LYS F 139 38.68 33.25 8.03
C LYS F 139 39.17 34.66 7.84
N ALA F 140 38.26 35.58 7.54
CA ALA F 140 38.68 36.97 7.33
C ALA F 140 39.14 37.59 8.65
N GLU F 141 38.43 37.28 9.75
CA GLU F 141 38.80 37.81 11.05
C GLU F 141 40.05 37.16 11.61
N VAL F 142 40.45 36.02 11.07
CA VAL F 142 41.75 35.46 11.43
C VAL F 142 42.86 36.35 10.90
N VAL F 143 42.71 36.82 9.65
CA VAL F 143 43.70 37.69 9.03
C VAL F 143 43.77 39.04 9.73
N GLU F 144 42.68 39.49 10.36
CA GLU F 144 42.68 40.72 11.15
C GLU F 144 42.98 40.40 12.62
N GLU F 145 42.22 41.00 13.54
CA GLU F 145 42.13 40.52 14.91
C GLU F 145 40.82 39.75 15.04
N ASN F 146 40.89 38.58 15.68
CA ASN F 146 39.76 37.67 15.79
C ASN F 146 38.57 38.37 16.46
N GLY F 147 37.50 38.58 15.69
CA GLY F 147 36.32 39.23 16.24
C GLY F 147 35.76 38.49 17.43
N LYS F 148 35.69 37.15 17.34
CA LYS F 148 35.25 36.31 18.46
C LYS F 148 36.10 35.05 18.40
N PRO F 149 36.78 34.66 19.49
CA PRO F 149 37.42 33.34 19.50
C PRO F 149 36.39 32.24 19.36
N SER F 150 36.58 31.41 18.33
CA SER F 150 35.54 30.50 17.86
C SER F 150 36.18 29.18 17.45
N TRP F 151 35.39 28.11 17.49
CA TRP F 151 35.91 26.80 17.14
C TRP F 151 36.35 26.78 15.69
N THR F 152 35.68 27.55 14.84
CA THR F 152 36.11 27.68 13.45
C THR F 152 37.47 28.34 13.37
N LYS F 153 37.69 29.38 14.19
CA LYS F 153 39.00 30.03 14.21
C LYS F 153 40.08 29.09 14.74
N ARG F 154 39.73 28.21 15.68
CA ARG F 154 40.74 27.26 16.14
C ARG F 154 41.15 26.30 15.03
N LEU F 155 40.20 25.90 14.19
CA LEU F 155 40.50 25.00 13.08
C LEU F 155 41.32 25.67 11.98
N LEU F 156 41.03 26.94 11.69
CA LEU F 156 41.75 27.65 10.63
C LEU F 156 43.23 27.87 10.97
N LEU F 157 43.58 27.89 12.25
CA LEU F 157 44.95 28.13 12.68
C LEU F 157 45.66 26.85 13.04
N ASN F 158 45.04 25.70 12.77
CA ASN F 158 45.59 24.41 13.18
C ASN F 158 45.20 23.40 12.10
N ASP F 159 46.10 23.18 11.15
CA ASP F 159 45.83 22.21 10.10
C ASP F 159 45.72 20.79 10.64
N LYS F 160 46.67 20.38 11.51
CA LYS F 160 46.64 19.00 12.01
C LYS F 160 45.38 18.73 12.81
N LEU F 161 44.91 19.72 13.56
CA LEU F 161 43.63 19.54 14.25
C LEU F 161 42.50 19.43 13.24
N LEU F 162 42.49 20.31 12.24
CA LEU F 162 41.45 20.26 11.22
C LEU F 162 41.47 18.93 10.48
N CYS F 163 42.65 18.49 10.05
CA CYS F 163 42.72 17.25 9.28
C CYS F 163 42.38 16.02 10.13
N SER F 164 42.83 15.97 11.38
CA SER F 164 42.43 14.84 12.22
C SER F 164 40.93 14.86 12.45
N LYS F 165 40.34 16.04 12.60
CA LYS F 165 38.90 16.11 12.83
C LYS F 165 38.15 15.67 11.58
N ILE F 166 38.66 15.99 10.39
CA ILE F 166 38.05 15.52 9.16
C ILE F 166 38.13 14.00 9.08
N ARG F 167 39.31 13.45 9.39
CA ARG F 167 39.47 12.00 9.38
C ARG F 167 38.59 11.35 10.44
N GLU F 168 38.48 11.99 11.62
CA GLU F 168 37.66 11.43 12.69
C GLU F 168 36.19 11.41 12.30
N GLU F 169 35.70 12.51 11.71
CA GLU F 169 34.27 12.59 11.42
C GLU F 169 33.88 11.67 10.25
N ALA F 170 34.75 11.51 9.26
CA ALA F 170 34.48 10.56 8.19
C ALA F 170 34.35 9.15 8.73
N ASN F 171 35.17 8.83 9.74
CA ASN F 171 35.05 7.55 10.41
C ASN F 171 33.69 7.37 11.06
N GLU F 172 33.23 8.40 11.79
CA GLU F 172 31.97 8.30 12.51
C GLU F 172 30.79 8.11 11.55
N LEU F 173 30.85 8.78 10.39
CA LEU F 173 29.81 8.64 9.36
C LEU F 173 29.70 7.20 8.86
N CYS F 174 30.83 6.58 8.55
CA CYS F 174 30.81 5.19 8.09
C CYS F 174 30.31 4.25 9.18
N GLU F 175 30.68 4.54 10.43
CA GLU F 175 30.24 3.67 11.52
C GLU F 175 28.73 3.70 11.67
N THR F 176 28.08 4.80 11.27
CA THR F 176 26.62 4.81 11.30
C THR F 176 26.03 3.83 10.29
N LEU F 177 26.71 3.60 9.17
CA LEU F 177 26.27 2.53 8.26
C LEU F 177 26.74 1.17 8.77
N GLU F 178 28.03 1.08 9.13
CA GLU F 178 28.61 -0.20 9.51
C GLU F 178 27.91 -0.79 10.73
N ASN F 179 27.62 0.04 11.73
CA ASN F 179 27.03 -0.40 12.98
C ASN F 179 25.52 -0.20 13.02
N ASN F 180 24.89 0.00 11.85
CA ASN F 180 23.43 0.04 11.73
C ASN F 180 22.80 1.07 12.66
N GLU F 181 23.39 2.26 12.74
CA GLU F 181 22.80 3.31 13.56
C GLU F 181 21.72 4.07 12.82
N ASP F 182 20.91 4.81 13.58
CA ASP F 182 19.75 5.50 13.05
C ASP F 182 20.15 6.55 12.03
N LYS F 183 19.24 6.83 11.09
CA LYS F 183 19.51 7.79 10.02
C LYS F 183 19.83 9.18 10.57
N SER F 184 19.21 9.58 11.69
CA SER F 184 19.53 10.87 12.28
C SER F 184 21.00 10.94 12.67
N ARG F 185 21.57 9.80 13.07
CA ARG F 185 23.00 9.74 13.33
C ARG F 185 23.79 9.91 12.05
N THR F 186 23.35 9.26 10.97
CA THR F 186 24.00 9.47 9.66
C THR F 186 23.87 10.92 9.22
N ALA F 187 22.67 11.49 9.36
CA ALA F 187 22.49 12.88 8.99
C ALA F 187 23.36 13.77 9.84
N SER F 188 23.39 13.51 11.15
CA SER F 188 24.20 14.32 12.06
C SER F 188 25.68 14.18 11.75
N GLU F 189 26.14 12.96 11.44
CA GLU F 189 27.56 12.78 11.18
C GLU F 189 27.92 13.33 9.81
N MET F 190 27.01 13.26 8.84
CA MET F 190 27.28 13.87 7.55
C MET F 190 27.45 15.38 7.67
N ALA F 191 26.65 16.02 8.52
CA ALA F 191 26.82 17.44 8.77
C ALA F 191 28.18 17.72 9.41
N ASP F 192 28.61 16.85 10.32
CA ASP F 192 29.95 16.98 10.91
C ASP F 192 31.02 16.88 9.84
N VAL F 193 30.87 15.98 8.88
CA VAL F 193 31.86 15.86 7.81
C VAL F 193 31.86 17.11 6.94
N LEU F 194 30.68 17.58 6.55
CA LEU F 194 30.58 18.72 5.65
C LEU F 194 31.22 19.96 6.24
N TYR F 195 30.93 20.25 7.52
CA TYR F 195 31.44 21.47 8.14
C TYR F 195 32.97 21.48 8.15
N HIS F 196 33.59 20.43 8.68
CA HIS F 196 35.04 20.44 8.80
C HIS F 196 35.73 20.44 7.44
N ALA F 197 35.14 19.77 6.45
CA ALA F 197 35.72 19.83 5.11
C ALA F 197 35.61 21.25 4.54
N MET F 198 34.52 21.95 4.86
CA MET F 198 34.37 23.31 4.34
C MET F 198 35.33 24.30 5.01
N VAL F 199 35.78 24.01 6.23
CA VAL F 199 36.86 24.79 6.81
C VAL F 199 38.14 24.51 6.05
N LEU F 200 38.36 23.26 5.64
CA LEU F 200 39.49 22.95 4.80
C LEU F 200 39.35 23.65 3.46
N LEU F 201 38.13 23.69 2.91
CA LEU F 201 37.93 24.40 1.65
C LEU F 201 38.30 25.88 1.80
N ALA F 202 37.93 26.51 2.92
CA ALA F 202 38.27 27.91 3.11
C ALA F 202 39.79 28.11 3.23
N LEU F 203 40.49 27.19 3.88
CA LEU F 203 41.94 27.33 3.96
C LEU F 203 42.58 27.23 2.57
N LYS F 204 42.03 26.36 1.71
CA LYS F 204 42.60 26.16 0.39
C LYS F 204 41.94 27.04 -0.68
N ASP F 205 41.06 27.95 -0.27
CA ASP F 205 40.45 28.94 -1.16
C ASP F 205 39.66 28.28 -2.29
N VAL F 206 38.71 27.41 -1.91
CA VAL F 206 37.87 26.68 -2.83
C VAL F 206 36.41 26.97 -2.52
N LYS F 207 35.67 27.43 -3.52
CA LYS F 207 34.24 27.63 -3.33
C LYS F 207 33.50 26.30 -3.51
N VAL F 208 32.38 26.19 -2.80
CA VAL F 208 31.56 25.00 -2.92
C VAL F 208 31.08 24.84 -4.35
N GLU F 209 30.78 25.97 -5.00
CA GLU F 209 30.35 25.95 -6.40
C GLU F 209 31.38 25.27 -7.30
N GLU F 210 32.67 25.50 -7.03
CA GLU F 210 33.70 24.84 -7.81
C GLU F 210 33.67 23.33 -7.62
N VAL F 211 33.42 22.87 -6.39
CA VAL F 211 33.34 21.43 -6.13
C VAL F 211 32.16 20.83 -6.88
N LEU F 212 31.01 21.51 -6.81
CA LEU F 212 29.82 21.01 -7.51
C LEU F 212 29.98 21.07 -9.02
N GLN F 213 30.73 22.07 -9.52
CA GLN F 213 31.03 22.12 -10.94
C GLN F 213 31.82 20.89 -11.37
N VAL F 214 32.76 20.45 -10.54
CA VAL F 214 33.50 19.23 -10.83
C VAL F 214 32.55 18.04 -10.93
N LEU F 215 31.62 17.93 -9.97
CA LEU F 215 30.65 16.84 -10.00
C LEU F 215 29.82 16.87 -11.29
N ARG F 216 29.35 18.06 -11.68
CA ARG F 216 28.56 18.19 -12.90
C ARG F 216 29.36 17.78 -14.12
N GLN F 217 30.63 18.15 -14.17
CA GLN F 217 31.42 17.84 -15.34
C GLN F 217 31.67 16.35 -15.48
N ARG F 218 31.53 15.58 -14.40
CA ARG F 218 31.70 14.14 -14.49
C ARG F 218 30.36 13.39 -14.58
N PHE F 219 29.24 14.06 -14.88
CA PHE F 219 27.98 13.36 -15.10
C PHE F 219 28.10 12.46 -16.32
ZN ZN G . -12.35 -11.20 36.27
ZN ZN H . -18.94 -43.12 9.61
P AMP I . -4.49 -45.46 15.74
O1P AMP I . -3.68 -46.01 16.88
O2P AMP I . -3.70 -44.77 14.66
O3P AMP I . -5.44 -46.52 15.16
O5' AMP I . -5.46 -44.35 16.36
C5' AMP I . -4.95 -43.18 17.01
C4' AMP I . -6.07 -42.19 17.28
O4' AMP I . -6.75 -41.91 16.04
C3' AMP I . -7.17 -42.68 18.20
O3' AMP I . -6.83 -42.57 19.58
C2' AMP I . -8.37 -41.84 17.79
O2' AMP I . -8.34 -40.56 18.39
C1' AMP I . -8.12 -41.66 16.29
N9 AMP I . -8.90 -42.62 15.49
C8 AMP I . -8.47 -43.84 15.03
N7 AMP I . -9.37 -44.48 14.33
C5 AMP I . -10.46 -43.63 14.34
C6 AMP I . -11.74 -43.73 13.76
N6 AMP I . -12.14 -44.79 13.06
N1 AMP I . -12.60 -42.70 13.96
C2 AMP I . -12.19 -41.64 14.67
N3 AMP I . -11.00 -41.43 15.25
C4 AMP I . -10.18 -42.47 15.04
P AMP J . 10.90 -10.87 21.77
O1P AMP J . 9.59 -10.14 21.98
O2P AMP J . 11.82 -10.36 20.68
O3P AMP J . 10.70 -12.38 21.69
O5' AMP J . 11.71 -10.69 23.12
C5' AMP J . 11.40 -9.66 24.05
C4' AMP J . 11.86 -10.00 25.45
O4' AMP J . 10.83 -10.78 26.11
C3' AMP J . 13.12 -10.84 25.53
O3' AMP J . 13.75 -10.59 26.78
C2' AMP J . 12.57 -12.27 25.52
O2' AMP J . 13.42 -13.25 26.06
C1' AMP J . 11.26 -12.12 26.31
N9 AMP J . 10.17 -12.96 25.81
C8 AMP J . 10.01 -13.39 24.52
N7 AMP J . 8.92 -14.10 24.34
C5 AMP J . 8.32 -14.14 25.58
C6 AMP J . 7.13 -14.74 26.05
N6 AMP J . 6.31 -15.44 25.26
N1 AMP J . 6.82 -14.59 27.35
C2 AMP J . 7.64 -13.88 28.13
N3 AMP J . 8.79 -13.28 27.81
C4 AMP J . 9.08 -13.44 26.51
ZN ZN K . 7.77 -18.92 27.33
MG MG L . -25.49 -45.54 7.95
ZN ZN M . -18.10 -13.91 34.88
ZN ZN N . 4.94 -17.11 32.82
ZN ZN O . -14.26 -26.82 -3.35
P AMP P . -23.58 -16.15 3.32
O1P AMP P . -23.86 -14.74 3.81
O2P AMP P . -24.52 -17.16 3.92
O3P AMP P . -23.45 -16.23 1.80
O5' AMP P . -22.12 -16.46 3.89
C5' AMP P . -21.81 -16.25 5.27
C4' AMP P . -20.45 -16.77 5.64
O4' AMP P . -20.35 -18.17 5.28
C3' AMP P . -19.28 -16.13 4.93
O3' AMP P . -18.90 -14.88 5.48
C2' AMP P . -18.19 -17.19 5.04
O2' AMP P . -17.54 -17.11 6.29
C1' AMP P . -19.00 -18.48 5.00
N9 AMP P . -18.89 -19.17 3.70
C8 AMP P . -19.74 -19.06 2.62
N7 AMP P . -19.38 -19.81 1.60
C5 AMP P . -18.23 -20.44 2.04
C6 AMP P . -17.38 -21.37 1.41
N6 AMP P . -17.55 -21.83 0.17
N1 AMP P . -16.31 -21.81 2.13
C2 AMP P . -16.13 -21.34 3.37
N3 AMP P . -16.88 -20.48 4.06
C4 AMP P . -17.92 -20.06 3.32
ZN ZN Q . -5.59 -16.36 -29.88
ZN ZN R . -6.54 19.91 -8.87
P AMP S . -3.30 9.32 1.88
O1P AMP S . -3.73 10.77 1.97
O2P AMP S . -4.28 8.40 2.56
O3P AMP S . -1.85 9.16 2.31
O5' AMP S . -3.29 9.02 0.32
C5' AMP S . -3.64 7.73 -0.17
C4' AMP S . -3.76 7.70 -1.68
O4' AMP S . -4.73 8.68 -2.13
C3' AMP S . -2.51 8.08 -2.44
O3' AMP S . -1.57 7.01 -2.51
C2' AMP S . -3.03 8.54 -3.78
O2' AMP S . -3.24 7.42 -4.63
C1' AMP S . -4.39 9.11 -3.42
N9 AMP S . -4.44 10.58 -3.52
C8 AMP S . -4.30 11.51 -2.52
N7 AMP S . -4.40 12.75 -2.95
C5 AMP S . -4.62 12.62 -4.32
C6 AMP S . -4.81 13.57 -5.34
N6 AMP S . -4.81 14.89 -5.13
N1 AMP S . -5.00 13.11 -6.60
C2 AMP S . -5.00 11.78 -6.80
N3 AMP S . -4.83 10.80 -5.93
C4 AMP S . -4.65 11.29 -4.69
P AMP T . -22.48 -23.00 -9.83
O1P AMP T . -23.88 -23.29 -9.36
O2P AMP T . -22.20 -23.02 -11.32
O3P AMP T . -21.91 -21.77 -9.16
O5' AMP T . -21.57 -24.16 -9.24
C5' AMP T . -21.56 -25.47 -9.77
C4' AMP T . -20.22 -26.09 -9.48
O4' AMP T . -19.28 -25.62 -10.48
C3' AMP T . -19.60 -25.65 -8.15
O3' AMP T . -20.07 -26.37 -7.03
C2' AMP T . -18.11 -25.76 -8.42
O2' AMP T . -17.69 -27.11 -8.37
C1' AMP T . -18.04 -25.30 -9.86
N9 AMP T . -17.81 -23.85 -10.01
C8 AMP T . -18.56 -22.82 -9.50
N7 AMP T . -18.09 -21.63 -9.81
C5 AMP T . -16.96 -21.90 -10.55
C6 AMP T . -16.01 -21.05 -11.17
N6 AMP T . -16.06 -19.73 -11.12
N1 AMP T . -15.00 -21.64 -11.84
C2 AMP T . -14.94 -22.98 -11.88
N3 AMP T . -15.77 -23.87 -11.35
C4 AMP T . -16.78 -23.26 -10.69
ZN ZN U . -13.01 -19.99 -8.47
ZN ZN V . -3.78 -10.70 -31.89
ZN ZN W . -8.90 -22.28 -12.99
ZN ZN X . -27.16 15.83 -11.59
P AMP Y . -26.43 11.87 -27.01
O1P AMP Y . -26.74 13.19 -26.33
O2P AMP Y . -27.60 11.24 -27.75
O3P AMP Y . -25.20 11.98 -27.89
O5' AMP Y . -26.06 10.83 -25.87
C5' AMP Y . -25.02 9.86 -26.03
C4' AMP Y . -24.68 9.15 -24.74
O4' AMP Y . -24.34 10.11 -23.71
C3' AMP Y . -25.79 8.33 -24.11
O3' AMP Y . -25.97 7.05 -24.70
C2' AMP Y . -25.40 8.26 -22.62
O2' AMP Y . -24.46 7.22 -22.41
C1' AMP Y . -24.67 9.60 -22.44
N9 AMP Y . -25.45 10.62 -21.69
C8 AMP Y . -26.23 11.62 -22.22
N7 AMP Y . -26.79 12.39 -21.31
C5 AMP Y . -26.35 11.86 -20.10
C6 AMP Y . -26.60 12.23 -18.77
N6 AMP Y . -27.37 13.26 -18.41
N1 AMP Y . -26.00 11.49 -17.80
C2 AMP Y . -25.22 10.47 -18.17
N3 AMP Y . -24.91 10.03 -19.38
C4 AMP Y . -25.52 10.78 -20.32
P AMP Z . 6.48 -9.50 -31.04
O1P AMP Z . 5.32 -8.53 -30.88
O2P AMP Z . 7.51 -8.97 -31.99
O3P AMP Z . 6.97 -9.98 -29.70
O5' AMP Z . 5.88 -10.80 -31.76
C5' AMP Z . 6.66 -11.98 -31.96
C4' AMP Z . 5.80 -13.18 -32.25
O4' AMP Z . 4.80 -13.36 -31.22
C3' AMP Z . 5.06 -13.17 -33.60
O3' AMP Z . 5.71 -13.99 -34.57
C2' AMP Z . 3.64 -13.64 -33.29
O2' AMP Z . 3.46 -15.01 -33.65
C1' AMP Z . 3.51 -13.52 -31.77
N9 AMP Z . 2.64 -12.41 -31.32
C8 AMP Z . 2.89 -11.07 -31.38
N7 AMP Z . 1.95 -10.33 -30.86
C5 AMP Z . 1.00 -11.25 -30.41
C6 AMP Z . -0.24 -11.11 -29.76
N6 AMP Z . -0.75 -9.94 -29.40
N1 AMP Z . -0.91 -12.24 -29.45
C2 AMP Z . -0.38 -13.42 -29.79
N3 AMP Z . 0.77 -13.68 -30.40
C4 AMP Z . 1.42 -12.54 -30.69
C1 GOL AA . -0.01 -2.50 -38.06
O1 GOL AA . 0.19 -1.13 -38.19
C2 GOL AA . 1.29 -3.08 -37.48
O2 GOL AA . 1.32 -4.47 -37.40
C3 GOL AA . 1.52 -2.37 -36.11
O3 GOL AA . 2.29 -3.24 -35.33
ZN ZN BA . 14.27 43.55 -11.44
ZN ZN CA . 40.02 11.16 -4.66
P AMP DA . 28.06 5.21 -13.00
O1P AMP DA . 26.79 4.73 -12.32
O2P AMP DA . 29.31 4.70 -12.31
O3P AMP DA . 28.02 5.03 -14.51
O5' AMP DA . 28.12 6.78 -12.72
C5' AMP DA . 26.94 7.55 -12.49
C4' AMP DA . 27.28 8.93 -11.98
O4' AMP DA . 28.06 8.81 -10.77
C3' AMP DA . 28.17 9.76 -12.90
O3' AMP DA . 27.47 10.39 -13.95
C2' AMP DA . 28.87 10.72 -11.94
O2' AMP DA . 28.04 11.85 -11.67
C1' AMP DA . 28.97 9.88 -10.66
N9 AMP DA . 30.32 9.32 -10.43
C8 AMP DA . 30.77 8.07 -10.82
N7 AMP DA . 32.01 7.84 -10.47
C5 AMP DA . 32.40 9.00 -9.79
C6 AMP DA . 33.61 9.37 -9.18
N6 AMP DA . 34.69 8.60 -9.12
N1 AMP DA . 33.66 10.60 -8.59
C2 AMP DA . 32.57 11.38 -8.65
N3 AMP DA . 31.38 11.13 -9.21
C4 AMP DA . 31.36 9.91 -9.76
P AMP EA . -3.32 25.14 -1.11
O1P AMP EA . -4.23 24.89 0.07
O2P AMP EA . -2.64 26.49 -1.16
O3P AMP EA . -2.34 23.99 -1.32
O5' AMP EA . -4.21 25.13 -2.42
C5' AMP EA . -5.20 26.12 -2.66
C4' AMP EA . -5.41 26.27 -4.13
O4' AMP EA . -4.43 27.20 -4.66
C3' AMP EA . -5.22 25.01 -4.95
O3' AMP EA . -6.34 24.15 -4.96
C2' AMP EA . -4.80 25.53 -6.31
O2' AMP EA . -5.92 26.05 -7.00
C1' AMP EA . -3.93 26.71 -5.90
N9 AMP EA . -2.50 26.38 -5.72
C8 AMP EA . -1.93 25.64 -4.71
N7 AMP EA . -0.63 25.54 -4.80
C5 AMP EA . -0.31 26.28 -5.92
C6 AMP EA . 0.93 26.57 -6.54
N6 AMP EA . 2.09 26.15 -6.07
N1 AMP EA . 0.91 27.35 -7.64
C2 AMP EA . -0.28 27.78 -8.09
N3 AMP EA . -1.49 27.57 -7.61
C4 AMP EA . -1.45 26.81 -6.50
ZN ZN FA . 2.32 23.80 -9.48
ZN ZN GA . 20.57 43.48 -10.83
ZN ZN HA . 2.80 29.19 -13.00
ZN ZN IA . 30.70 13.61 14.54
P AMP JA . 31.60 29.39 15.09
O1P AMP JA . 30.84 30.30 16.02
O2P AMP JA . 32.40 28.27 15.76
O3P AMP JA . 32.41 30.15 14.05
O5' AMP JA . 30.45 28.64 14.27
C5' AMP JA . 29.99 29.07 13.00
C4' AMP JA . 29.14 27.98 12.38
O4' AMP JA . 29.92 26.78 12.36
C3' AMP JA . 27.87 27.59 13.12
O3' AMP JA . 26.77 28.43 12.84
C2' AMP JA . 27.68 26.13 12.75
O2' AMP JA . 27.00 26.02 11.51
C1' AMP JA . 29.12 25.64 12.57
N9 AMP JA . 29.67 25.03 13.80
C8 AMP JA . 30.33 25.70 14.79
N7 AMP JA . 30.74 24.93 15.77
C5 AMP JA . 30.35 23.65 15.39
C6 AMP JA . 30.51 22.39 16.00
N6 AMP JA . 31.13 22.21 17.15
N1 AMP JA . 30.01 21.31 15.33
C2 AMP JA . 29.39 21.51 14.16
N3 AMP JA . 29.18 22.65 13.49
C4 AMP JA . 29.70 23.70 14.17
P AMP KA . 24.77 43.07 -20.04
O1P AMP KA . 25.23 42.60 -18.67
O2P AMP KA . 25.91 43.56 -20.90
O3P AMP KA . 23.81 42.07 -20.68
O5' AMP KA . 23.91 44.37 -19.71
C5' AMP KA . 23.38 45.20 -20.73
C4' AMP KA . 22.36 46.11 -20.10
O4' AMP KA . 21.22 45.29 -19.70
C3' AMP KA . 22.82 46.78 -18.81
O3' AMP KA . 23.51 48.00 -19.01
C2' AMP KA . 21.54 46.94 -18.03
O2' AMP KA . 20.79 48.03 -18.54
C1' AMP KA . 20.82 45.63 -18.39
N9 AMP KA . 21.12 44.51 -17.45
C8 AMP KA . 22.33 43.90 -17.24
N7 AMP KA . 22.28 42.95 -16.34
C5 AMP KA . 20.95 42.93 -15.93
C6 AMP KA . 20.26 42.15 -14.99
N6 AMP KA . 20.83 41.19 -14.26
N1 AMP KA . 18.94 42.40 -14.81
C2 AMP KA . 18.37 43.36 -15.55
N3 AMP KA . 18.92 44.16 -16.47
C4 AMP KA . 20.23 43.89 -16.61
C1 GOL LA . 34.89 19.96 19.12
O1 GOL LA . 35.03 18.57 18.98
C2 GOL LA . 33.52 20.35 18.52
O2 GOL LA . 33.41 21.71 18.21
C3 GOL LA . 33.34 19.41 17.28
O3 GOL LA . 32.47 20.07 16.42
#